data_7QUQ
#
_entry.id   7QUQ
#
_cell.length_a   1.00
_cell.length_b   1.00
_cell.length_c   1.00
_cell.angle_alpha   90.00
_cell.angle_beta   90.00
_cell.angle_gamma   90.00
#
_symmetry.space_group_name_H-M   'P 1'
#
loop_
_entity.id
_entity.type
_entity.pdbx_description
1 polymer 'Tubulin domain-containing protein'
2 polymer 'Tubulin beta'
3 non-polymer 'PHOSPHOMETHYLPHOSPHONIC ACID GUANYLATE ESTER'
#
loop_
_entity_poly.entity_id
_entity_poly.type
_entity_poly.pdbx_seq_one_letter_code
_entity_poly.pdbx_strand_id
1 'polypeptide(L)'
;MKVNNTIVVSIGQAGNQIAASFWKTVCLEHGIDPLTGQTAPGVAPRGNWSSFFSKLGESSSGSYVPRAIMVDLEPSVIDN
VKATSGSLFNPANLISRTEGAGGNFAVGYLGAGREVLPEVMSRLDYEIDKCDNVGGIIVLHAIGGGTGSGFGALLIESLK
EKYGEIPVLSCAVLPSPQVSSVVTEPYNTVFALNTLRRSADACLIFDNEALFDLAHRKWNIESPTVDDLNLLITEALAGI
TASMRFSGFLTVEISLRELLTNLVPQPSLHFLMCAFAPLTPPDGSDGEELGIEEMIKSLFDNGSVFAACSPMEGRFLSTA
VLYRGIMEDKPLADAALAAMREKLPLTYWIPTAFKIGYVEQPGISHRKSMVLLANNTEIARVLDRICHNFDKLWQRKAFA
NWYLNEGMSEEQINVLRASAQELVQSYQVAEESGAKAKVQDSAGDTGMRAAAAGVSDDARGSMSLRDLVDRRR
;
A,C,E
2 'polypeptide(L)'
;MREILSIHVGQCGNQIADSFWRLALREHGLTEAGTLKEGSNAAANSNMEVFFHKVRDGKYVPRAVLVDLEPGVIARIEGG
DMSQLFDESSIVRKIPGAANNWARGYNVEGEKVIDQIMNVIDSAVEKTKGLQGFLMTHSIGGGSGSGLGSLILERLRQAY
PKKRIFTFSVVPSPLISDSAVEPYNAILTLQRILDNADGAVLLDNEALFRIAKAKLNRSPNYMDLNNIIALIVSSVTASL
RFPGKLNTDLSEFVTNLVPFPGNHFLTASFAPMRGAGQEGQVRTNFPDLARETFAQDNFTAAIDWQQGVYLAASALFRGD
VKAKDVDENMATIRKSLNYASYMPASGGLKLGYAETAPEGFASSGLALVNHTGIAAVFERLIAQFDIMFDNHAYTHWYEN
AGVSRDMMAKARNQIATLAQSYRDAS
;
B,D,F
#
loop_
_chem_comp.id
_chem_comp.type
_chem_comp.name
_chem_comp.formula
G2P non-polymer 'PHOSPHOMETHYLPHOSPHONIC ACID GUANYLATE ESTER' 'C11 H18 N5 O13 P3'
#
# COMPACT_ATOMS: atom_id res chain seq x y z
N LYS A 2 -114.73 32.32 -5.27
CA LYS A 2 -113.65 31.41 -5.59
C LYS A 2 -113.64 31.08 -7.09
N VAL A 3 -112.44 30.92 -7.65
CA VAL A 3 -112.24 30.70 -9.07
C VAL A 3 -111.45 29.41 -9.23
N ASN A 4 -111.33 28.95 -10.48
CA ASN A 4 -110.58 27.74 -10.77
C ASN A 4 -109.11 27.91 -10.39
N ASN A 5 -108.54 26.84 -9.86
CA ASN A 5 -107.20 26.87 -9.28
C ASN A 5 -106.16 26.36 -10.26
N THR A 6 -104.90 26.66 -9.96
CA THR A 6 -103.77 26.20 -10.76
C THR A 6 -102.55 26.09 -9.87
N ILE A 7 -101.94 24.89 -9.84
CA ILE A 7 -100.73 24.63 -9.07
C ILE A 7 -99.56 24.57 -10.05
N VAL A 8 -98.54 25.37 -9.79
CA VAL A 8 -97.36 25.41 -10.65
C VAL A 8 -96.24 24.67 -9.93
N VAL A 9 -95.95 23.46 -10.40
CA VAL A 9 -94.82 22.67 -9.91
C VAL A 9 -93.63 22.91 -10.83
N SER A 10 -92.49 23.28 -10.24
CA SER A 10 -91.29 23.59 -11.01
C SER A 10 -90.20 22.56 -10.70
N ILE A 11 -89.59 22.04 -11.75
CA ILE A 11 -88.59 20.98 -11.64
C ILE A 11 -87.36 21.40 -12.42
N GLY A 12 -86.18 21.21 -11.82
CA GLY A 12 -84.94 21.54 -12.48
C GLY A 12 -84.54 22.98 -12.29
N GLN A 13 -83.32 23.28 -12.75
CA GLN A 13 -82.74 24.61 -12.56
C GLN A 13 -83.51 25.69 -13.32
N ALA A 14 -83.72 25.48 -14.62
CA ALA A 14 -84.43 26.47 -15.41
C ALA A 14 -85.85 26.63 -14.93
N GLY A 15 -86.52 25.53 -14.62
CA GLY A 15 -87.88 25.59 -14.12
C GLY A 15 -87.98 26.36 -12.82
N ASN A 16 -87.07 26.09 -11.89
CA ASN A 16 -87.13 26.75 -10.58
C ASN A 16 -86.79 28.23 -10.68
N GLN A 17 -85.79 28.60 -11.50
CA GLN A 17 -85.46 30.02 -11.62
C GLN A 17 -86.53 30.79 -12.37
N ILE A 18 -87.09 30.19 -13.44
CA ILE A 18 -88.18 30.82 -14.15
C ILE A 18 -89.41 30.96 -13.25
N ALA A 19 -89.64 29.96 -12.39
CA ALA A 19 -90.74 30.05 -11.43
C ALA A 19 -90.50 31.16 -10.41
N ALA A 20 -89.25 31.28 -9.94
CA ALA A 20 -88.92 32.36 -9.01
C ALA A 20 -89.25 33.72 -9.61
N SER A 21 -88.79 33.95 -10.84
CA SER A 21 -89.12 35.20 -11.52
C SER A 21 -90.63 35.31 -11.79
N PHE A 22 -91.28 34.17 -12.06
CA PHE A 22 -92.70 34.15 -12.40
C PHE A 22 -93.55 34.63 -11.24
N TRP A 23 -93.39 34.03 -10.06
CA TRP A 23 -94.12 34.53 -8.92
C TRP A 23 -93.59 35.88 -8.43
N LYS A 24 -92.34 36.25 -8.72
CA LYS A 24 -91.91 37.61 -8.43
C LYS A 24 -92.79 38.61 -9.17
N THR A 25 -92.92 38.44 -10.49
CA THR A 25 -93.70 39.40 -11.27
C THR A 25 -95.19 39.26 -10.98
N VAL A 26 -95.67 38.04 -10.73
CA VAL A 26 -97.09 37.88 -10.42
C VAL A 26 -97.44 38.54 -9.09
N CYS A 27 -96.58 38.38 -8.08
CA CYS A 27 -96.81 39.03 -6.79
C CYS A 27 -96.77 40.55 -6.93
N LEU A 28 -95.80 41.08 -7.67
CA LEU A 28 -95.79 42.53 -7.84
C LEU A 28 -96.87 43.02 -8.79
N GLU A 29 -97.50 42.12 -9.55
CA GLU A 29 -98.71 42.47 -10.29
C GLU A 29 -99.90 42.56 -9.34
N HIS A 30 -99.99 41.65 -8.37
CA HIS A 30 -101.05 41.70 -7.37
C HIS A 30 -100.75 42.69 -6.26
N GLY A 31 -99.60 43.33 -6.26
CA GLY A 31 -99.22 44.22 -5.17
C GLY A 31 -98.66 43.49 -3.97
N ILE A 32 -98.11 42.30 -4.16
CA ILE A 32 -97.56 41.49 -3.09
C ILE A 32 -96.04 41.52 -3.18
N ASP A 33 -95.38 41.70 -2.06
CA ASP A 33 -93.93 41.69 -2.04
C ASP A 33 -93.43 40.27 -2.27
N PRO A 34 -92.63 40.01 -3.32
CA PRO A 34 -92.20 38.62 -3.57
C PRO A 34 -91.16 38.12 -2.59
N LEU A 35 -90.26 38.98 -2.13
CA LEU A 35 -89.18 38.56 -1.25
C LEU A 35 -89.67 38.22 0.16
N THR A 36 -90.91 38.57 0.50
CA THR A 36 -91.47 38.28 1.81
C THR A 36 -92.66 37.33 1.77
N GLY A 37 -93.50 37.44 0.74
CA GLY A 37 -94.68 36.62 0.63
C GLY A 37 -95.93 37.20 1.26
N GLN A 38 -95.83 38.34 1.92
CA GLN A 38 -96.96 38.98 2.58
C GLN A 38 -97.49 40.12 1.71
N THR A 39 -98.79 40.35 1.82
CA THR A 39 -99.44 41.40 1.04
C THR A 39 -99.01 42.78 1.54
N ALA A 40 -99.13 43.77 0.66
CA ALA A 40 -98.85 45.14 1.03
C ALA A 40 -99.95 45.67 1.94
N PRO A 41 -99.61 46.30 3.07
CA PRO A 41 -100.65 46.81 3.97
C PRO A 41 -101.45 47.92 3.30
N GLY A 42 -102.77 47.86 3.45
CA GLY A 42 -103.66 48.85 2.88
C GLY A 42 -103.98 48.66 1.41
N VAL A 43 -103.44 47.62 0.77
CA VAL A 43 -103.67 47.37 -0.64
C VAL A 43 -104.20 45.95 -0.79
N ALA A 44 -105.38 45.83 -1.39
CA ALA A 44 -105.97 44.53 -1.66
C ALA A 44 -105.29 43.86 -2.85
N PRO A 45 -105.26 42.53 -2.89
CA PRO A 45 -104.71 41.84 -4.06
C PRO A 45 -105.58 42.07 -5.29
N ARG A 46 -104.95 42.53 -6.37
CA ARG A 46 -105.67 42.86 -7.60
C ARG A 46 -105.97 41.58 -8.34
N GLY A 47 -107.25 41.26 -8.49
CA GLY A 47 -107.69 40.11 -9.26
C GLY A 47 -107.97 38.91 -8.39
N ASN A 48 -108.08 37.76 -9.05
CA ASN A 48 -108.39 36.49 -8.39
C ASN A 48 -107.09 35.86 -7.93
N TRP A 49 -106.73 36.15 -6.67
CA TRP A 49 -105.49 35.60 -6.11
C TRP A 49 -105.60 34.10 -5.86
N SER A 50 -106.80 33.60 -5.53
CA SER A 50 -106.98 32.21 -5.15
C SER A 50 -106.70 31.23 -6.29
N SER A 51 -106.63 31.70 -7.53
CA SER A 51 -106.33 30.81 -8.65
C SER A 51 -104.90 30.26 -8.54
N PHE A 52 -103.95 31.11 -8.16
CA PHE A 52 -102.55 30.72 -8.08
C PHE A 52 -101.98 30.80 -6.67
N PHE A 53 -102.73 31.32 -5.71
CA PHE A 53 -102.21 31.56 -4.36
C PHE A 53 -103.17 30.97 -3.34
N SER A 54 -102.80 31.11 -2.07
CA SER A 54 -103.60 30.60 -0.98
C SER A 54 -103.32 31.41 0.28
N LYS A 55 -104.36 31.61 1.09
CA LYS A 55 -104.24 32.35 2.34
C LYS A 55 -103.84 31.36 3.43
N LEU A 56 -102.54 31.28 3.71
CA LEU A 56 -102.01 30.37 4.72
C LEU A 56 -101.92 31.11 6.05
N GLY A 57 -102.72 30.68 7.01
CA GLY A 57 -102.72 31.29 8.32
C GLY A 57 -102.17 30.37 9.41
N GLY A 62 -102.58 35.77 8.13
CA GLY A 62 -102.22 34.86 7.05
C GLY A 62 -101.33 35.50 6.00
N SER A 63 -100.88 34.69 5.05
CA SER A 63 -100.02 35.15 3.97
C SER A 63 -100.53 34.65 2.64
N TYR A 64 -100.31 35.44 1.59
CA TYR A 64 -100.72 35.08 0.24
C TYR A 64 -99.62 34.21 -0.39
N VAL A 65 -99.53 32.99 0.10
CA VAL A 65 -98.44 32.11 -0.33
C VAL A 65 -98.75 31.54 -1.70
N PRO A 66 -97.78 31.45 -2.59
CA PRO A 66 -98.00 30.74 -3.86
C PRO A 66 -98.16 29.25 -3.63
N ARG A 67 -98.97 28.63 -4.49
CA ARG A 67 -99.12 27.18 -4.49
C ARG A 67 -98.14 26.57 -5.49
N ALA A 68 -96.87 26.69 -5.14
CA ALA A 68 -95.77 26.24 -5.99
C ALA A 68 -95.02 25.11 -5.30
N ILE A 69 -94.78 24.04 -6.06
CA ILE A 69 -94.01 22.90 -5.58
C ILE A 69 -92.69 22.91 -6.33
N MET A 70 -91.59 23.04 -5.59
CA MET A 70 -90.26 23.05 -6.19
C MET A 70 -89.49 21.83 -5.72
N VAL A 71 -89.01 21.04 -6.69
CA VAL A 71 -88.16 19.90 -6.42
C VAL A 71 -86.97 19.95 -7.37
N ASP A 72 -85.79 19.69 -6.83
CA ASP A 72 -84.57 19.61 -7.62
C ASP A 72 -83.64 18.64 -6.93
N LEU A 73 -83.01 17.76 -7.70
CA LEU A 73 -82.16 16.73 -7.12
C LEU A 73 -80.81 17.27 -6.66
N GLU A 74 -80.50 18.55 -6.92
CA GLU A 74 -79.33 19.21 -6.36
C GLU A 74 -79.77 20.43 -5.54
N PRO A 75 -79.06 20.73 -4.45
CA PRO A 75 -79.56 21.77 -3.52
C PRO A 75 -79.29 23.19 -3.97
N SER A 76 -78.36 23.40 -4.92
CA SER A 76 -77.90 24.74 -5.23
C SER A 76 -79.01 25.62 -5.78
N VAL A 77 -79.82 25.06 -6.69
CA VAL A 77 -80.86 25.87 -7.34
C VAL A 77 -81.96 26.22 -6.36
N ILE A 78 -82.37 25.26 -5.53
CA ILE A 78 -83.41 25.52 -4.55
C ILE A 78 -82.92 26.56 -3.53
N ASP A 79 -81.65 26.44 -3.12
CA ASP A 79 -81.10 27.42 -2.19
C ASP A 79 -81.02 28.81 -2.81
N ASN A 80 -80.66 28.89 -4.09
CA ASN A 80 -80.63 30.18 -4.78
C ASN A 80 -82.02 30.78 -4.89
N VAL A 81 -83.02 29.95 -5.17
CA VAL A 81 -84.40 30.42 -5.23
C VAL A 81 -84.85 30.93 -3.87
N LYS A 82 -84.46 30.22 -2.80
CA LYS A 82 -84.77 30.66 -1.45
C LYS A 82 -84.12 31.99 -1.14
N ALA A 83 -82.86 32.17 -1.53
CA ALA A 83 -82.16 33.42 -1.28
C ALA A 83 -82.79 34.57 -2.04
N THR A 84 -83.18 34.35 -3.29
CA THR A 84 -83.74 35.41 -4.11
C THR A 84 -85.23 35.62 -3.87
N SER A 85 -85.90 34.74 -3.15
CA SER A 85 -87.33 34.84 -2.91
C SER A 85 -87.73 34.94 -1.45
N GLY A 86 -86.83 34.63 -0.51
CA GLY A 86 -87.19 34.74 0.90
C GLY A 86 -88.18 33.68 1.32
N SER A 87 -89.13 34.07 2.16
CA SER A 87 -90.15 33.17 2.70
C SER A 87 -91.41 33.13 1.84
N LEU A 88 -91.28 33.41 0.54
CA LEU A 88 -92.44 33.36 -0.35
C LEU A 88 -93.04 31.97 -0.41
N PHE A 89 -92.21 30.97 -0.68
CA PHE A 89 -92.67 29.59 -0.84
C PHE A 89 -92.58 28.84 0.47
N ASN A 90 -93.49 27.88 0.65
CA ASN A 90 -93.47 27.05 1.84
C ASN A 90 -92.25 26.14 1.81
N PRO A 91 -91.42 26.13 2.87
CA PRO A 91 -90.27 25.21 2.89
C PRO A 91 -90.67 23.75 2.82
N ALA A 92 -91.88 23.38 3.28
CA ALA A 92 -92.35 22.02 3.09
C ALA A 92 -92.52 21.70 1.61
N ASN A 93 -93.06 22.64 0.83
CA ASN A 93 -93.22 22.46 -0.61
C ASN A 93 -91.89 22.43 -1.35
N LEU A 94 -90.79 22.77 -0.69
CA LEU A 94 -89.46 22.78 -1.29
C LEU A 94 -88.76 21.48 -0.93
N ILE A 95 -88.51 20.64 -1.94
CA ILE A 95 -87.89 19.34 -1.75
C ILE A 95 -86.58 19.33 -2.52
N SER A 96 -85.50 18.92 -1.86
CA SER A 96 -84.19 18.90 -2.50
C SER A 96 -83.45 17.61 -2.15
N ARG A 97 -82.64 17.16 -3.10
CA ARG A 97 -81.69 16.08 -2.91
C ARG A 97 -80.28 16.64 -3.09
N THR A 98 -79.29 15.75 -3.09
CA THR A 98 -77.88 16.17 -3.12
C THR A 98 -77.17 15.79 -4.41
N GLU A 99 -77.18 14.51 -4.79
CA GLU A 99 -76.36 14.02 -5.89
C GLU A 99 -76.79 14.55 -7.25
N GLY A 100 -78.03 15.01 -7.39
CA GLY A 100 -78.52 15.50 -8.66
C GLY A 100 -78.79 14.38 -9.65
N ALA A 101 -79.30 14.78 -10.81
CA ALA A 101 -79.42 13.89 -11.96
C ALA A 101 -78.34 14.15 -13.00
N GLY A 102 -77.93 15.40 -13.17
CA GLY A 102 -76.79 15.72 -14.00
C GLY A 102 -76.97 15.44 -15.48
N GLY A 103 -78.10 15.84 -16.06
CA GLY A 103 -78.35 15.53 -17.45
C GLY A 103 -78.84 14.13 -17.70
N ASN A 104 -79.09 13.36 -16.64
CA ASN A 104 -79.55 11.98 -16.75
C ASN A 104 -81.05 11.92 -16.46
N PHE A 105 -81.84 11.62 -17.49
CA PHE A 105 -83.26 11.36 -17.33
C PHE A 105 -83.53 10.19 -16.39
N ALA A 106 -82.76 9.11 -16.53
CA ALA A 106 -83.06 7.90 -15.78
C ALA A 106 -82.89 8.08 -14.28
N VAL A 107 -82.07 9.05 -13.84
CA VAL A 107 -81.95 9.31 -12.41
C VAL A 107 -83.26 9.83 -11.85
N GLY A 108 -83.89 10.79 -12.55
CA GLY A 108 -85.19 11.28 -12.12
C GLY A 108 -86.35 10.37 -12.45
N TYR A 109 -86.14 9.41 -13.35
CA TYR A 109 -87.20 8.49 -13.74
C TYR A 109 -87.17 7.20 -12.93
N LEU A 110 -86.05 6.48 -12.97
CA LEU A 110 -85.85 5.27 -12.17
C LEU A 110 -84.56 5.42 -11.39
N GLY A 111 -84.66 5.85 -10.14
CA GLY A 111 -83.49 6.13 -9.33
C GLY A 111 -83.79 7.06 -8.19
N ALA A 112 -83.01 8.15 -8.09
CA ALA A 112 -83.30 9.17 -7.08
C ALA A 112 -84.68 9.79 -7.28
N GLY A 113 -85.16 9.85 -8.52
CA GLY A 113 -86.50 10.36 -8.77
C GLY A 113 -87.57 9.50 -8.10
N ARG A 114 -87.40 8.18 -8.14
CA ARG A 114 -88.37 7.28 -7.51
C ARG A 114 -88.45 7.51 -6.01
N GLU A 115 -87.30 7.71 -5.36
CA GLU A 115 -87.31 7.85 -3.91
C GLU A 115 -87.75 9.25 -3.49
N VAL A 116 -87.54 10.25 -4.36
CA VAL A 116 -87.98 11.60 -4.00
C VAL A 116 -89.44 11.84 -4.39
N LEU A 117 -90.01 10.98 -5.23
CA LEU A 117 -91.40 11.15 -5.67
C LEU A 117 -92.44 11.14 -4.54
N PRO A 118 -92.43 10.21 -3.56
CA PRO A 118 -93.53 10.19 -2.59
C PRO A 118 -93.67 11.46 -1.76
N GLU A 119 -92.56 12.06 -1.33
CA GLU A 119 -92.65 13.33 -0.60
C GLU A 119 -93.17 14.43 -1.49
N VAL A 120 -92.76 14.43 -2.76
CA VAL A 120 -93.21 15.44 -3.71
C VAL A 120 -94.72 15.39 -3.86
N MET A 121 -95.29 14.19 -4.06
CA MET A 121 -96.74 14.14 -4.17
C MET A 121 -97.48 14.19 -2.84
N SER A 122 -96.80 13.94 -1.71
CA SER A 122 -97.40 14.28 -0.43
C SER A 122 -97.64 15.78 -0.36
N ARG A 123 -96.63 16.58 -0.71
CA ARG A 123 -96.84 18.02 -0.77
C ARG A 123 -97.83 18.40 -1.87
N LEU A 124 -97.83 17.68 -2.99
CA LEU A 124 -98.71 18.01 -4.10
C LEU A 124 -100.18 17.80 -3.73
N ASP A 125 -100.53 16.64 -3.15
CA ASP A 125 -101.93 16.42 -2.82
C ASP A 125 -102.32 17.18 -1.56
N TYR A 126 -101.35 17.52 -0.71
CA TYR A 126 -101.61 18.51 0.33
C TYR A 126 -102.03 19.85 -0.26
N GLU A 127 -101.34 20.29 -1.31
CA GLU A 127 -101.67 21.56 -1.93
C GLU A 127 -103.01 21.48 -2.67
N ILE A 128 -103.26 20.37 -3.35
CA ILE A 128 -104.46 20.28 -4.18
C ILE A 128 -105.70 20.07 -3.31
N ASP A 129 -105.52 19.50 -2.11
CA ASP A 129 -106.64 19.43 -1.18
C ASP A 129 -107.02 20.79 -0.63
N LYS A 130 -106.10 21.76 -0.65
CA LYS A 130 -106.38 23.13 -0.26
C LYS A 130 -106.98 23.95 -1.40
N CYS A 131 -107.07 23.36 -2.60
CA CYS A 131 -107.66 24.03 -3.75
C CYS A 131 -109.18 23.90 -3.71
N ASP A 132 -109.85 24.93 -4.21
CA ASP A 132 -111.31 24.93 -4.22
C ASP A 132 -111.84 24.07 -5.36
N ASN A 133 -111.54 24.44 -6.61
CA ASN A 133 -111.87 23.65 -7.80
C ASN A 133 -110.69 23.80 -8.75
N VAL A 134 -109.73 22.90 -8.64
CA VAL A 134 -108.53 22.96 -9.46
C VAL A 134 -108.86 22.53 -10.89
N GLY A 135 -108.38 23.31 -11.85
CA GLY A 135 -108.64 23.01 -13.25
C GLY A 135 -107.38 23.03 -14.09
N GLY A 136 -106.22 22.85 -13.45
CA GLY A 136 -104.98 22.85 -14.18
C GLY A 136 -103.73 22.80 -13.32
N ILE A 137 -102.67 22.20 -13.84
CA ILE A 137 -101.37 22.14 -13.17
C ILE A 137 -100.31 22.51 -14.19
N ILE A 138 -99.50 23.52 -13.88
CA ILE A 138 -98.46 24.01 -14.77
C ILE A 138 -97.11 23.50 -14.28
N VAL A 139 -96.44 22.73 -15.13
CA VAL A 139 -95.16 22.13 -14.81
C VAL A 139 -94.09 22.97 -15.50
N LEU A 140 -93.35 23.76 -14.71
CA LEU A 140 -92.30 24.64 -15.20
C LEU A 140 -90.97 23.90 -15.14
N HIS A 141 -90.35 23.64 -16.30
CA HIS A 141 -89.11 22.89 -16.31
C HIS A 141 -88.38 23.10 -17.62
N ALA A 142 -87.15 22.61 -17.66
CA ALA A 142 -86.39 22.49 -18.90
C ALA A 142 -86.24 21.00 -19.19
N ILE A 143 -86.74 20.56 -20.35
CA ILE A 143 -86.59 19.15 -20.71
C ILE A 143 -85.21 18.86 -21.28
N GLY A 144 -84.34 19.86 -21.39
CA GLY A 144 -82.97 19.58 -21.78
C GLY A 144 -82.15 18.98 -20.65
N GLY A 145 -82.47 19.35 -19.40
CA GLY A 145 -81.73 18.84 -18.27
C GLY A 145 -82.19 17.45 -17.84
N GLY A 146 -81.46 16.92 -16.86
CA GLY A 146 -81.75 15.57 -16.38
C GLY A 146 -82.80 15.53 -15.31
N THR A 147 -82.64 16.34 -14.25
CA THR A 147 -83.65 16.38 -13.20
C THR A 147 -84.99 16.85 -13.74
N GLY A 148 -84.97 17.91 -14.54
CA GLY A 148 -86.21 18.44 -15.10
C GLY A 148 -86.95 17.41 -15.91
N SER A 149 -86.27 16.80 -16.88
CA SER A 149 -86.91 15.79 -17.73
C SER A 149 -87.39 14.59 -16.93
N GLY A 150 -86.49 14.00 -16.14
CA GLY A 150 -86.82 12.77 -15.45
C GLY A 150 -87.95 12.94 -14.45
N PHE A 151 -87.85 13.95 -13.59
CA PHE A 151 -88.91 14.10 -12.60
C PHE A 151 -90.17 14.71 -13.17
N GLY A 152 -90.10 15.54 -14.22
CA GLY A 152 -91.32 15.94 -14.89
C GLY A 152 -92.04 14.74 -15.46
N ALA A 153 -91.30 13.81 -16.05
CA ALA A 153 -91.90 12.58 -16.56
C ALA A 153 -92.56 11.79 -15.46
N LEU A 154 -91.82 11.49 -14.38
CA LEU A 154 -92.36 10.68 -13.30
C LEU A 154 -93.57 11.35 -12.66
N LEU A 155 -93.49 12.66 -12.44
CA LEU A 155 -94.54 13.39 -11.75
C LEU A 155 -95.81 13.46 -12.60
N ILE A 156 -95.70 13.83 -13.88
CA ILE A 156 -96.91 13.90 -14.70
C ILE A 156 -97.48 12.51 -14.95
N GLU A 157 -96.62 11.48 -15.06
CA GLU A 157 -97.13 10.13 -15.29
C GLU A 157 -97.92 9.63 -14.09
N SER A 158 -97.39 9.82 -12.87
CA SER A 158 -98.14 9.38 -11.71
C SER A 158 -99.37 10.24 -11.47
N LEU A 159 -99.33 11.53 -11.83
CA LEU A 159 -100.53 12.34 -11.77
C LEU A 159 -101.61 11.76 -12.68
N LYS A 160 -101.29 11.55 -13.95
CA LYS A 160 -102.30 11.09 -14.89
C LYS A 160 -102.69 9.64 -14.68
N GLU A 161 -101.92 8.86 -13.92
CA GLU A 161 -102.44 7.55 -13.58
C GLU A 161 -103.31 7.59 -12.31
N LYS A 162 -103.08 8.54 -11.41
CA LYS A 162 -103.88 8.56 -10.18
C LYS A 162 -104.97 9.62 -10.23
N TYR A 163 -104.62 10.83 -10.69
CA TYR A 163 -105.59 11.79 -11.21
C TYR A 163 -105.75 11.54 -12.72
N GLY A 164 -106.28 12.53 -13.43
CA GLY A 164 -106.52 12.42 -14.86
C GLY A 164 -107.69 13.26 -15.32
N GLU A 165 -108.44 13.81 -14.36
CA GLU A 165 -109.45 14.81 -14.67
C GLU A 165 -108.92 16.24 -14.61
N ILE A 166 -107.67 16.42 -14.20
CA ILE A 166 -107.06 17.75 -14.06
C ILE A 166 -106.20 18.00 -15.28
N PRO A 167 -106.42 19.08 -16.04
CA PRO A 167 -105.54 19.40 -17.17
C PRO A 167 -104.13 19.72 -16.71
N VAL A 168 -103.16 19.45 -17.58
CA VAL A 168 -101.76 19.71 -17.30
C VAL A 168 -101.20 20.56 -18.43
N LEU A 169 -100.75 21.77 -18.08
CA LEU A 169 -99.98 22.64 -18.98
C LEU A 169 -98.52 22.55 -18.58
N SER A 170 -97.67 22.18 -19.53
CA SER A 170 -96.24 22.19 -19.29
C SER A 170 -95.62 23.43 -19.90
N CYS A 171 -94.49 23.85 -19.33
CA CYS A 171 -93.73 25.00 -19.81
C CYS A 171 -92.27 24.56 -19.79
N ALA A 172 -91.81 24.05 -20.92
CA ALA A 172 -90.50 23.41 -21.03
C ALA A 172 -89.57 24.28 -21.84
N VAL A 173 -88.35 24.43 -21.35
CA VAL A 173 -87.30 25.19 -22.03
C VAL A 173 -86.56 24.25 -22.97
N LEU A 174 -86.61 24.54 -24.27
CA LEU A 174 -85.93 23.70 -25.25
C LEU A 174 -84.46 24.07 -25.37
N PRO A 175 -83.65 23.13 -25.85
CA PRO A 175 -82.26 23.46 -26.22
C PRO A 175 -82.22 24.54 -27.29
N SER A 176 -81.23 25.41 -27.18
CA SER A 176 -81.02 26.42 -28.20
C SER A 176 -80.28 25.82 -29.39
N PRO A 177 -80.78 26.04 -30.62
CA PRO A 177 -80.01 25.64 -31.79
C PRO A 177 -78.71 26.41 -31.96
N GLN A 178 -78.56 27.55 -31.27
CA GLN A 178 -77.30 28.27 -31.28
C GLN A 178 -76.24 27.51 -30.51
N VAL A 179 -76.59 27.00 -29.32
CA VAL A 179 -75.65 26.26 -28.49
C VAL A 179 -76.44 25.33 -27.59
N SER A 180 -75.86 24.16 -27.32
CA SER A 180 -76.37 23.23 -26.32
C SER A 180 -75.73 23.52 -24.97
N SER A 181 -76.49 23.24 -23.91
CA SER A 181 -75.99 23.41 -22.55
C SER A 181 -75.60 22.11 -21.87
N VAL A 182 -76.19 20.98 -22.27
CA VAL A 182 -75.76 19.65 -21.86
C VAL A 182 -75.73 18.81 -23.13
N VAL A 183 -74.75 17.90 -23.23
CA VAL A 183 -74.68 17.10 -24.44
C VAL A 183 -75.73 16.01 -24.44
N THR A 184 -76.36 15.71 -23.30
CA THR A 184 -77.43 14.73 -23.23
C THR A 184 -78.80 15.38 -23.28
N GLU A 185 -78.87 16.67 -23.63
CA GLU A 185 -80.16 17.31 -23.89
C GLU A 185 -81.01 16.61 -24.96
N PRO A 186 -80.47 16.10 -26.08
CA PRO A 186 -81.34 15.32 -26.98
C PRO A 186 -82.01 14.14 -26.31
N TYR A 187 -81.24 13.39 -25.50
CA TYR A 187 -81.80 12.26 -24.76
C TYR A 187 -82.91 12.71 -23.83
N ASN A 188 -82.63 13.71 -22.99
CA ASN A 188 -83.59 14.16 -21.99
C ASN A 188 -84.83 14.73 -22.63
N THR A 189 -84.64 15.53 -23.69
CA THR A 189 -85.76 16.18 -24.36
C THR A 189 -86.68 15.16 -25.01
N VAL A 190 -86.12 14.17 -25.72
CA VAL A 190 -86.97 13.16 -26.35
C VAL A 190 -87.66 12.30 -25.29
N PHE A 191 -86.93 11.94 -24.24
CA PHE A 191 -87.49 11.06 -23.22
C PHE A 191 -88.65 11.74 -22.49
N ALA A 192 -88.51 13.04 -22.18
CA ALA A 192 -89.60 13.77 -21.55
C ALA A 192 -90.67 14.19 -22.56
N LEU A 193 -90.33 14.31 -23.84
CA LEU A 193 -91.32 14.65 -24.85
C LEU A 193 -92.31 13.51 -25.02
N ASN A 194 -91.85 12.26 -24.92
CA ASN A 194 -92.77 11.13 -24.96
C ASN A 194 -93.86 11.27 -23.90
N THR A 195 -93.46 11.51 -22.65
CA THR A 195 -94.46 11.58 -21.59
C THR A 195 -95.25 12.87 -21.63
N LEU A 196 -94.68 13.95 -22.18
CA LEU A 196 -95.48 15.15 -22.40
C LEU A 196 -96.60 14.88 -23.37
N ARG A 197 -96.31 14.10 -24.42
CA ARG A 197 -97.37 13.65 -25.33
C ARG A 197 -98.36 12.74 -24.61
N ARG A 198 -97.85 11.76 -23.86
CA ARG A 198 -98.71 10.74 -23.28
C ARG A 198 -99.50 11.29 -22.09
N SER A 199 -98.85 12.08 -21.23
CA SER A 199 -99.43 12.46 -19.96
C SER A 199 -99.94 13.89 -19.92
N ALA A 200 -99.10 14.88 -20.24
CA ALA A 200 -99.50 16.28 -20.16
C ALA A 200 -100.55 16.60 -21.21
N ASP A 201 -101.62 17.28 -20.78
CA ASP A 201 -102.66 17.69 -21.71
C ASP A 201 -102.27 18.88 -22.57
N ALA A 202 -101.24 19.63 -22.18
CA ALA A 202 -100.76 20.75 -22.98
C ALA A 202 -99.32 21.03 -22.59
N CYS A 203 -98.61 21.75 -23.47
CA CYS A 203 -97.22 22.07 -23.23
C CYS A 203 -96.87 23.41 -23.88
N LEU A 204 -96.14 24.24 -23.15
CA LEU A 204 -95.64 25.52 -23.63
C LEU A 204 -94.13 25.42 -23.80
N ILE A 205 -93.61 26.02 -24.86
CA ILE A 205 -92.23 25.82 -25.31
C ILE A 205 -91.51 27.16 -25.34
N PHE A 206 -90.30 27.18 -24.77
CA PHE A 206 -89.43 28.34 -24.80
C PHE A 206 -88.10 27.96 -25.45
N ASP A 207 -87.29 28.98 -25.74
CA ASP A 207 -85.97 28.74 -26.30
C ASP A 207 -85.10 29.95 -25.97
N ASN A 208 -83.87 29.68 -25.51
CA ASN A 208 -83.09 30.73 -24.86
C ASN A 208 -82.54 31.77 -25.83
N GLU A 209 -81.96 31.35 -26.96
CA GLU A 209 -81.28 32.33 -27.80
C GLU A 209 -82.29 33.16 -28.59
N ALA A 210 -83.49 32.63 -28.80
CA ALA A 210 -84.58 33.45 -29.31
C ALA A 210 -84.87 34.61 -28.35
N LEU A 211 -84.95 34.31 -27.06
CA LEU A 211 -85.11 35.37 -26.07
C LEU A 211 -83.89 36.28 -26.03
N PHE A 212 -82.71 35.74 -26.33
CA PHE A 212 -81.51 36.57 -26.37
C PHE A 212 -81.61 37.63 -27.46
N ASP A 213 -81.96 37.21 -28.69
CA ASP A 213 -82.11 38.19 -29.76
C ASP A 213 -83.32 39.08 -29.55
N LEU A 214 -84.33 38.60 -28.81
CA LEU A 214 -85.48 39.45 -28.48
C LEU A 214 -85.16 40.48 -27.41
N ALA A 215 -84.18 40.21 -26.56
CA ALA A 215 -83.81 41.12 -25.48
C ALA A 215 -82.49 41.84 -25.72
N HIS A 216 -81.86 41.66 -26.88
CA HIS A 216 -80.60 42.32 -27.16
C HIS A 216 -80.81 43.64 -27.90
N ARG A 217 -81.40 43.58 -29.09
CA ARG A 217 -81.67 44.79 -29.87
C ARG A 217 -83.06 45.34 -29.61
N LYS A 218 -83.99 44.49 -29.18
CA LYS A 218 -85.37 44.87 -28.93
C LYS A 218 -85.66 45.09 -27.45
N TRP A 219 -84.61 45.16 -26.63
CA TRP A 219 -84.73 45.59 -25.24
C TRP A 219 -83.64 46.59 -24.87
N ASN A 220 -82.70 46.86 -25.77
CA ASN A 220 -81.61 47.82 -25.57
C ASN A 220 -80.68 47.39 -24.44
N ILE A 221 -80.20 46.15 -24.53
CA ILE A 221 -79.12 45.64 -23.71
C ILE A 221 -78.11 44.95 -24.61
N GLU A 222 -76.84 45.34 -24.50
CA GLU A 222 -75.82 44.81 -25.41
C GLU A 222 -75.61 43.31 -25.23
N SER A 223 -75.83 42.79 -24.03
CA SER A 223 -75.70 41.36 -23.78
C SER A 223 -76.57 40.99 -22.58
N PRO A 224 -77.84 40.66 -22.81
CA PRO A 224 -78.70 40.23 -21.71
C PRO A 224 -78.26 38.91 -21.12
N THR A 225 -78.51 38.75 -19.83
CA THR A 225 -78.21 37.52 -19.12
C THR A 225 -79.41 36.57 -19.20
N VAL A 226 -79.31 35.40 -18.56
CA VAL A 226 -80.47 34.52 -18.47
C VAL A 226 -81.55 35.10 -17.59
N ASP A 227 -81.21 36.07 -16.72
CA ASP A 227 -82.22 36.73 -15.91
C ASP A 227 -83.24 37.44 -16.78
N ASP A 228 -82.79 38.13 -17.83
CA ASP A 228 -83.71 38.78 -18.75
C ASP A 228 -84.49 37.77 -19.59
N LEU A 229 -83.90 36.61 -19.89
CA LEU A 229 -84.65 35.57 -20.60
C LEU A 229 -85.77 35.01 -19.74
N ASN A 230 -85.47 34.69 -18.48
CA ASN A 230 -86.52 34.26 -17.57
C ASN A 230 -87.51 35.39 -17.31
N LEU A 231 -87.08 36.64 -17.42
CA LEU A 231 -88.01 37.77 -17.32
C LEU A 231 -88.96 37.82 -18.50
N LEU A 232 -88.46 37.57 -19.71
CA LEU A 232 -89.35 37.51 -20.88
C LEU A 232 -90.33 36.35 -20.77
N ILE A 233 -89.83 35.18 -20.37
CA ILE A 233 -90.72 34.04 -20.13
C ILE A 233 -91.73 34.37 -19.04
N THR A 234 -91.30 35.12 -18.03
CA THR A 234 -92.18 35.53 -16.94
C THR A 234 -93.27 36.48 -17.42
N GLU A 235 -92.92 37.43 -18.29
CA GLU A 235 -93.94 38.30 -18.88
C GLU A 235 -94.92 37.49 -19.71
N ALA A 236 -94.41 36.52 -20.46
CA ALA A 236 -95.28 35.61 -21.22
C ALA A 236 -96.25 34.87 -20.30
N LEU A 237 -95.74 34.29 -19.22
CA LEU A 237 -96.58 33.54 -18.29
C LEU A 237 -97.56 34.44 -17.57
N ALA A 238 -97.15 35.65 -17.20
CA ALA A 238 -98.07 36.58 -16.55
C ALA A 238 -99.21 36.96 -17.49
N GLY A 239 -98.89 37.24 -18.75
CA GLY A 239 -99.94 37.53 -19.71
C GLY A 239 -100.85 36.33 -19.96
N ILE A 240 -100.28 35.13 -20.00
CA ILE A 240 -101.06 33.94 -20.26
C ILE A 240 -102.01 33.64 -19.10
N THR A 241 -101.50 33.74 -17.87
CA THR A 241 -102.28 33.40 -16.69
C THR A 241 -103.10 34.57 -16.15
N ALA A 242 -102.98 35.76 -16.75
CA ALA A 242 -103.87 36.86 -16.38
C ALA A 242 -105.32 36.53 -16.66
N SER A 243 -105.57 35.69 -17.68
CA SER A 243 -106.94 35.23 -17.94
C SER A 243 -107.47 34.39 -16.79
N MET A 244 -106.59 33.68 -16.08
CA MET A 244 -106.97 32.91 -14.91
C MET A 244 -106.91 33.73 -13.62
N ARG A 245 -106.40 34.96 -13.67
CA ARG A 245 -106.11 35.71 -12.46
C ARG A 245 -106.94 36.97 -12.28
N PHE A 246 -107.64 37.46 -13.31
CA PHE A 246 -108.37 38.71 -13.21
C PHE A 246 -109.78 38.53 -13.76
N SER A 247 -110.74 39.19 -13.10
CA SER A 247 -112.15 39.11 -13.47
C SER A 247 -112.74 40.52 -13.49
N GLY A 248 -113.93 40.64 -14.08
CA GLY A 248 -114.58 41.92 -14.22
C GLY A 248 -115.62 41.86 -15.33
N PHE A 249 -116.04 43.06 -15.75
CA PHE A 249 -117.12 43.16 -16.73
C PHE A 249 -116.62 42.96 -18.16
N LEU A 250 -115.75 43.86 -18.63
CA LEU A 250 -115.27 43.77 -20.00
C LEU A 250 -114.32 42.60 -20.20
N THR A 251 -113.50 42.29 -19.20
CA THR A 251 -112.59 41.17 -19.29
C THR A 251 -113.35 39.85 -19.23
N VAL A 252 -112.74 38.82 -19.81
CA VAL A 252 -113.31 37.48 -19.84
C VAL A 252 -112.39 36.55 -19.06
N GLU A 253 -112.99 35.72 -18.21
CA GLU A 253 -112.24 34.74 -17.44
C GLU A 253 -112.04 33.48 -18.30
N ILE A 254 -110.80 33.00 -18.36
CA ILE A 254 -110.44 31.85 -19.16
C ILE A 254 -109.69 30.88 -18.25
N SER A 255 -110.33 29.78 -17.90
CA SER A 255 -109.67 28.74 -17.13
C SER A 255 -108.63 28.03 -17.98
N LEU A 256 -107.72 27.31 -17.32
CA LEU A 256 -106.74 26.53 -18.06
C LEU A 256 -107.41 25.39 -18.82
N ARG A 257 -108.56 24.92 -18.35
CA ARG A 257 -109.32 23.94 -19.12
C ARG A 257 -109.97 24.58 -20.35
N GLU A 258 -110.52 25.78 -20.19
CA GLU A 258 -111.10 26.48 -21.34
C GLU A 258 -110.01 26.90 -22.33
N LEU A 259 -108.88 27.36 -21.82
CA LEU A 259 -107.73 27.65 -22.67
C LEU A 259 -107.24 26.39 -23.38
N LEU A 260 -107.26 25.26 -22.67
CA LEU A 260 -106.93 23.97 -23.28
C LEU A 260 -107.87 23.65 -24.42
N THR A 261 -109.18 23.80 -24.20
CA THR A 261 -110.17 23.48 -25.22
C THR A 261 -110.02 24.38 -26.44
N ASN A 262 -109.78 25.67 -26.21
CA ASN A 262 -109.61 26.59 -27.33
C ASN A 262 -108.25 26.47 -28.01
N LEU A 263 -107.28 25.82 -27.36
CA LEU A 263 -105.95 25.67 -27.96
C LEU A 263 -105.63 24.27 -28.42
N VAL A 264 -106.36 23.26 -27.98
CA VAL A 264 -106.06 21.87 -28.28
C VAL A 264 -107.26 21.27 -28.99
N PRO A 265 -107.25 21.22 -30.33
CA PRO A 265 -108.35 20.59 -31.07
C PRO A 265 -108.26 19.07 -31.08
N GLN A 266 -107.03 18.55 -31.12
CA GLN A 266 -106.77 17.12 -31.16
C GLN A 266 -105.88 16.72 -30.00
N PRO A 267 -106.03 15.51 -29.46
CA PRO A 267 -105.32 15.15 -28.22
C PRO A 267 -103.81 15.22 -28.33
N SER A 268 -103.24 15.01 -29.50
CA SER A 268 -101.79 15.06 -29.68
C SER A 268 -101.28 16.43 -30.11
N LEU A 269 -102.17 17.37 -30.42
CA LEU A 269 -101.77 18.72 -30.85
C LEU A 269 -101.90 19.68 -29.67
N HIS A 270 -100.92 19.61 -28.78
CA HIS A 270 -101.02 20.37 -27.53
C HIS A 270 -99.70 21.01 -27.11
N PHE A 271 -98.79 21.23 -28.05
CA PHE A 271 -97.57 21.99 -27.78
C PHE A 271 -97.75 23.40 -28.31
N LEU A 272 -97.43 24.39 -27.47
CA LEU A 272 -97.81 25.77 -27.72
C LEU A 272 -96.57 26.65 -27.84
N MET A 273 -96.69 27.66 -28.68
CA MET A 273 -95.74 28.75 -28.83
C MET A 273 -96.31 29.99 -28.14
N CYS A 274 -95.42 30.92 -27.78
CA CYS A 274 -95.86 32.15 -27.16
C CYS A 274 -95.02 33.33 -27.63
N ALA A 275 -95.64 34.51 -27.56
CA ALA A 275 -95.00 35.76 -27.94
C ALA A 275 -95.56 36.88 -27.06
N PHE A 276 -94.83 37.98 -26.99
CA PHE A 276 -95.23 39.12 -26.17
C PHE A 276 -95.08 40.41 -26.97
N ALA A 277 -95.96 41.37 -26.69
CA ALA A 277 -95.90 42.70 -27.26
C ALA A 277 -96.33 43.71 -26.22
N PRO A 278 -95.79 44.94 -26.25
CA PRO A 278 -94.82 45.47 -27.22
C PRO A 278 -93.36 45.11 -26.91
N LEU A 279 -92.52 45.16 -27.93
CA LEU A 279 -91.09 44.87 -27.79
C LEU A 279 -90.29 46.15 -27.55
N THR A 280 -90.70 46.90 -26.54
CA THR A 280 -90.07 48.17 -26.21
C THR A 280 -89.79 48.25 -24.71
N PRO A 281 -88.72 48.93 -24.32
CA PRO A 281 -88.48 49.14 -22.89
C PRO A 281 -89.54 50.04 -22.30
N PRO A 282 -89.86 49.87 -21.01
CA PRO A 282 -90.86 50.69 -20.32
C PRO A 282 -90.45 52.16 -20.23
N ILE A 292 -102.52 48.87 -31.01
CA ILE A 292 -102.36 49.70 -32.21
C ILE A 292 -101.68 48.87 -33.29
N GLU A 293 -101.78 49.33 -34.55
CA GLU A 293 -101.40 48.51 -35.69
C GLU A 293 -99.92 48.14 -35.69
N GLU A 294 -99.05 49.09 -35.36
CA GLU A 294 -97.63 48.74 -35.24
C GLU A 294 -97.41 47.76 -34.10
N MET A 295 -98.10 47.95 -32.97
CA MET A 295 -98.05 46.98 -31.88
C MET A 295 -98.73 45.67 -32.28
N ILE A 296 -99.77 45.75 -33.10
CA ILE A 296 -100.45 44.55 -33.60
C ILE A 296 -99.47 43.69 -34.40
N LYS A 297 -98.70 44.30 -35.29
CA LYS A 297 -97.69 43.56 -36.02
C LYS A 297 -96.48 43.21 -35.15
N SER A 298 -96.24 43.98 -34.09
CA SER A 298 -95.18 43.62 -33.14
C SER A 298 -95.49 42.31 -32.43
N LEU A 299 -96.77 42.10 -32.09
CA LEU A 299 -97.15 40.81 -31.49
C LEU A 299 -96.96 39.66 -32.45
N PHE A 300 -97.28 39.86 -33.73
CA PHE A 300 -97.26 38.81 -34.73
C PHE A 300 -96.09 38.98 -35.70
N ASP A 301 -94.92 39.37 -35.18
CA ASP A 301 -93.73 39.44 -36.00
C ASP A 301 -93.14 38.04 -36.17
N ASN A 302 -92.30 37.89 -37.21
CA ASN A 302 -91.69 36.60 -37.49
C ASN A 302 -90.72 36.18 -36.40
N GLY A 303 -90.19 37.13 -35.64
CA GLY A 303 -89.25 36.83 -34.58
C GLY A 303 -89.75 37.05 -33.17
N SER A 304 -90.96 37.57 -32.99
CA SER A 304 -91.46 37.89 -31.66
C SER A 304 -91.79 36.68 -30.81
N VAL A 305 -91.93 35.50 -31.42
CA VAL A 305 -92.23 34.29 -30.66
C VAL A 305 -91.02 33.91 -29.80
N PHE A 306 -91.30 33.26 -28.68
CA PHE A 306 -90.25 32.86 -27.74
C PHE A 306 -89.71 31.47 -28.07
N ALA A 307 -89.37 31.27 -29.34
CA ALA A 307 -88.84 30.00 -29.81
C ALA A 307 -88.03 30.27 -31.07
N ALA A 308 -86.97 29.49 -31.26
CA ALA A 308 -86.04 29.72 -32.38
C ALA A 308 -86.63 29.13 -33.65
N CYS A 309 -87.55 29.88 -34.26
CA CYS A 309 -88.17 29.48 -35.50
C CYS A 309 -88.87 30.70 -36.11
N SER A 310 -89.32 30.54 -37.35
CA SER A 310 -90.08 31.56 -38.06
C SER A 310 -91.48 31.00 -38.26
N PRO A 311 -92.43 31.36 -37.38
CA PRO A 311 -93.76 30.74 -37.42
C PRO A 311 -94.65 31.20 -38.56
N MET A 312 -94.22 32.18 -39.36
CA MET A 312 -95.07 32.73 -40.41
C MET A 312 -95.00 31.93 -41.70
N GLU A 313 -94.11 30.95 -41.81
CA GLU A 313 -94.19 29.94 -42.86
C GLU A 313 -94.77 28.63 -42.35
N GLY A 314 -95.14 28.56 -41.06
CA GLY A 314 -95.82 27.41 -40.53
C GLY A 314 -97.31 27.49 -40.76
N ARG A 315 -98.10 27.08 -39.76
CA ARG A 315 -99.55 27.14 -39.89
C ARG A 315 -100.16 27.17 -38.49
N PHE A 316 -100.66 28.33 -38.08
CA PHE A 316 -101.28 28.46 -36.76
C PHE A 316 -102.55 27.62 -36.70
N LEU A 317 -102.61 26.70 -35.74
CA LEU A 317 -103.85 25.95 -35.53
C LEU A 317 -104.89 26.83 -34.85
N SER A 318 -104.58 27.30 -33.65
CA SER A 318 -105.47 28.20 -32.92
C SER A 318 -104.63 29.11 -32.04
N THR A 319 -105.02 30.37 -31.99
CA THR A 319 -104.25 31.39 -31.26
C THR A 319 -105.12 32.01 -30.18
N ALA A 320 -104.60 32.03 -28.95
CA ALA A 320 -105.19 32.80 -27.87
C ALA A 320 -104.42 34.12 -27.79
N VAL A 321 -105.07 35.20 -28.21
CA VAL A 321 -104.49 36.53 -28.14
C VAL A 321 -105.09 37.20 -26.91
N LEU A 322 -104.30 37.35 -25.85
CA LEU A 322 -104.79 37.92 -24.60
C LEU A 322 -104.23 39.34 -24.49
N TYR A 323 -105.11 40.32 -24.72
CA TYR A 323 -104.80 41.71 -24.44
C TYR A 323 -105.01 42.01 -22.96
N ARG A 324 -104.21 42.94 -22.45
CA ARG A 324 -104.40 43.42 -21.08
C ARG A 324 -104.00 44.88 -21.01
N GLY A 325 -104.94 45.71 -20.57
CA GLY A 325 -104.73 47.14 -20.41
C GLY A 325 -105.94 47.93 -20.86
N ILE A 326 -105.72 49.22 -21.08
CA ILE A 326 -106.79 50.11 -21.49
C ILE A 326 -107.23 49.78 -22.92
N MET A 327 -108.52 50.01 -23.20
CA MET A 327 -109.11 49.67 -24.50
C MET A 327 -109.94 50.87 -24.95
N GLU A 328 -109.30 51.77 -25.71
CA GLU A 328 -109.99 52.95 -26.24
C GLU A 328 -110.49 52.77 -27.66
N ASP A 329 -110.02 51.74 -28.37
CA ASP A 329 -110.36 51.55 -29.79
C ASP A 329 -110.72 50.09 -30.05
N LYS A 330 -111.61 49.54 -29.20
CA LYS A 330 -112.00 48.14 -29.35
C LYS A 330 -112.61 47.77 -30.71
N PRO A 331 -113.47 48.60 -31.34
CA PRO A 331 -113.91 48.20 -32.69
C PRO A 331 -112.80 48.30 -33.71
N LEU A 332 -111.98 49.34 -33.61
CA LEU A 332 -110.83 49.50 -34.51
C LEU A 332 -109.82 48.36 -34.31
N ALA A 333 -109.57 47.98 -33.06
CA ALA A 333 -108.67 46.86 -32.80
C ALA A 333 -109.24 45.53 -33.26
N ASP A 334 -110.54 45.31 -33.11
CA ASP A 334 -111.15 44.10 -33.64
C ASP A 334 -111.04 44.06 -35.16
N ALA A 335 -111.21 45.21 -35.81
CA ALA A 335 -110.98 45.30 -37.25
C ALA A 335 -109.53 45.03 -37.60
N ALA A 336 -108.59 45.46 -36.75
CA ALA A 336 -107.18 45.19 -36.99
C ALA A 336 -106.88 43.69 -36.93
N LEU A 337 -107.45 43.00 -35.94
CA LEU A 337 -107.32 41.54 -35.87
C LEU A 337 -107.95 40.87 -37.09
N ALA A 338 -109.13 41.35 -37.51
CA ALA A 338 -109.77 40.78 -38.69
C ALA A 338 -108.92 40.98 -39.95
N ALA A 339 -108.30 42.16 -40.08
CA ALA A 339 -107.45 42.44 -41.22
C ALA A 339 -106.19 41.59 -41.19
N MET A 340 -105.61 41.39 -40.00
CA MET A 340 -104.38 40.61 -39.93
C MET A 340 -104.64 39.12 -40.14
N ARG A 341 -105.85 38.65 -39.82
CA ARG A 341 -106.14 37.23 -40.00
C ARG A 341 -106.05 36.81 -41.47
N GLU A 342 -106.27 37.76 -42.39
CA GLU A 342 -106.20 37.44 -43.82
C GLU A 342 -104.81 37.05 -44.26
N LYS A 343 -103.77 37.67 -43.70
CA LYS A 343 -102.39 37.44 -44.11
C LYS A 343 -101.61 36.62 -43.08
N LEU A 344 -102.30 35.74 -42.35
CA LEU A 344 -101.63 34.84 -41.42
C LEU A 344 -101.95 33.39 -41.77
N PRO A 345 -101.01 32.47 -41.56
CA PRO A 345 -101.26 31.06 -41.88
C PRO A 345 -102.13 30.40 -40.83
N LEU A 346 -103.39 30.14 -41.19
CA LEU A 346 -104.34 29.49 -40.30
C LEU A 346 -104.84 28.20 -40.93
N THR A 347 -105.16 27.24 -40.06
CA THR A 347 -105.70 25.96 -40.51
C THR A 347 -107.17 26.11 -40.87
N TYR A 348 -107.58 25.44 -41.94
CA TYR A 348 -108.96 25.59 -42.43
C TYR A 348 -109.96 24.82 -41.57
N TRP A 349 -109.51 23.80 -40.84
CA TRP A 349 -110.42 22.93 -40.13
C TRP A 349 -110.84 23.46 -38.75
N ILE A 350 -110.34 24.62 -38.34
CA ILE A 350 -110.88 25.30 -37.16
C ILE A 350 -111.05 26.79 -37.46
N PRO A 351 -112.21 27.20 -37.97
CA PRO A 351 -112.44 28.62 -38.30
C PRO A 351 -112.38 29.54 -37.09
N THR A 352 -112.80 29.02 -35.93
CA THR A 352 -112.79 29.79 -34.68
C THR A 352 -111.45 29.68 -33.96
N ALA A 353 -110.37 29.94 -34.71
CA ALA A 353 -109.01 29.74 -34.23
C ALA A 353 -108.50 30.89 -33.38
N PHE A 354 -109.26 31.98 -33.23
CA PHE A 354 -108.84 33.12 -32.44
C PHE A 354 -109.68 33.21 -31.18
N LYS A 355 -109.03 33.08 -30.02
CA LYS A 355 -109.64 33.40 -28.74
C LYS A 355 -109.11 34.75 -28.31
N ILE A 356 -109.96 35.77 -28.37
CA ILE A 356 -109.56 37.14 -28.05
C ILE A 356 -109.88 37.33 -26.56
N GLY A 357 -108.88 37.05 -25.72
CA GLY A 357 -109.05 37.24 -24.29
C GLY A 357 -108.71 38.67 -23.91
N TYR A 358 -109.44 39.21 -22.94
CA TYR A 358 -109.26 40.56 -22.46
C TYR A 358 -109.00 40.56 -20.96
N VAL A 359 -108.12 41.45 -20.52
CA VAL A 359 -107.90 41.74 -19.12
C VAL A 359 -107.83 43.26 -18.97
N GLU A 360 -108.61 43.81 -18.04
CA GLU A 360 -108.60 45.26 -17.83
C GLU A 360 -107.28 45.72 -17.25
N GLN A 361 -106.72 44.97 -16.32
CA GLN A 361 -105.47 45.36 -15.69
C GLN A 361 -104.28 44.93 -16.54
N PRO A 362 -103.41 45.86 -16.94
CA PRO A 362 -102.25 45.47 -17.74
C PRO A 362 -101.13 44.89 -16.90
N GLY A 363 -99.99 44.60 -17.54
CA GLY A 363 -98.80 44.27 -16.82
C GLY A 363 -98.18 45.49 -16.16
N ILE A 364 -97.20 45.24 -15.31
CA ILE A 364 -96.53 46.33 -14.61
C ILE A 364 -95.57 47.08 -15.52
N SER A 365 -94.91 46.37 -16.44
CA SER A 365 -93.92 47.02 -17.31
C SER A 365 -94.57 47.94 -18.33
N HIS A 366 -95.77 47.61 -18.80
CA HIS A 366 -96.39 48.35 -19.89
C HIS A 366 -97.83 48.72 -19.52
N ARG A 367 -98.25 49.90 -19.95
CA ARG A 367 -99.63 50.33 -19.74
C ARG A 367 -100.62 49.53 -20.56
N LYS A 368 -100.17 48.87 -21.62
CA LYS A 368 -101.01 47.99 -22.43
C LYS A 368 -100.11 46.96 -23.08
N SER A 369 -100.53 45.70 -23.09
CA SER A 369 -99.70 44.65 -23.64
C SER A 369 -100.58 43.54 -24.19
N MET A 370 -99.99 42.70 -25.03
CA MET A 370 -100.66 41.52 -25.54
C MET A 370 -99.72 40.32 -25.42
N VAL A 371 -100.31 39.15 -25.21
CA VAL A 371 -99.57 37.90 -25.23
C VAL A 371 -100.22 36.98 -26.26
N LEU A 372 -99.39 36.42 -27.14
CA LEU A 372 -99.80 35.41 -28.10
C LEU A 372 -99.51 34.03 -27.52
N LEU A 373 -100.52 33.16 -27.54
CA LEU A 373 -100.36 31.77 -27.12
C LEU A 373 -100.96 30.91 -28.22
N ALA A 374 -100.11 30.45 -29.14
CA ALA A 374 -100.56 29.84 -30.37
C ALA A 374 -100.25 28.35 -30.39
N ASN A 375 -100.97 27.63 -31.23
CA ASN A 375 -100.67 26.25 -31.60
C ASN A 375 -100.26 26.27 -33.08
N ASN A 376 -99.01 25.93 -33.35
CA ASN A 376 -98.47 26.01 -34.70
C ASN A 376 -97.76 24.70 -35.04
N THR A 377 -97.76 24.36 -36.33
CA THR A 377 -97.05 23.16 -36.78
C THR A 377 -95.55 23.34 -36.80
N GLU A 378 -95.07 24.59 -36.92
CA GLU A 378 -93.64 24.84 -37.04
C GLU A 378 -92.86 24.31 -35.85
N ILE A 379 -93.48 24.28 -34.67
CA ILE A 379 -92.82 23.77 -33.47
C ILE A 379 -92.32 22.35 -33.69
N ALA A 380 -93.04 21.56 -34.50
CA ALA A 380 -92.61 20.20 -34.79
C ALA A 380 -91.21 20.19 -35.40
N ARG A 381 -90.98 21.02 -36.42
CA ARG A 381 -89.65 21.04 -37.02
C ARG A 381 -88.60 21.46 -36.00
N VAL A 382 -88.99 22.34 -35.07
CA VAL A 382 -88.11 22.66 -33.95
C VAL A 382 -87.69 21.39 -33.23
N LEU A 383 -88.68 20.62 -32.76
CA LEU A 383 -88.40 19.36 -32.12
C LEU A 383 -87.66 18.43 -33.06
N ASP A 384 -87.92 18.55 -34.37
CA ASP A 384 -87.24 17.69 -35.33
C ASP A 384 -85.74 17.90 -35.28
N ARG A 385 -85.29 19.15 -35.17
CA ARG A 385 -83.84 19.35 -35.08
C ARG A 385 -83.31 18.75 -33.80
N ILE A 386 -84.07 18.84 -32.70
CA ILE A 386 -83.70 18.11 -31.49
C ILE A 386 -83.69 16.62 -31.77
N CYS A 387 -84.72 16.13 -32.47
CA CYS A 387 -84.70 14.74 -32.92
C CYS A 387 -83.51 14.47 -33.82
N HIS A 388 -83.14 15.44 -34.67
CA HIS A 388 -81.94 15.29 -35.47
C HIS A 388 -80.72 15.12 -34.59
N ASN A 389 -80.65 15.90 -33.51
CA ASN A 389 -79.57 15.71 -32.54
C ASN A 389 -79.64 14.33 -31.91
N PHE A 390 -80.85 13.82 -31.67
CA PHE A 390 -80.99 12.44 -31.20
C PHE A 390 -80.48 11.43 -32.21
N ASP A 391 -80.50 11.77 -33.50
CA ASP A 391 -79.93 10.89 -34.51
C ASP A 391 -78.41 10.82 -34.42
N LYS A 392 -77.78 11.77 -33.71
CA LYS A 392 -76.33 11.75 -33.62
C LYS A 392 -75.85 10.95 -32.41
N LEU A 393 -76.51 11.11 -31.26
CA LEU A 393 -76.08 10.41 -30.05
C LEU A 393 -76.55 8.96 -30.01
N TRP A 394 -77.44 8.55 -30.91
CA TRP A 394 -77.97 7.19 -30.92
C TRP A 394 -77.42 6.32 -32.03
N GLN A 395 -76.91 6.93 -33.11
CA GLN A 395 -76.26 6.14 -34.15
C GLN A 395 -74.94 5.54 -33.67
N ARG A 396 -74.34 6.12 -32.64
CA ARG A 396 -73.06 5.67 -32.12
C ARG A 396 -73.18 5.07 -30.73
N LYS A 397 -74.36 5.16 -30.10
CA LYS A 397 -74.58 4.69 -28.73
C LYS A 397 -73.62 5.39 -27.77
N ALA A 398 -73.81 6.70 -27.64
CA ALA A 398 -72.96 7.56 -26.84
C ALA A 398 -73.73 8.08 -25.63
N PHE A 399 -73.03 8.19 -24.50
CA PHE A 399 -73.54 8.68 -23.22
C PHE A 399 -74.72 7.85 -22.70
N ALA A 400 -75.01 6.71 -23.30
CA ALA A 400 -76.17 5.90 -22.96
C ALA A 400 -75.86 4.80 -21.96
N ASN A 401 -74.60 4.68 -21.52
CA ASN A 401 -74.27 3.64 -20.55
C ASN A 401 -74.94 3.90 -19.21
N TRP A 402 -74.97 5.16 -18.76
CA TRP A 402 -75.56 5.48 -17.47
C TRP A 402 -77.08 5.44 -17.50
N TYR A 403 -77.68 5.68 -18.67
CA TYR A 403 -79.13 5.46 -18.80
C TYR A 403 -79.47 3.99 -18.61
N LEU A 404 -78.66 3.10 -19.19
CA LEU A 404 -78.86 1.67 -18.98
C LEU A 404 -78.57 1.27 -17.53
N ASN A 405 -77.54 1.86 -16.93
CA ASN A 405 -77.17 1.50 -15.57
C ASN A 405 -78.17 1.98 -14.54
N GLU A 406 -78.81 3.13 -14.78
CA GLU A 406 -79.77 3.66 -13.82
C GLU A 406 -81.12 2.98 -13.90
N GLY A 407 -81.43 2.30 -15.01
CA GLY A 407 -82.67 1.56 -15.09
C GLY A 407 -83.35 1.51 -16.45
N MET A 408 -83.02 2.42 -17.35
CA MET A 408 -83.64 2.42 -18.67
C MET A 408 -83.01 1.36 -19.56
N SER A 409 -83.63 1.13 -20.72
CA SER A 409 -83.25 0.04 -21.61
C SER A 409 -83.08 0.52 -23.03
N GLU A 410 -82.36 -0.28 -23.83
CA GLU A 410 -82.22 -0.04 -25.26
C GLU A 410 -83.58 0.04 -25.94
N GLU A 411 -84.43 -0.96 -25.71
CA GLU A 411 -85.75 -0.98 -26.32
C GLU A 411 -86.63 0.14 -25.77
N GLN A 412 -86.48 0.47 -24.49
CA GLN A 412 -87.26 1.57 -23.93
C GLN A 412 -86.90 2.90 -24.57
N ILE A 413 -85.60 3.15 -24.78
CA ILE A 413 -85.17 4.36 -25.45
C ILE A 413 -85.66 4.38 -26.89
N ASN A 414 -85.62 3.23 -27.57
CA ASN A 414 -86.14 3.16 -28.93
C ASN A 414 -87.63 3.47 -28.97
N VAL A 415 -88.39 2.96 -28.01
CA VAL A 415 -89.82 3.23 -27.94
C VAL A 415 -90.08 4.71 -27.69
N LEU A 416 -89.30 5.32 -26.80
CA LEU A 416 -89.49 6.75 -26.51
C LEU A 416 -89.17 7.61 -27.73
N ARG A 417 -88.09 7.28 -28.45
CA ARG A 417 -87.77 8.02 -29.66
C ARG A 417 -88.84 7.82 -30.74
N ALA A 418 -89.36 6.59 -30.86
CA ALA A 418 -90.44 6.34 -31.80
C ALA A 418 -91.69 7.13 -31.44
N SER A 419 -91.96 7.29 -30.14
CA SER A 419 -93.11 8.10 -29.72
C SER A 419 -92.90 9.58 -30.05
N ALA A 420 -91.67 10.08 -29.88
CA ALA A 420 -91.38 11.45 -30.28
C ALA A 420 -91.59 11.63 -31.78
N GLN A 421 -91.12 10.67 -32.57
CA GLN A 421 -91.34 10.71 -34.01
C GLN A 421 -92.82 10.61 -34.34
N GLU A 422 -93.58 9.84 -33.55
CA GLU A 422 -95.02 9.77 -33.73
C GLU A 422 -95.68 11.11 -33.50
N LEU A 423 -95.23 11.84 -32.48
CA LEU A 423 -95.73 13.21 -32.27
C LEU A 423 -95.40 14.11 -33.46
N VAL A 424 -94.15 14.07 -33.92
CA VAL A 424 -93.74 14.95 -35.02
C VAL A 424 -94.53 14.65 -36.29
N GLN A 425 -94.74 13.37 -36.58
CA GLN A 425 -95.54 12.99 -37.73
C GLN A 425 -97.03 13.22 -37.50
N SER A 426 -97.47 13.30 -36.24
CA SER A 426 -98.86 13.65 -35.97
C SER A 426 -99.09 15.13 -36.28
N TYR A 427 -98.07 15.96 -36.08
CA TYR A 427 -98.21 17.36 -36.49
C TYR A 427 -98.35 17.50 -38.00
N GLN A 428 -97.58 16.75 -38.78
CA GLN A 428 -97.56 16.92 -40.24
C GLN A 428 -98.09 15.72 -40.99
N ARG B 2 -72.93 16.62 -2.04
CA ARG B 2 -72.24 17.89 -2.17
C ARG B 2 -71.08 18.00 -1.18
N GLU B 3 -70.18 17.02 -1.24
CA GLU B 3 -69.00 16.99 -0.39
C GLU B 3 -67.87 16.31 -1.14
N ILE B 4 -66.64 16.81 -0.95
CA ILE B 4 -65.48 16.32 -1.68
C ILE B 4 -64.43 15.87 -0.68
N LEU B 5 -63.94 14.65 -0.86
CA LEU B 5 -62.73 14.18 -0.19
C LEU B 5 -61.60 14.16 -1.20
N SER B 6 -60.55 14.95 -0.94
CA SER B 6 -59.42 15.07 -1.84
C SER B 6 -58.30 14.14 -1.38
N ILE B 7 -57.77 13.35 -2.31
CA ILE B 7 -56.70 12.41 -2.03
C ILE B 7 -55.45 12.90 -2.72
N HIS B 8 -54.35 13.02 -1.98
CA HIS B 8 -53.11 13.55 -2.52
C HIS B 8 -51.99 12.57 -2.20
N VAL B 9 -51.55 11.83 -3.20
CA VAL B 9 -50.47 10.85 -3.08
C VAL B 9 -49.33 11.28 -4.00
N GLY B 10 -48.11 11.25 -3.46
CA GLY B 10 -46.93 11.60 -4.21
C GLY B 10 -46.53 13.05 -4.03
N GLN B 11 -45.27 13.33 -4.40
CA GLN B 11 -44.73 14.68 -4.30
C GLN B 11 -45.42 15.63 -5.27
N CYS B 12 -45.60 15.20 -6.52
CA CYS B 12 -46.29 16.03 -7.50
C CYS B 12 -47.72 16.30 -7.08
N GLY B 13 -48.44 15.26 -6.65
CA GLY B 13 -49.80 15.45 -6.19
C GLY B 13 -49.89 16.35 -4.97
N ASN B 14 -48.90 16.24 -4.08
CA ASN B 14 -48.91 17.07 -2.89
C ASN B 14 -48.58 18.54 -3.19
N GLN B 15 -47.74 18.81 -4.19
CA GLN B 15 -47.51 20.19 -4.57
C GLN B 15 -48.70 20.76 -5.34
N ILE B 16 -49.36 19.91 -6.14
CA ILE B 16 -50.63 20.30 -6.75
C ILE B 16 -51.63 20.67 -5.67
N ALA B 17 -51.73 19.85 -4.62
CA ALA B 17 -52.61 20.17 -3.49
C ALA B 17 -52.20 21.46 -2.81
N ASP B 18 -50.90 21.65 -2.61
CA ASP B 18 -50.40 22.89 -2.03
C ASP B 18 -50.97 24.09 -2.76
N SER B 19 -50.67 24.21 -4.06
CA SER B 19 -51.17 25.33 -4.85
C SER B 19 -52.69 25.36 -4.88
N PHE B 20 -53.33 24.19 -4.88
CA PHE B 20 -54.78 24.10 -4.98
C PHE B 20 -55.45 24.77 -3.79
N TRP B 21 -55.02 24.44 -2.58
CA TRP B 21 -55.59 25.14 -1.43
C TRP B 21 -55.04 26.55 -1.28
N ARG B 22 -53.81 26.84 -1.73
CA ARG B 22 -53.33 28.22 -1.69
C ARG B 22 -54.25 29.16 -2.47
N LEU B 23 -54.81 28.70 -3.59
CA LEU B 23 -55.77 29.57 -4.25
C LEU B 23 -57.22 29.34 -3.84
N ALA B 24 -57.56 28.12 -3.40
CA ALA B 24 -58.94 27.84 -3.01
C ALA B 24 -59.32 28.56 -1.73
N LEU B 25 -58.36 28.78 -0.83
CA LEU B 25 -58.69 29.43 0.44
C LEU B 25 -59.07 30.89 0.24
N ARG B 26 -58.29 31.65 -0.55
CA ARG B 26 -58.68 33.05 -0.73
C ARG B 26 -59.71 33.21 -1.84
N GLU B 27 -59.93 32.16 -2.64
CA GLU B 27 -61.11 32.16 -3.50
C GLU B 27 -62.39 32.20 -2.68
N HIS B 28 -62.34 31.79 -1.42
CA HIS B 28 -63.45 31.93 -0.49
C HIS B 28 -63.10 32.91 0.62
N GLY B 29 -62.08 33.74 0.39
CA GLY B 29 -61.70 34.77 1.34
C GLY B 29 -61.03 34.30 2.61
N LEU B 30 -60.09 33.36 2.52
CA LEU B 30 -59.32 32.91 3.66
C LEU B 30 -57.84 32.85 3.30
N THR B 31 -56.98 33.00 4.31
CA THR B 31 -55.55 32.90 4.07
C THR B 31 -55.17 31.43 3.90
N GLU B 32 -53.87 31.20 3.64
CA GLU B 32 -53.39 29.83 3.47
C GLU B 32 -53.50 29.02 4.76
N ALA B 33 -53.38 29.67 5.91
CA ALA B 33 -53.48 29.00 7.20
C ALA B 33 -54.92 28.78 7.65
N GLY B 34 -55.89 29.28 6.89
CA GLY B 34 -57.29 29.10 7.25
C GLY B 34 -57.80 30.11 8.25
N THR B 35 -57.72 31.39 7.91
CA THR B 35 -58.25 32.47 8.74
C THR B 35 -59.12 33.36 7.87
N LEU B 36 -60.31 33.69 8.38
CA LEU B 36 -61.26 34.49 7.61
C LEU B 36 -60.71 35.89 7.41
N LYS B 37 -60.84 36.40 6.18
CA LYS B 37 -60.33 37.71 5.83
C LYS B 37 -61.31 38.82 6.21
N SER B 46 -72.59 30.53 -2.65
CA SER B 46 -71.18 30.48 -2.28
C SER B 46 -70.93 29.39 -1.23
N ASN B 47 -71.52 28.21 -1.45
CA ASN B 47 -71.36 27.11 -0.51
C ASN B 47 -69.97 26.49 -0.63
N MET B 48 -69.06 26.90 0.26
CA MET B 48 -67.66 26.47 0.22
C MET B 48 -67.41 25.25 1.09
N GLU B 49 -68.45 24.67 1.69
CA GLU B 49 -68.28 23.51 2.56
C GLU B 49 -68.07 22.21 1.80
N VAL B 50 -68.16 22.22 0.47
CA VAL B 50 -68.00 20.99 -0.29
C VAL B 50 -66.55 20.49 -0.21
N PHE B 51 -65.58 21.40 -0.15
CA PHE B 51 -64.18 21.04 0.01
C PHE B 51 -63.73 20.98 1.46
N PHE B 52 -64.37 21.73 2.34
CA PHE B 52 -63.85 22.00 3.68
C PHE B 52 -64.80 21.47 4.74
N HIS B 53 -64.22 20.84 5.76
CA HIS B 53 -64.96 20.40 6.94
C HIS B 53 -64.99 21.52 7.98
N LYS B 54 -66.09 21.55 8.74
CA LYS B 54 -66.31 22.56 9.75
C LYS B 54 -65.59 22.15 11.03
N VAL B 55 -64.53 22.89 11.39
CA VAL B 55 -63.76 22.63 12.60
C VAL B 55 -63.77 23.83 13.54
N ARG B 56 -63.38 25.00 13.04
CA ARG B 56 -63.35 26.22 13.81
C ARG B 56 -63.96 27.34 12.97
N ASP B 57 -64.50 28.36 13.64
CA ASP B 57 -65.23 29.41 12.93
C ASP B 57 -64.34 30.14 11.92
N GLY B 58 -63.05 30.28 12.25
CA GLY B 58 -62.11 30.80 11.27
C GLY B 58 -61.40 29.73 10.48
N LYS B 59 -61.12 28.59 11.10
CA LYS B 59 -60.37 27.50 10.45
C LYS B 59 -61.37 26.53 9.81
N TYR B 60 -61.55 26.67 8.51
CA TYR B 60 -62.38 25.75 7.73
C TYR B 60 -61.43 24.74 7.11
N VAL B 61 -61.36 23.54 7.69
CA VAL B 61 -60.22 22.67 7.44
C VAL B 61 -60.42 21.91 6.12
N PRO B 62 -59.50 22.02 5.17
CA PRO B 62 -59.60 21.17 3.98
C PRO B 62 -59.24 19.74 4.30
N ARG B 63 -60.25 18.87 4.39
CA ARG B 63 -60.00 17.47 4.75
C ARG B 63 -59.49 16.75 3.51
N ALA B 64 -58.16 16.77 3.35
CA ALA B 64 -57.49 16.13 2.24
C ALA B 64 -56.30 15.36 2.78
N VAL B 65 -56.20 14.08 2.43
CA VAL B 65 -55.14 13.24 2.95
C VAL B 65 -53.87 13.47 2.13
N LEU B 66 -52.81 13.89 2.81
CA LEU B 66 -51.50 14.06 2.18
C LEU B 66 -50.63 12.84 2.47
N VAL B 67 -51.15 11.67 2.11
CA VAL B 67 -50.42 10.42 2.33
C VAL B 67 -49.40 10.24 1.23
N ASP B 68 -48.16 9.98 1.62
CA ASP B 68 -47.05 9.92 0.67
C ASP B 68 -45.88 9.22 1.33
N LEU B 69 -45.39 8.16 0.71
CA LEU B 69 -44.13 7.56 1.14
C LEU B 69 -43.00 8.55 0.87
N GLU B 70 -41.89 8.39 1.63
CA GLU B 70 -40.77 9.33 1.70
C GLU B 70 -41.29 10.76 1.81
N PRO B 71 -41.79 11.16 2.98
CA PRO B 71 -42.62 12.37 3.07
C PRO B 71 -41.93 13.62 2.57
N GLY B 72 -40.85 14.06 3.22
CA GLY B 72 -39.94 14.99 2.60
C GLY B 72 -40.52 16.37 2.40
N VAL B 73 -41.49 16.43 1.49
CA VAL B 73 -42.15 17.67 1.09
C VAL B 73 -43.33 18.01 2.00
N ILE B 74 -43.94 17.02 2.65
CA ILE B 74 -45.06 17.27 3.55
C ILE B 74 -44.64 18.18 4.68
N ALA B 75 -43.34 18.14 5.04
CA ALA B 75 -42.82 19.07 6.05
C ALA B 75 -42.94 20.52 5.59
N ARG B 76 -42.63 20.81 4.33
CA ARG B 76 -42.78 22.18 3.84
C ARG B 76 -44.23 22.51 3.54
N ILE B 77 -45.06 21.48 3.35
CA ILE B 77 -46.51 21.70 3.30
C ILE B 77 -47.00 22.21 4.65
N GLU B 78 -46.52 21.60 5.73
CA GLU B 78 -46.83 22.04 7.09
C GLU B 78 -45.84 23.12 7.49
N GLY B 79 -45.99 24.29 6.87
CA GLY B 79 -45.12 25.42 7.13
C GLY B 79 -45.38 26.60 6.23
N GLN B 84 -49.68 27.45 5.95
CA GLN B 84 -50.73 26.56 5.47
C GLN B 84 -50.86 25.35 6.40
N LEU B 85 -51.96 25.28 7.14
CA LEU B 85 -52.19 24.26 8.14
C LEU B 85 -53.29 23.31 7.68
N PHE B 86 -52.97 22.03 7.62
CA PHE B 86 -53.91 20.98 7.27
C PHE B 86 -54.47 20.36 8.55
N ASP B 87 -55.20 19.26 8.38
CA ASP B 87 -55.61 18.42 9.51
C ASP B 87 -54.50 17.39 9.73
N GLU B 88 -53.72 17.57 10.79
CA GLU B 88 -52.53 16.75 11.02
C GLU B 88 -52.89 15.29 11.32
N SER B 89 -54.10 15.02 11.81
CA SER B 89 -54.46 13.65 12.14
C SER B 89 -54.69 12.81 10.89
N SER B 90 -55.40 13.35 9.89
CA SER B 90 -55.73 12.58 8.70
C SER B 90 -54.53 12.31 7.81
N ILE B 91 -53.50 13.15 7.83
CA ILE B 91 -52.34 12.99 6.98
C ILE B 91 -51.29 12.20 7.75
N VAL B 92 -50.39 11.55 7.00
CA VAL B 92 -49.33 10.75 7.59
C VAL B 92 -48.04 11.02 6.83
N ARG B 93 -46.94 11.15 7.58
CA ARG B 93 -45.60 11.16 7.02
C ARG B 93 -45.05 9.74 7.20
N LYS B 94 -45.35 8.89 6.22
CA LYS B 94 -45.04 7.47 6.30
C LYS B 94 -43.53 7.25 6.32
N ILE B 95 -43.13 6.10 6.85
CA ILE B 95 -41.73 5.66 6.81
C ILE B 95 -41.28 5.63 5.35
N PRO B 96 -40.12 6.19 5.01
CA PRO B 96 -39.74 6.34 3.60
C PRO B 96 -39.49 5.01 2.91
N GLY B 97 -39.11 5.10 1.64
CA GLY B 97 -38.90 3.92 0.83
C GLY B 97 -39.84 3.84 -0.35
N ALA B 98 -40.22 4.99 -0.92
CA ALA B 98 -41.12 4.99 -2.07
C ALA B 98 -40.43 4.47 -3.32
N ALA B 99 -39.17 4.86 -3.54
CA ALA B 99 -38.46 4.66 -4.80
C ALA B 99 -39.30 5.22 -5.95
N ASN B 100 -39.25 4.59 -7.11
CA ASN B 100 -40.22 4.87 -8.17
C ASN B 100 -40.95 3.59 -8.58
N ASN B 101 -41.07 2.65 -7.65
CA ASN B 101 -41.65 1.35 -7.92
C ASN B 101 -43.13 1.36 -7.57
N TRP B 102 -43.97 1.05 -8.56
CA TRP B 102 -45.42 0.97 -8.34
C TRP B 102 -45.76 -0.13 -7.33
N ALA B 103 -45.09 -1.28 -7.44
CA ALA B 103 -45.33 -2.36 -6.50
C ALA B 103 -44.89 -1.98 -5.09
N ARG B 104 -43.88 -1.12 -4.98
CA ARG B 104 -43.41 -0.71 -3.67
C ARG B 104 -44.43 0.18 -2.98
N GLY B 105 -45.23 0.94 -3.75
CA GLY B 105 -46.34 1.67 -3.19
C GLY B 105 -47.64 0.90 -3.16
N TYR B 106 -47.68 -0.27 -3.79
CA TYR B 106 -48.88 -1.09 -3.82
C TYR B 106 -48.86 -2.20 -2.77
N ASN B 107 -47.86 -3.09 -2.83
CA ASN B 107 -47.85 -4.27 -1.99
C ASN B 107 -46.65 -4.41 -1.08
N VAL B 108 -45.54 -3.71 -1.35
CA VAL B 108 -44.39 -3.81 -0.47
C VAL B 108 -44.59 -2.94 0.78
N GLU B 109 -44.72 -1.63 0.57
CA GLU B 109 -45.10 -0.73 1.65
C GLU B 109 -46.52 -0.20 1.50
N GLY B 110 -47.18 -0.49 0.37
CA GLY B 110 -48.58 -0.12 0.24
C GLY B 110 -49.49 -0.93 1.15
N GLU B 111 -49.17 -2.21 1.34
CA GLU B 111 -50.01 -3.07 2.18
C GLU B 111 -49.90 -2.72 3.65
N LYS B 112 -48.83 -2.07 4.08
CA LYS B 112 -48.68 -1.66 5.47
C LYS B 112 -49.13 -0.23 5.70
N VAL B 113 -49.75 0.41 4.71
CA VAL B 113 -50.35 1.72 4.90
C VAL B 113 -51.80 1.78 4.43
N ILE B 114 -52.28 0.79 3.67
CA ILE B 114 -53.65 0.86 3.14
C ILE B 114 -54.69 0.78 4.24
N ASP B 115 -54.43 -0.03 5.27
CA ASP B 115 -55.39 -0.13 6.37
C ASP B 115 -55.55 1.21 7.08
N GLN B 116 -54.43 1.87 7.39
CA GLN B 116 -54.49 3.16 8.08
C GLN B 116 -55.12 4.23 7.20
N ILE B 117 -54.74 4.28 5.91
CA ILE B 117 -55.24 5.35 5.06
C ILE B 117 -56.73 5.18 4.77
N MET B 118 -57.19 3.93 4.62
CA MET B 118 -58.63 3.75 4.46
C MET B 118 -59.41 3.89 5.76
N ASN B 119 -58.77 3.64 6.91
CA ASN B 119 -59.40 4.02 8.17
C ASN B 119 -59.58 5.54 8.24
N VAL B 120 -58.56 6.29 7.81
CA VAL B 120 -58.68 7.74 7.75
C VAL B 120 -59.79 8.14 6.77
N ILE B 121 -59.84 7.48 5.61
CA ILE B 121 -60.80 7.87 4.57
C ILE B 121 -62.23 7.57 4.99
N ASP B 122 -62.48 6.39 5.56
CA ASP B 122 -63.84 6.10 5.96
C ASP B 122 -64.23 6.81 7.25
N SER B 123 -63.27 7.22 8.08
CA SER B 123 -63.60 8.14 9.16
C SER B 123 -63.95 9.52 8.63
N ALA B 124 -63.31 9.94 7.55
CA ALA B 124 -63.61 11.25 6.96
C ALA B 124 -64.95 11.25 6.23
N VAL B 125 -65.32 10.13 5.62
CA VAL B 125 -66.59 10.10 4.88
C VAL B 125 -67.75 9.63 5.75
N GLU B 126 -67.48 8.99 6.90
CA GLU B 126 -68.57 8.64 7.81
C GLU B 126 -69.20 9.87 8.46
N LYS B 127 -68.44 10.95 8.62
CA LYS B 127 -68.96 12.20 9.16
C LYS B 127 -69.41 13.16 8.06
N THR B 128 -69.83 12.63 6.92
CA THR B 128 -70.25 13.43 5.78
C THR B 128 -71.78 13.38 5.65
N LYS B 129 -72.39 14.55 5.55
CA LYS B 129 -73.84 14.63 5.39
C LYS B 129 -74.27 14.02 4.05
N GLY B 130 -73.50 14.24 3.01
CA GLY B 130 -73.74 13.61 1.72
C GLY B 130 -72.57 13.85 0.77
N LEU B 131 -72.06 12.77 0.19
CA LEU B 131 -70.86 12.85 -0.63
C LEU B 131 -71.20 12.73 -2.11
N GLN B 132 -70.40 13.42 -2.94
CA GLN B 132 -70.53 13.36 -4.38
C GLN B 132 -69.43 12.54 -5.04
N GLY B 133 -68.22 12.56 -4.51
CA GLY B 133 -67.14 11.80 -5.10
C GLY B 133 -65.79 12.23 -4.56
N PHE B 134 -64.74 11.81 -5.27
CA PHE B 134 -63.37 12.04 -4.84
C PHE B 134 -62.59 12.70 -5.96
N LEU B 135 -61.77 13.69 -5.59
CA LEU B 135 -60.88 14.37 -6.53
C LEU B 135 -59.45 14.11 -6.06
N MET B 136 -58.77 13.18 -6.72
CA MET B 136 -57.42 12.77 -6.34
C MET B 136 -56.39 13.41 -7.26
N THR B 137 -55.40 14.07 -6.66
CA THR B 137 -54.30 14.69 -7.39
C THR B 137 -53.04 13.88 -7.15
N HIS B 138 -52.38 13.47 -8.22
CA HIS B 138 -51.17 12.67 -8.13
C HIS B 138 -50.40 12.81 -9.43
N SER B 139 -49.29 12.09 -9.53
CA SER B 139 -48.58 11.90 -10.78
C SER B 139 -48.46 10.41 -11.04
N ILE B 140 -48.84 9.99 -12.26
CA ILE B 140 -48.78 8.58 -12.61
C ILE B 140 -47.35 8.09 -12.81
N GLY B 141 -46.39 8.99 -12.99
CA GLY B 141 -45.02 8.63 -13.24
C GLY B 141 -44.16 8.37 -12.03
N GLY B 142 -44.67 8.61 -10.82
CA GLY B 142 -43.91 8.38 -9.61
C GLY B 142 -43.97 6.93 -9.17
N GLY B 143 -43.59 6.72 -7.91
CA GLY B 143 -43.72 5.41 -7.31
C GLY B 143 -44.66 5.41 -6.13
N SER B 144 -44.69 6.52 -5.40
CA SER B 144 -45.63 6.66 -4.29
C SER B 144 -47.01 7.07 -4.80
N GLY B 145 -47.08 8.20 -5.50
CA GLY B 145 -48.34 8.67 -6.05
C GLY B 145 -48.91 7.78 -7.14
N SER B 146 -48.09 6.88 -7.69
CA SER B 146 -48.58 5.96 -8.71
C SER B 146 -49.12 4.68 -8.07
N GLY B 147 -48.26 3.94 -7.37
CA GLY B 147 -48.69 2.69 -6.77
C GLY B 147 -49.67 2.88 -5.62
N LEU B 148 -49.36 3.80 -4.71
CA LEU B 148 -50.27 4.08 -3.60
C LEU B 148 -51.60 4.63 -4.12
N GLY B 149 -51.54 5.50 -5.13
CA GLY B 149 -52.77 5.99 -5.73
C GLY B 149 -53.59 4.89 -6.36
N SER B 150 -52.93 3.94 -7.04
CA SER B 150 -53.64 2.83 -7.64
C SER B 150 -54.29 1.94 -6.59
N LEU B 151 -53.58 1.67 -5.50
CA LEU B 151 -54.16 0.86 -4.43
C LEU B 151 -55.32 1.57 -3.77
N ILE B 152 -55.21 2.89 -3.56
CA ILE B 152 -56.31 3.66 -3.01
C ILE B 152 -57.51 3.63 -3.94
N LEU B 153 -57.27 3.77 -5.25
CA LEU B 153 -58.35 3.66 -6.22
C LEU B 153 -59.02 2.29 -6.16
N GLU B 154 -58.22 1.22 -6.08
CA GLU B 154 -58.77 -0.13 -6.03
C GLU B 154 -59.66 -0.31 -4.81
N ARG B 155 -59.16 0.05 -3.63
CA ARG B 155 -59.93 -0.18 -2.41
C ARG B 155 -60.90 0.95 -2.09
N LEU B 156 -60.99 1.97 -2.96
CA LEU B 156 -61.99 3.01 -2.84
C LEU B 156 -63.16 2.83 -3.80
N ARG B 157 -62.91 2.28 -4.98
CA ARG B 157 -64.01 1.91 -5.88
C ARG B 157 -64.76 0.70 -5.35
N GLN B 158 -64.04 -0.29 -4.83
CA GLN B 158 -64.67 -1.47 -4.25
C GLN B 158 -65.36 -1.18 -2.92
N ALA B 159 -65.06 -0.05 -2.29
CA ALA B 159 -65.71 0.35 -1.04
C ALA B 159 -66.91 1.26 -1.27
N TYR B 160 -66.81 2.19 -2.22
CA TYR B 160 -67.90 3.10 -2.56
C TYR B 160 -68.10 3.05 -4.06
N PRO B 161 -68.79 2.01 -4.57
CA PRO B 161 -69.03 1.94 -6.01
C PRO B 161 -70.01 2.99 -6.52
N LYS B 162 -70.80 3.61 -5.64
CA LYS B 162 -71.75 4.62 -6.03
C LYS B 162 -71.18 6.02 -6.06
N LYS B 163 -69.92 6.20 -5.62
CA LYS B 163 -69.28 7.50 -5.59
C LYS B 163 -68.39 7.67 -6.82
N ARG B 164 -68.02 8.92 -7.10
CA ARG B 164 -67.43 9.29 -8.38
C ARG B 164 -66.03 9.84 -8.17
N ILE B 165 -65.03 8.99 -8.39
CA ILE B 165 -63.64 9.37 -8.20
C ILE B 165 -63.14 10.09 -9.45
N PHE B 166 -62.56 11.27 -9.26
CA PHE B 166 -61.89 12.02 -10.30
C PHE B 166 -60.41 12.13 -9.99
N THR B 167 -59.57 11.85 -10.97
CA THR B 167 -58.13 11.89 -10.78
C THR B 167 -57.53 13.03 -11.60
N PHE B 168 -56.77 13.89 -10.92
CA PHE B 168 -56.02 14.96 -11.57
C PHE B 168 -54.56 14.51 -11.61
N SER B 169 -54.21 13.77 -12.64
CA SER B 169 -52.92 13.11 -12.75
C SER B 169 -52.00 13.88 -13.70
N VAL B 170 -50.76 14.10 -13.27
CA VAL B 170 -49.74 14.71 -14.11
C VAL B 170 -49.06 13.59 -14.88
N VAL B 171 -49.24 13.57 -16.19
CA VAL B 171 -48.58 12.59 -17.06
C VAL B 171 -47.14 13.05 -17.24
N PRO B 172 -46.17 12.13 -17.29
CA PRO B 172 -44.78 12.54 -17.51
C PRO B 172 -44.57 13.25 -18.83
N SER B 173 -43.57 14.13 -18.85
CA SER B 173 -43.33 15.00 -19.99
C SER B 173 -42.82 14.20 -21.18
N PRO B 174 -43.13 14.65 -22.41
CA PRO B 174 -42.56 14.00 -23.60
C PRO B 174 -41.11 14.40 -23.88
N LEU B 175 -40.74 15.65 -23.60
CA LEU B 175 -39.43 16.14 -24.01
C LEU B 175 -38.30 15.60 -23.13
N ILE B 176 -38.55 15.43 -21.83
CA ILE B 176 -37.53 14.98 -20.89
C ILE B 176 -38.24 14.30 -19.74
N SER B 177 -37.53 13.43 -19.04
CA SER B 177 -38.10 12.58 -18.01
C SER B 177 -37.46 12.87 -16.66
N ASP B 178 -38.23 12.67 -15.59
CA ASP B 178 -37.68 12.83 -14.26
C ASP B 178 -37.58 11.49 -13.53
N SER B 179 -38.04 10.41 -14.15
CA SER B 179 -37.91 9.07 -13.61
C SER B 179 -37.57 8.10 -14.74
N ALA B 180 -36.82 7.06 -14.41
CA ALA B 180 -36.36 6.11 -15.41
C ALA B 180 -37.26 4.89 -15.52
N VAL B 181 -38.31 4.82 -14.70
CA VAL B 181 -39.28 3.73 -14.80
C VAL B 181 -40.70 4.27 -14.87
N GLU B 182 -40.86 5.56 -15.15
CA GLU B 182 -42.15 6.25 -15.10
C GLU B 182 -43.21 5.83 -16.13
N PRO B 183 -42.89 5.29 -17.31
CA PRO B 183 -43.98 4.76 -18.14
C PRO B 183 -44.58 3.48 -17.61
N TYR B 184 -43.77 2.60 -17.00
CA TYR B 184 -44.31 1.44 -16.29
C TYR B 184 -45.33 1.89 -15.26
N ASN B 185 -44.93 2.84 -14.40
CA ASN B 185 -45.80 3.34 -13.35
C ASN B 185 -47.03 4.00 -13.93
N ALA B 186 -46.84 4.78 -14.99
CA ALA B 186 -47.93 5.51 -15.62
C ALA B 186 -48.98 4.56 -16.16
N ILE B 187 -48.56 3.54 -16.92
CA ILE B 187 -49.51 2.62 -17.52
C ILE B 187 -50.20 1.80 -16.44
N LEU B 188 -49.43 1.32 -15.47
CA LEU B 188 -50.00 0.42 -14.46
C LEU B 188 -50.79 1.19 -13.40
N THR B 189 -50.76 2.53 -13.43
CA THR B 189 -51.68 3.35 -12.65
C THR B 189 -52.88 3.81 -13.46
N LEU B 190 -52.69 4.07 -14.75
CA LEU B 190 -53.81 4.43 -15.62
C LEU B 190 -54.78 3.27 -15.77
N GLN B 191 -54.28 2.03 -15.72
CA GLN B 191 -55.18 0.89 -15.70
C GLN B 191 -56.09 0.92 -14.47
N ARG B 192 -55.53 1.24 -13.30
CA ARG B 192 -56.34 1.34 -12.09
C ARG B 192 -57.29 2.53 -12.15
N ILE B 193 -56.86 3.62 -12.78
CA ILE B 193 -57.74 4.78 -12.96
C ILE B 193 -58.93 4.40 -13.82
N LEU B 194 -58.69 3.63 -14.89
CA LEU B 194 -59.78 3.06 -15.67
C LEU B 194 -60.70 2.19 -14.83
N ASP B 195 -60.13 1.23 -14.11
CA ASP B 195 -60.96 0.24 -13.44
C ASP B 195 -61.56 0.73 -12.13
N ASN B 196 -61.25 1.97 -11.72
CA ASN B 196 -61.63 2.42 -10.39
C ASN B 196 -62.19 3.83 -10.34
N ALA B 197 -62.21 4.56 -11.45
CA ALA B 197 -62.69 5.94 -11.45
C ALA B 197 -63.55 6.17 -12.68
N ASP B 198 -64.48 7.13 -12.56
CA ASP B 198 -65.35 7.52 -13.66
C ASP B 198 -65.03 8.91 -14.20
N GLY B 199 -63.85 9.43 -13.88
CA GLY B 199 -63.42 10.71 -14.39
C GLY B 199 -61.94 10.95 -14.14
N ALA B 200 -61.27 11.62 -15.08
CA ALA B 200 -59.84 11.82 -14.96
C ALA B 200 -59.43 13.03 -15.79
N VAL B 201 -58.68 13.95 -15.19
CA VAL B 201 -58.12 15.10 -15.88
C VAL B 201 -56.61 14.92 -15.90
N LEU B 202 -56.04 14.80 -17.09
CA LEU B 202 -54.62 14.57 -17.25
C LEU B 202 -53.88 15.87 -17.45
N LEU B 203 -52.69 15.96 -16.86
CA LEU B 203 -51.87 17.16 -16.91
C LEU B 203 -50.52 16.79 -17.51
N ASP B 204 -50.03 17.65 -18.40
CA ASP B 204 -48.72 17.47 -19.02
C ASP B 204 -47.85 18.66 -18.69
N ASN B 205 -46.60 18.39 -18.30
CA ASN B 205 -45.78 19.43 -17.69
C ASN B 205 -45.31 20.47 -18.70
N GLU B 206 -44.85 20.04 -19.89
CA GLU B 206 -44.29 21.01 -20.83
C GLU B 206 -45.36 21.98 -21.32
N ALA B 207 -46.61 21.52 -21.44
CA ALA B 207 -47.71 22.43 -21.75
C ALA B 207 -47.85 23.47 -20.66
N LEU B 208 -47.71 23.05 -19.39
CA LEU B 208 -47.78 24.01 -18.29
C LEU B 208 -46.61 24.99 -18.35
N PHE B 209 -45.41 24.52 -18.69
CA PHE B 209 -44.26 25.42 -18.81
C PHE B 209 -44.50 26.46 -19.89
N ARG B 210 -45.00 26.05 -21.05
CA ARG B 210 -45.20 27.02 -22.12
C ARG B 210 -46.37 27.96 -21.82
N ILE B 211 -47.41 27.48 -21.13
CA ILE B 211 -48.50 28.35 -20.72
C ILE B 211 -48.02 29.38 -19.71
N ALA B 212 -47.16 28.98 -18.77
CA ALA B 212 -46.66 29.93 -17.78
C ALA B 212 -45.63 30.88 -18.40
N LYS B 213 -44.91 30.43 -19.42
CA LYS B 213 -44.05 31.34 -20.19
C LYS B 213 -44.87 32.39 -20.91
N ALA B 214 -46.01 32.00 -21.50
CA ALA B 214 -46.88 32.97 -22.15
C ALA B 214 -47.52 33.90 -21.13
N LYS B 215 -47.89 33.38 -19.95
CA LYS B 215 -48.58 34.18 -18.95
C LYS B 215 -47.65 35.19 -18.30
N LEU B 216 -46.46 34.76 -17.89
CA LEU B 216 -45.53 35.61 -17.17
C LEU B 216 -44.44 36.11 -18.10
N ASN B 217 -43.47 36.83 -17.54
CA ASN B 217 -42.39 37.41 -18.33
C ASN B 217 -41.01 36.84 -17.95
N ARG B 218 -40.94 35.92 -17.00
CA ARG B 218 -39.68 35.32 -16.61
C ARG B 218 -39.86 33.81 -16.51
N SER B 219 -38.77 33.11 -16.19
CA SER B 219 -38.76 31.66 -16.23
C SER B 219 -39.58 31.07 -15.09
N PRO B 220 -40.56 30.21 -15.37
CA PRO B 220 -41.39 29.63 -14.30
C PRO B 220 -40.75 28.41 -13.66
N ASN B 221 -41.47 27.81 -12.72
CA ASN B 221 -41.06 26.54 -12.11
C ASN B 221 -42.34 25.74 -11.81
N TYR B 222 -42.17 24.65 -11.06
CA TYR B 222 -43.32 23.79 -10.74
C TYR B 222 -44.41 24.51 -9.96
N MET B 223 -44.06 25.55 -9.20
CA MET B 223 -45.08 26.26 -8.44
C MET B 223 -46.04 26.99 -9.36
N ASP B 224 -45.54 27.61 -10.43
CA ASP B 224 -46.43 28.25 -11.40
C ASP B 224 -47.27 27.21 -12.14
N LEU B 225 -46.65 26.08 -12.50
CA LEU B 225 -47.38 25.03 -13.20
C LEU B 225 -48.52 24.51 -12.34
N ASN B 226 -48.26 24.28 -11.05
CA ASN B 226 -49.26 23.81 -10.13
C ASN B 226 -50.25 24.88 -9.75
N ASN B 227 -49.88 26.17 -9.88
CA ASN B 227 -50.89 27.23 -9.79
C ASN B 227 -51.88 27.14 -10.95
N ILE B 228 -51.37 26.86 -12.16
CA ILE B 228 -52.25 26.67 -13.31
C ILE B 228 -53.14 25.44 -13.11
N ILE B 229 -52.54 24.34 -12.63
CA ILE B 229 -53.29 23.12 -12.33
C ILE B 229 -54.35 23.41 -11.26
N ALA B 230 -53.99 24.24 -10.28
CA ALA B 230 -54.91 24.58 -9.21
C ALA B 230 -56.08 25.41 -9.73
N LEU B 231 -55.82 26.34 -10.65
CA LEU B 231 -56.90 27.05 -11.32
C LEU B 231 -57.79 26.08 -12.08
N ILE B 232 -57.19 25.09 -12.73
CA ILE B 232 -57.95 24.07 -13.45
C ILE B 232 -58.89 23.35 -12.50
N VAL B 233 -58.37 22.86 -11.37
CA VAL B 233 -59.18 22.08 -10.43
C VAL B 233 -60.24 22.96 -9.79
N SER B 234 -59.90 24.21 -9.49
CA SER B 234 -60.86 25.15 -8.91
C SER B 234 -62.03 25.39 -9.87
N SER B 235 -61.73 25.60 -11.14
CA SER B 235 -62.78 25.83 -12.12
C SER B 235 -63.53 24.55 -12.47
N VAL B 236 -62.96 23.38 -12.18
CA VAL B 236 -63.69 22.12 -12.38
C VAL B 236 -64.92 22.08 -11.48
N THR B 237 -64.74 22.44 -10.22
CA THR B 237 -65.82 22.43 -9.24
C THR B 237 -66.38 23.81 -8.96
N ALA B 238 -66.10 24.79 -9.83
CA ALA B 238 -66.58 26.16 -9.61
C ALA B 238 -68.10 26.21 -9.62
N SER B 239 -68.73 25.57 -10.60
CA SER B 239 -70.18 25.57 -10.68
C SER B 239 -70.83 24.75 -9.58
N LEU B 240 -70.05 23.97 -8.84
CA LEU B 240 -70.58 23.17 -7.73
C LEU B 240 -70.50 23.90 -6.39
N ARG B 241 -69.48 24.74 -6.19
CA ARG B 241 -69.34 25.47 -4.95
C ARG B 241 -69.66 26.95 -5.09
N PHE B 242 -69.89 27.44 -6.30
CA PHE B 242 -70.29 28.82 -6.56
C PHE B 242 -71.59 28.76 -7.35
N PRO B 243 -72.71 28.53 -6.67
CA PRO B 243 -73.97 28.30 -7.40
C PRO B 243 -74.53 29.57 -8.01
N GLY B 244 -74.41 29.69 -9.32
CA GLY B 244 -75.06 30.75 -10.04
C GLY B 244 -76.18 30.21 -10.90
N LYS B 245 -76.17 30.56 -12.18
CA LYS B 245 -77.09 29.97 -13.14
C LYS B 245 -76.40 28.84 -13.87
N LEU B 246 -77.20 27.90 -14.38
CA LEU B 246 -76.70 26.76 -15.16
C LEU B 246 -75.65 25.97 -14.39
N ASN B 247 -76.07 25.40 -13.27
CA ASN B 247 -75.14 24.73 -12.36
C ASN B 247 -74.64 23.42 -12.96
N THR B 248 -73.48 22.98 -12.48
CA THR B 248 -72.83 21.75 -12.93
C THR B 248 -72.42 20.94 -11.71
N ASP B 249 -72.50 19.62 -11.85
CA ASP B 249 -72.18 18.68 -10.78
C ASP B 249 -71.20 17.65 -11.31
N LEU B 250 -70.52 16.96 -10.39
CA LEU B 250 -69.60 15.90 -10.80
C LEU B 250 -70.35 14.72 -11.40
N SER B 251 -71.53 14.42 -10.86
CA SER B 251 -72.40 13.46 -11.53
C SER B 251 -72.76 13.93 -12.93
N GLU B 252 -72.95 15.24 -13.09
CA GLU B 252 -73.21 15.79 -14.41
C GLU B 252 -71.99 15.67 -15.30
N PHE B 253 -70.79 15.87 -14.73
CA PHE B 253 -69.56 15.65 -15.48
C PHE B 253 -69.45 14.22 -15.97
N VAL B 254 -69.78 13.25 -15.11
CA VAL B 254 -69.73 11.85 -15.51
C VAL B 254 -70.76 11.57 -16.60
N THR B 255 -71.97 12.12 -16.45
CA THR B 255 -73.04 11.80 -17.40
C THR B 255 -72.77 12.41 -18.77
N ASN B 256 -72.25 13.64 -18.83
CA ASN B 256 -72.15 14.34 -20.11
C ASN B 256 -70.72 14.58 -20.58
N LEU B 257 -69.72 13.96 -19.94
CA LEU B 257 -68.36 13.98 -20.44
C LEU B 257 -67.79 12.59 -20.68
N VAL B 258 -68.54 11.54 -20.35
CA VAL B 258 -68.07 10.17 -20.46
C VAL B 258 -69.03 9.42 -21.37
N PRO B 259 -68.89 9.55 -22.69
CA PRO B 259 -69.86 8.90 -23.60
C PRO B 259 -69.84 7.39 -23.58
N PHE B 260 -68.73 6.77 -23.17
CA PHE B 260 -68.61 5.33 -23.12
C PHE B 260 -68.11 4.94 -21.73
N PRO B 261 -68.41 3.73 -21.27
CA PRO B 261 -68.17 3.41 -19.84
C PRO B 261 -66.75 3.63 -19.37
N GLY B 262 -65.74 3.34 -20.19
CA GLY B 262 -64.35 3.53 -19.81
C GLY B 262 -63.63 4.70 -20.42
N ASN B 263 -64.33 5.67 -20.98
CA ASN B 263 -63.67 6.79 -21.67
C ASN B 263 -63.95 8.07 -20.88
N HIS B 264 -63.12 8.33 -19.86
CA HIS B 264 -63.35 9.41 -18.92
C HIS B 264 -62.07 10.17 -18.62
N PHE B 265 -61.21 10.34 -19.61
CA PHE B 265 -59.96 11.07 -19.44
C PHE B 265 -60.06 12.42 -20.12
N LEU B 266 -59.76 13.48 -19.37
CA LEU B 266 -60.08 14.85 -19.77
C LEU B 266 -58.80 15.67 -19.91
N THR B 267 -58.87 16.64 -20.83
CA THR B 267 -57.84 17.65 -21.01
C THR B 267 -58.45 19.01 -20.65
N ALA B 268 -57.68 19.84 -19.94
CA ALA B 268 -58.26 21.05 -19.38
C ALA B 268 -57.45 22.27 -19.77
N SER B 269 -58.17 23.35 -20.09
CA SER B 269 -57.59 24.66 -20.39
C SER B 269 -58.25 25.72 -19.52
N PHE B 270 -57.44 26.63 -19.00
CA PHE B 270 -57.92 27.77 -18.24
C PHE B 270 -57.55 29.06 -18.95
N ALA B 271 -58.46 30.03 -18.89
CA ALA B 271 -58.24 31.34 -19.48
C ALA B 271 -58.80 32.42 -18.55
N PRO B 272 -58.23 33.62 -18.56
CA PRO B 272 -57.09 34.09 -19.37
C PRO B 272 -55.73 33.78 -18.75
N MET B 273 -54.68 33.88 -19.56
CA MET B 273 -53.31 33.69 -19.08
C MET B 273 -52.44 34.87 -19.46
N VAL B 282 -57.56 41.10 -14.77
CA VAL B 282 -57.66 41.07 -16.22
C VAL B 282 -59.07 41.46 -16.67
N ARG B 283 -59.21 42.69 -17.14
CA ARG B 283 -60.49 43.18 -17.66
C ARG B 283 -60.50 43.01 -19.18
N THR B 284 -60.49 41.74 -19.59
CA THR B 284 -60.40 41.39 -21.00
C THR B 284 -61.78 41.35 -21.64
N ASN B 285 -61.81 41.61 -22.95
CA ASN B 285 -63.05 41.48 -23.70
C ASN B 285 -63.46 40.01 -23.79
N PHE B 286 -64.74 39.76 -23.60
CA PHE B 286 -65.26 38.40 -23.49
C PHE B 286 -65.07 37.53 -24.73
N PRO B 287 -65.26 38.03 -25.96
CA PRO B 287 -64.93 37.19 -27.12
C PRO B 287 -63.49 36.70 -27.12
N ASP B 288 -62.54 37.55 -26.74
CA ASP B 288 -61.15 37.12 -26.66
C ASP B 288 -60.96 36.05 -25.59
N LEU B 289 -61.60 36.23 -24.42
CA LEU B 289 -61.51 35.25 -23.36
C LEU B 289 -62.06 33.89 -23.80
N ALA B 290 -63.21 33.90 -24.48
CA ALA B 290 -63.80 32.63 -24.91
C ALA B 290 -63.03 31.98 -26.05
N ARG B 291 -62.49 32.77 -26.99
CA ARG B 291 -61.74 32.18 -28.09
C ARG B 291 -60.36 31.70 -27.65
N GLU B 292 -59.81 32.28 -26.58
CA GLU B 292 -58.53 31.85 -26.06
C GLU B 292 -58.67 30.79 -24.98
N THR B 293 -59.89 30.61 -24.45
CA THR B 293 -60.18 29.48 -23.57
C THR B 293 -60.10 28.16 -24.33
N PHE B 294 -60.78 28.09 -25.47
CA PHE B 294 -60.76 26.90 -26.32
C PHE B 294 -59.68 27.01 -27.40
N ALA B 295 -58.46 27.31 -26.97
CA ALA B 295 -57.33 27.43 -27.87
C ALA B 295 -56.52 26.14 -27.86
N GLN B 296 -56.10 25.71 -29.04
CA GLN B 296 -55.35 24.46 -29.16
C GLN B 296 -54.04 24.52 -28.39
N ASP B 297 -53.48 25.70 -28.20
CA ASP B 297 -52.21 25.88 -27.51
C ASP B 297 -52.38 26.34 -26.06
N ASN B 298 -53.59 26.42 -25.55
CA ASN B 298 -53.81 26.85 -24.17
C ASN B 298 -54.14 25.70 -23.23
N PHE B 299 -54.31 24.49 -23.75
CA PHE B 299 -54.68 23.38 -22.88
C PHE B 299 -53.46 22.89 -22.10
N THR B 300 -53.73 22.36 -20.92
CA THR B 300 -52.67 22.01 -19.97
C THR B 300 -52.15 20.59 -20.16
N ALA B 301 -52.64 19.86 -21.16
CA ALA B 301 -52.11 18.56 -21.51
C ALA B 301 -51.76 18.55 -22.99
N ALA B 302 -50.54 18.15 -23.31
CA ALA B 302 -50.07 18.13 -24.69
C ALA B 302 -50.70 16.93 -25.40
N ILE B 303 -51.87 17.15 -25.99
CA ILE B 303 -52.60 16.08 -26.67
C ILE B 303 -52.64 16.36 -28.15
N ASP B 304 -53.22 15.44 -28.92
CA ASP B 304 -53.22 15.53 -30.38
C ASP B 304 -54.46 16.30 -30.83
N TRP B 305 -54.25 17.50 -31.38
CA TRP B 305 -55.37 18.34 -31.81
C TRP B 305 -55.64 18.25 -33.31
N GLN B 306 -54.59 18.17 -34.13
CA GLN B 306 -54.76 18.22 -35.58
C GLN B 306 -55.51 17.00 -36.09
N GLN B 307 -55.07 15.80 -35.72
CA GLN B 307 -55.79 14.60 -36.11
C GLN B 307 -56.92 14.30 -35.14
N GLY B 308 -56.83 14.79 -33.91
CA GLY B 308 -57.84 14.52 -32.91
C GLY B 308 -59.08 15.39 -33.05
N VAL B 309 -60.15 14.96 -32.38
CA VAL B 309 -61.42 15.68 -32.35
C VAL B 309 -61.93 15.68 -30.91
N TYR B 310 -62.87 16.58 -30.65
CA TYR B 310 -63.48 16.71 -29.34
C TYR B 310 -64.64 15.73 -29.22
N LEU B 311 -64.70 15.03 -28.08
CA LEU B 311 -65.88 14.21 -27.80
C LEU B 311 -66.91 15.01 -27.03
N ALA B 312 -66.49 15.62 -25.92
CA ALA B 312 -67.43 16.34 -25.07
C ALA B 312 -66.71 17.50 -24.39
N ALA B 313 -67.02 18.72 -24.78
CA ALA B 313 -66.37 19.91 -24.24
C ALA B 313 -67.29 20.58 -23.22
N SER B 314 -66.76 20.81 -22.03
CA SER B 314 -67.47 21.55 -20.99
C SER B 314 -66.85 22.93 -20.87
N ALA B 315 -67.64 23.96 -21.16
CA ALA B 315 -67.24 25.36 -21.05
C ALA B 315 -67.85 25.91 -19.76
N LEU B 316 -67.03 26.06 -18.75
CA LEU B 316 -67.45 26.60 -17.46
C LEU B 316 -66.89 28.01 -17.34
N PHE B 317 -67.75 28.99 -17.55
CA PHE B 317 -67.36 30.40 -17.45
C PHE B 317 -67.82 30.97 -16.11
N ARG B 318 -67.02 31.87 -15.56
CA ARG B 318 -67.25 32.34 -14.21
C ARG B 318 -66.82 33.79 -14.08
N GLY B 319 -67.45 34.50 -13.16
CA GLY B 319 -67.11 35.88 -12.85
C GLY B 319 -68.07 36.91 -13.41
N ASP B 320 -67.57 37.74 -14.32
CA ASP B 320 -68.35 38.81 -14.94
C ASP B 320 -68.93 38.34 -16.28
N VAL B 321 -69.28 37.07 -16.33
CA VAL B 321 -69.75 36.46 -17.57
C VAL B 321 -71.18 36.90 -17.85
N LYS B 322 -71.48 37.08 -19.13
CA LYS B 322 -72.83 37.42 -19.58
C LYS B 322 -73.34 36.26 -20.43
N ALA B 323 -74.61 35.90 -20.20
CA ALA B 323 -75.15 34.69 -20.82
C ALA B 323 -75.21 34.82 -22.33
N LYS B 324 -75.65 35.97 -22.85
CA LYS B 324 -75.60 36.17 -24.29
C LYS B 324 -74.17 36.19 -24.79
N ASP B 325 -73.26 36.75 -24.01
CA ASP B 325 -71.85 36.76 -24.42
C ASP B 325 -71.31 35.33 -24.53
N VAL B 326 -71.63 34.48 -23.56
CA VAL B 326 -71.19 33.08 -23.61
C VAL B 326 -71.81 32.37 -24.81
N ASP B 327 -73.11 32.57 -25.02
CA ASP B 327 -73.81 31.82 -26.05
C ASP B 327 -73.58 32.36 -27.46
N GLU B 328 -73.08 33.59 -27.60
CA GLU B 328 -72.84 34.19 -28.90
C GLU B 328 -71.40 34.03 -29.36
N ASN B 329 -70.54 33.38 -28.56
CA ASN B 329 -69.15 33.20 -28.94
C ASN B 329 -68.99 31.95 -29.80
N MET B 330 -70.04 31.59 -30.53
CA MET B 330 -70.09 30.35 -31.31
C MET B 330 -69.10 30.33 -32.47
N ALA B 331 -68.41 31.44 -32.74
CA ALA B 331 -67.42 31.45 -33.81
C ALA B 331 -66.28 30.49 -33.51
N THR B 332 -65.83 30.43 -32.25
CA THR B 332 -64.75 29.53 -31.89
C THR B 332 -65.17 28.06 -31.92
N ILE B 333 -66.47 27.78 -31.87
CA ILE B 333 -66.92 26.39 -31.94
C ILE B 333 -67.18 25.98 -33.39
N ARG B 334 -67.83 26.83 -34.17
CA ARG B 334 -68.10 26.50 -35.56
C ARG B 334 -66.90 26.72 -36.46
N LYS B 335 -65.84 27.34 -35.95
CA LYS B 335 -64.64 27.63 -36.71
C LYS B 335 -63.44 26.79 -36.28
N SER B 336 -63.13 26.76 -34.99
CA SER B 336 -61.92 26.13 -34.49
C SER B 336 -62.15 24.74 -33.90
N LEU B 337 -63.25 24.55 -33.15
CA LEU B 337 -63.51 23.26 -32.53
C LEU B 337 -63.92 22.24 -33.58
N ASN B 338 -63.28 21.07 -33.56
CA ASN B 338 -63.58 19.98 -34.47
C ASN B 338 -64.19 18.85 -33.66
N TYR B 339 -65.43 18.47 -33.99
CA TYR B 339 -66.16 17.48 -33.23
C TYR B 339 -66.16 16.12 -33.93
N ALA B 340 -66.60 15.11 -33.19
CA ALA B 340 -66.81 13.79 -33.75
C ALA B 340 -68.11 13.76 -34.54
N SER B 341 -68.27 12.71 -35.35
CA SER B 341 -69.42 12.63 -36.24
C SER B 341 -70.73 12.41 -35.49
N TYR B 342 -70.69 11.89 -34.26
CA TYR B 342 -71.90 11.57 -33.52
C TYR B 342 -72.35 12.71 -32.60
N MET B 343 -71.72 13.87 -32.68
CA MET B 343 -72.15 14.98 -31.87
C MET B 343 -72.69 16.10 -32.76
N PRO B 344 -73.78 16.76 -32.34
CA PRO B 344 -74.37 17.80 -33.19
C PRO B 344 -73.44 18.99 -33.34
N ALA B 345 -73.61 19.70 -34.47
CA ALA B 345 -72.72 20.82 -34.79
C ALA B 345 -72.80 21.93 -33.75
N SER B 346 -74.00 22.25 -33.29
CA SER B 346 -74.17 23.23 -32.22
C SER B 346 -74.09 22.61 -30.83
N GLY B 347 -74.03 21.29 -30.74
CA GLY B 347 -73.91 20.59 -29.48
C GLY B 347 -72.47 20.36 -29.10
N GLY B 348 -72.26 19.38 -28.22
CA GLY B 348 -70.93 19.16 -27.69
C GLY B 348 -70.53 20.11 -26.59
N LEU B 349 -71.44 20.96 -26.13
CA LEU B 349 -71.14 21.96 -25.12
C LEU B 349 -71.88 21.64 -23.84
N LYS B 350 -71.14 21.47 -22.76
CA LYS B 350 -71.67 21.55 -21.40
C LYS B 350 -71.40 22.96 -20.90
N LEU B 351 -72.42 23.82 -20.94
CA LEU B 351 -72.25 25.19 -20.51
C LEU B 351 -72.50 25.32 -19.02
N GLY B 352 -71.66 26.14 -18.37
CA GLY B 352 -71.85 26.40 -16.96
C GLY B 352 -71.53 27.84 -16.61
N TYR B 353 -72.34 28.44 -15.74
CA TYR B 353 -72.14 29.81 -15.31
C TYR B 353 -71.86 29.81 -13.81
N ALA B 354 -70.83 30.54 -13.40
CA ALA B 354 -70.55 30.75 -12.00
C ALA B 354 -70.38 32.23 -11.72
N GLU B 355 -70.92 32.68 -10.57
CA GLU B 355 -70.88 34.09 -10.24
C GLU B 355 -69.51 34.56 -9.81
N THR B 356 -68.61 33.65 -9.44
CA THR B 356 -67.32 34.02 -8.87
C THR B 356 -66.20 33.44 -9.72
N ALA B 357 -65.21 34.27 -10.04
CA ALA B 357 -64.01 33.90 -10.75
C ALA B 357 -62.79 34.10 -9.85
N PRO B 358 -61.67 33.42 -10.14
CA PRO B 358 -60.45 33.68 -9.37
C PRO B 358 -60.00 35.13 -9.53
N GLU B 359 -59.38 35.65 -8.48
CA GLU B 359 -58.98 37.05 -8.44
C GLU B 359 -57.92 37.36 -9.47
N GLY B 360 -57.90 38.60 -9.93
CA GLY B 360 -57.14 38.99 -11.09
C GLY B 360 -57.86 38.76 -12.40
N PHE B 361 -59.00 38.09 -12.38
CA PHE B 361 -59.81 37.82 -13.56
C PHE B 361 -61.23 38.31 -13.29
N ALA B 362 -61.69 39.28 -14.07
CA ALA B 362 -63.09 39.69 -13.98
C ALA B 362 -64.00 38.59 -14.49
N SER B 363 -63.66 38.00 -15.63
CA SER B 363 -64.35 36.84 -16.17
C SER B 363 -63.31 35.86 -16.67
N SER B 364 -63.49 34.58 -16.34
CA SER B 364 -62.54 33.55 -16.70
C SER B 364 -63.31 32.32 -17.19
N GLY B 365 -62.59 31.42 -17.84
CA GLY B 365 -63.20 30.27 -18.48
C GLY B 365 -62.37 29.02 -18.34
N LEU B 366 -63.07 27.88 -18.27
CA LEU B 366 -62.47 26.56 -18.25
C LEU B 366 -63.05 25.71 -19.36
N ALA B 367 -62.18 25.03 -20.09
CA ALA B 367 -62.56 24.04 -21.08
C ALA B 367 -62.11 22.67 -20.59
N LEU B 368 -63.06 21.83 -20.23
CA LEU B 368 -62.81 20.43 -19.83
C LEU B 368 -63.28 19.55 -20.99
N VAL B 369 -62.35 19.03 -21.77
CA VAL B 369 -62.70 18.32 -23.00
C VAL B 369 -62.36 16.84 -22.83
N ASN B 370 -63.36 16.00 -23.09
CA ASN B 370 -63.11 14.62 -23.48
C ASN B 370 -62.74 14.65 -24.95
N HIS B 371 -61.51 14.24 -25.26
CA HIS B 371 -60.89 14.42 -26.57
C HIS B 371 -60.19 13.13 -26.97
N THR B 372 -60.17 12.87 -28.27
CA THR B 372 -59.43 11.73 -28.80
C THR B 372 -57.93 11.89 -28.61
N GLY B 373 -57.39 13.10 -28.77
CA GLY B 373 -55.96 13.31 -28.78
C GLY B 373 -55.26 13.00 -27.48
N ILE B 374 -55.99 12.93 -26.36
CA ILE B 374 -55.36 12.52 -25.11
C ILE B 374 -54.88 11.07 -25.19
N ALA B 375 -55.47 10.26 -26.07
CA ALA B 375 -54.93 8.93 -26.34
C ALA B 375 -53.50 9.00 -26.84
N ALA B 376 -53.18 10.05 -27.61
CA ALA B 376 -51.80 10.29 -28.01
C ALA B 376 -50.90 10.36 -26.79
N VAL B 377 -51.33 11.10 -25.76
CA VAL B 377 -50.65 11.06 -24.46
C VAL B 377 -50.39 9.62 -24.06
N PHE B 378 -51.48 8.83 -23.97
CA PHE B 378 -51.35 7.43 -23.59
C PHE B 378 -50.34 6.71 -24.46
N GLU B 379 -50.42 6.91 -25.78
CA GLU B 379 -49.63 6.05 -26.64
C GLU B 379 -48.15 6.34 -26.48
N ARG B 380 -47.77 7.56 -26.08
CA ARG B 380 -46.34 7.80 -25.90
C ARG B 380 -45.82 6.93 -24.78
N LEU B 381 -46.58 6.81 -23.69
CA LEU B 381 -46.21 5.86 -22.65
C LEU B 381 -46.19 4.45 -23.21
N ILE B 382 -47.20 4.11 -24.02
CA ILE B 382 -47.24 2.83 -24.70
C ILE B 382 -45.95 2.64 -25.50
N ALA B 383 -45.53 3.68 -26.22
CA ALA B 383 -44.32 3.57 -27.02
C ALA B 383 -43.14 3.21 -26.14
N GLN B 384 -43.00 3.88 -25.00
CA GLN B 384 -41.92 3.53 -24.09
C GLN B 384 -42.08 2.10 -23.59
N PHE B 385 -43.30 1.72 -23.22
CA PHE B 385 -43.53 0.36 -22.77
C PHE B 385 -43.30 -0.63 -23.90
N ASP B 386 -43.48 -0.19 -25.15
CA ASP B 386 -43.28 -1.08 -26.28
C ASP B 386 -41.81 -1.35 -26.54
N ILE B 387 -40.90 -0.65 -25.87
CA ILE B 387 -39.48 -0.86 -26.06
C ILE B 387 -38.83 -1.42 -24.81
N MET B 388 -39.50 -1.29 -23.66
CA MET B 388 -38.95 -1.74 -22.40
C MET B 388 -39.33 -3.19 -22.10
N PHE B 389 -40.62 -3.53 -22.22
CA PHE B 389 -41.08 -4.87 -21.89
C PHE B 389 -40.46 -5.92 -22.80
N ASP B 390 -40.29 -5.62 -24.08
CA ASP B 390 -39.66 -6.54 -25.00
C ASP B 390 -38.17 -6.74 -24.74
N ASN B 391 -37.58 -5.90 -23.88
CA ASN B 391 -36.15 -5.96 -23.59
C ASN B 391 -35.86 -6.30 -22.13
N HIS B 392 -36.88 -6.59 -21.33
CA HIS B 392 -36.74 -6.89 -19.90
C HIS B 392 -35.98 -5.77 -19.18
N ALA B 393 -36.45 -4.54 -19.39
CA ALA B 393 -35.69 -3.37 -18.99
C ALA B 393 -35.62 -3.19 -17.48
N TYR B 394 -36.75 -2.99 -16.81
CA TYR B 394 -36.76 -2.71 -15.38
C TYR B 394 -37.74 -3.61 -14.64
N THR B 395 -38.15 -4.72 -15.27
CA THR B 395 -39.23 -5.52 -14.73
C THR B 395 -38.84 -6.33 -13.50
N HIS B 396 -37.54 -6.52 -13.23
CA HIS B 396 -37.16 -7.27 -12.03
C HIS B 396 -37.47 -6.47 -10.77
N TRP B 397 -37.44 -5.14 -10.86
CA TRP B 397 -37.83 -4.29 -9.73
C TRP B 397 -39.28 -4.53 -9.35
N TYR B 398 -40.12 -4.93 -10.30
CA TYR B 398 -41.50 -5.31 -10.05
C TYR B 398 -41.60 -6.75 -9.59
N GLU B 399 -40.88 -7.65 -10.25
CA GLU B 399 -40.97 -9.08 -9.95
C GLU B 399 -40.50 -9.40 -8.53
N ASN B 400 -39.41 -8.79 -8.09
CA ASN B 400 -38.95 -8.99 -6.72
C ASN B 400 -39.80 -8.24 -5.70
N ALA B 401 -40.71 -7.38 -6.15
CA ALA B 401 -41.58 -6.63 -5.27
C ALA B 401 -43.00 -7.20 -5.22
N GLY B 402 -43.32 -8.19 -6.05
CA GLY B 402 -44.61 -8.84 -6.02
C GLY B 402 -45.48 -8.63 -7.23
N VAL B 403 -45.10 -7.75 -8.14
CA VAL B 403 -45.87 -7.50 -9.37
C VAL B 403 -45.15 -8.20 -10.51
N SER B 404 -45.82 -9.21 -11.08
CA SER B 404 -45.21 -9.99 -12.14
C SER B 404 -45.39 -9.30 -13.49
N ARG B 405 -44.80 -9.89 -14.52
CA ARG B 405 -44.84 -9.28 -15.85
C ARG B 405 -46.20 -9.48 -16.53
N ASP B 406 -46.94 -10.52 -16.14
CA ASP B 406 -48.24 -10.77 -16.76
C ASP B 406 -49.24 -9.66 -16.44
N MET B 407 -49.26 -9.19 -15.19
CA MET B 407 -50.20 -8.13 -14.85
C MET B 407 -49.81 -6.80 -15.48
N MET B 408 -48.51 -6.54 -15.63
CA MET B 408 -48.08 -5.38 -16.40
C MET B 408 -48.53 -5.47 -17.84
N ALA B 409 -48.39 -6.66 -18.44
CA ALA B 409 -48.81 -6.86 -19.83
C ALA B 409 -50.32 -6.64 -19.99
N LYS B 410 -51.13 -7.15 -19.06
CA LYS B 410 -52.56 -6.98 -19.19
C LYS B 410 -52.99 -5.54 -18.89
N ALA B 411 -52.26 -4.85 -18.00
CA ALA B 411 -52.55 -3.43 -17.78
C ALA B 411 -52.28 -2.62 -19.03
N ARG B 412 -51.17 -2.90 -19.71
CA ARG B 412 -50.91 -2.23 -20.98
C ARG B 412 -51.93 -2.63 -22.04
N ASN B 413 -52.40 -3.88 -22.02
CA ASN B 413 -53.44 -4.28 -22.96
C ASN B 413 -54.71 -3.47 -22.74
N GLN B 414 -55.09 -3.26 -21.47
CA GLN B 414 -56.24 -2.42 -21.17
C GLN B 414 -56.03 -0.98 -21.62
N ILE B 415 -54.84 -0.43 -21.39
CA ILE B 415 -54.57 0.96 -21.76
C ILE B 415 -54.57 1.12 -23.28
N ALA B 416 -54.01 0.15 -23.99
CA ALA B 416 -54.02 0.18 -25.45
C ALA B 416 -55.44 0.04 -25.99
N THR B 417 -56.26 -0.80 -25.35
CA THR B 417 -57.66 -0.89 -25.74
C THR B 417 -58.37 0.43 -25.52
N LEU B 418 -58.05 1.14 -24.44
CA LEU B 418 -58.66 2.44 -24.17
C LEU B 418 -58.24 3.46 -25.24
N ALA B 419 -56.95 3.48 -25.58
CA ALA B 419 -56.47 4.40 -26.61
C ALA B 419 -57.09 4.07 -27.97
N GLN B 420 -57.27 2.78 -28.25
CA GLN B 420 -57.97 2.38 -29.46
C GLN B 420 -59.44 2.79 -29.44
N SER B 421 -60.05 2.77 -28.25
CA SER B 421 -61.43 3.26 -28.12
C SER B 421 -61.51 4.75 -28.45
N TYR B 422 -60.56 5.55 -27.97
CA TYR B 422 -60.48 6.94 -28.39
C TYR B 422 -60.27 7.07 -29.89
N ARG B 423 -59.35 6.30 -30.47
CA ARG B 423 -59.12 6.38 -31.91
C ARG B 423 -60.33 5.96 -32.72
N ASP B 424 -61.15 5.05 -32.20
CA ASP B 424 -62.40 4.65 -32.85
C ASP B 424 -63.54 5.62 -32.59
N ALA B 425 -63.43 6.46 -31.56
CA ALA B 425 -64.45 7.44 -31.23
C ALA B 425 -64.28 8.76 -31.97
N SER B 426 -63.31 8.83 -32.89
CA SER B 426 -63.06 10.03 -33.67
C SER B 426 -64.20 10.31 -34.63
N LYS C 2 -38.72 12.09 9.41
CA LYS C 2 -37.58 11.21 9.21
C LYS C 2 -37.45 10.81 7.73
N VAL C 3 -36.21 10.67 7.28
CA VAL C 3 -35.92 10.40 5.88
C VAL C 3 -35.18 9.07 5.82
N ASN C 4 -35.27 8.42 4.65
CA ASN C 4 -34.62 7.13 4.46
C ASN C 4 -33.11 7.24 4.67
N ASN C 5 -32.55 6.21 5.30
CA ASN C 5 -31.20 6.28 5.83
C ASN C 5 -30.19 5.68 4.87
N THR C 6 -28.92 5.99 5.12
CA THR C 6 -27.81 5.41 4.37
C THR C 6 -26.57 5.45 5.23
N ILE C 7 -25.92 4.30 5.39
CA ILE C 7 -24.66 4.17 6.11
C ILE C 7 -23.54 4.03 5.09
N VAL C 8 -22.44 4.72 5.32
CA VAL C 8 -21.29 4.69 4.43
C VAL C 8 -20.16 3.98 5.16
N VAL C 9 -19.95 2.71 4.85
CA VAL C 9 -18.86 1.94 5.42
C VAL C 9 -17.64 2.05 4.49
N SER C 10 -16.50 2.42 5.07
CA SER C 10 -15.28 2.65 4.30
C SER C 10 -14.25 1.59 4.63
N ILE C 11 -13.71 0.93 3.61
CA ILE C 11 -12.74 -0.14 3.76
C ILE C 11 -11.54 0.16 2.89
N GLY C 12 -10.34 0.02 3.46
CA GLY C 12 -9.12 0.31 2.74
C GLY C 12 -8.72 1.76 2.86
N GLN C 13 -7.50 2.04 2.39
CA GLN C 13 -6.94 3.38 2.54
C GLN C 13 -7.64 4.41 1.67
N ALA C 14 -7.85 4.11 0.39
CA ALA C 14 -8.56 5.03 -0.47
C ALA C 14 -9.99 5.24 0.02
N GLY C 15 -10.64 4.16 0.44
CA GLY C 15 -11.99 4.30 0.97
C GLY C 15 -12.05 5.17 2.21
N ASN C 16 -11.10 4.99 3.13
CA ASN C 16 -11.11 5.76 4.37
C ASN C 16 -10.80 7.23 4.12
N GLN C 17 -9.83 7.53 3.25
CA GLN C 17 -9.50 8.92 2.99
C GLN C 17 -10.59 9.62 2.19
N ILE C 18 -11.19 8.91 1.23
CA ILE C 18 -12.32 9.44 0.50
C ILE C 18 -13.50 9.67 1.44
N ALA C 19 -13.69 8.78 2.41
CA ALA C 19 -14.73 8.98 3.42
C ALA C 19 -14.45 10.22 4.27
N ALA C 20 -13.19 10.40 4.66
CA ALA C 20 -12.83 11.60 5.43
C ALA C 20 -13.19 12.86 4.66
N SER C 21 -12.77 12.95 3.39
CA SER C 21 -13.10 14.12 2.58
C SER C 21 -14.61 14.24 2.35
N PHE C 22 -15.29 13.11 2.16
CA PHE C 22 -16.71 13.11 1.87
C PHE C 22 -17.51 13.65 3.03
N TRP C 23 -17.28 13.13 4.24
CA TRP C 23 -17.97 13.68 5.40
C TRP C 23 -17.50 15.08 5.73
N LYS C 24 -16.26 15.46 5.42
CA LYS C 24 -15.83 16.84 5.58
C LYS C 24 -16.70 17.78 4.77
N THR C 25 -16.84 17.50 3.47
CA THR C 25 -17.59 18.42 2.61
C THR C 25 -19.08 18.34 2.89
N VAL C 26 -19.60 17.16 3.25
CA VAL C 26 -21.01 17.05 3.58
C VAL C 26 -21.33 17.83 4.85
N CYS C 27 -20.46 17.73 5.86
CA CYS C 27 -20.66 18.49 7.10
C CYS C 27 -20.60 19.99 6.83
N LEU C 28 -19.62 20.45 6.06
CA LEU C 28 -19.57 21.88 5.77
C LEU C 28 -20.66 22.32 4.79
N GLU C 29 -21.29 21.39 4.08
CA GLU C 29 -22.51 21.70 3.35
C GLU C 29 -23.67 21.91 4.31
N HIS C 30 -23.80 21.06 5.32
CA HIS C 30 -24.80 21.24 6.36
C HIS C 30 -24.51 22.41 7.28
N GLY C 31 -23.30 22.97 7.24
CA GLY C 31 -22.90 23.97 8.20
C GLY C 31 -22.35 23.39 9.47
N ILE C 32 -21.84 22.16 9.43
CA ILE C 32 -21.31 21.46 10.59
C ILE C 32 -19.80 21.39 10.45
N ASP C 33 -19.09 21.68 11.54
CA ASP C 33 -17.64 21.60 11.52
C ASP C 33 -17.20 20.13 11.44
N PRO C 34 -16.44 19.74 10.42
CA PRO C 34 -16.07 18.33 10.30
C PRO C 34 -15.04 17.88 11.31
N LEU C 35 -14.08 18.73 11.67
CA LEU C 35 -13.01 18.34 12.59
C LEU C 35 -13.49 18.13 14.01
N THR C 36 -14.71 18.53 14.33
CA THR C 36 -15.27 18.36 15.67
C THR C 36 -16.44 17.39 15.72
N GLY C 37 -17.30 17.41 14.69
CA GLY C 37 -18.49 16.60 14.69
C GLY C 37 -19.71 17.24 15.33
N GLN C 38 -19.56 18.43 15.89
CA GLN C 38 -20.66 19.13 16.55
C GLN C 38 -21.21 20.23 15.63
N THR C 39 -22.52 20.45 15.73
CA THR C 39 -23.18 21.45 14.90
C THR C 39 -22.72 22.85 15.28
N ALA C 40 -22.81 23.75 14.31
CA ALA C 40 -22.51 25.16 14.56
C ALA C 40 -23.64 25.77 15.38
N PRO C 41 -23.33 26.45 16.48
CA PRO C 41 -24.39 27.05 17.30
C PRO C 41 -25.15 28.13 16.53
N GLY C 42 -26.47 28.13 16.67
CA GLY C 42 -27.31 29.08 15.98
C GLY C 42 -27.64 28.73 14.54
N VAL C 43 -27.13 27.62 14.02
CA VAL C 43 -27.37 27.21 12.64
C VAL C 43 -27.91 25.80 12.65
N ALA C 44 -29.08 25.60 12.05
CA ALA C 44 -29.68 24.28 11.92
C ALA C 44 -28.99 23.51 10.78
N PRO C 45 -29.01 22.18 10.84
CA PRO C 45 -28.46 21.40 9.72
C PRO C 45 -29.26 21.63 8.44
N ARG C 46 -28.55 21.85 7.35
CA ARG C 46 -29.17 22.19 6.06
C ARG C 46 -29.60 20.90 5.37
N GLY C 47 -30.88 20.61 5.39
CA GLY C 47 -31.43 19.47 4.70
C GLY C 47 -31.76 18.30 5.62
N ASN C 48 -31.82 17.12 5.02
CA ASN C 48 -32.15 15.88 5.74
C ASN C 48 -30.85 15.28 6.26
N TRP C 49 -30.51 15.63 7.51
CA TRP C 49 -29.30 15.10 8.11
C TRP C 49 -29.43 13.62 8.46
N SER C 50 -30.62 13.17 8.85
CA SER C 50 -30.80 11.81 9.35
C SER C 50 -30.59 10.75 8.28
N SER C 51 -30.54 11.13 7.01
CA SER C 51 -30.25 10.14 5.96
C SER C 51 -28.85 9.57 6.09
N PHE C 52 -27.86 10.42 6.40
CA PHE C 52 -26.47 10.00 6.49
C PHE C 52 -25.87 10.21 7.86
N PHE C 53 -26.60 10.82 8.80
CA PHE C 53 -26.04 11.18 10.10
C PHE C 53 -26.93 10.65 11.21
N SER C 54 -26.57 10.99 12.44
CA SER C 54 -27.32 10.61 13.62
C SER C 54 -27.03 11.61 14.73
N LYS C 55 -28.08 12.00 15.46
CA LYS C 55 -27.93 12.90 16.61
C LYS C 55 -27.62 12.04 17.83
N LEU C 56 -26.34 11.74 18.02
CA LEU C 56 -25.89 10.85 19.09
C LEU C 56 -25.73 11.67 20.36
N GLY C 57 -26.56 11.37 21.36
CA GLY C 57 -26.50 12.07 22.64
C GLY C 57 -25.81 11.27 23.73
N GLY C 62 -26.51 16.48 22.07
CA GLY C 62 -25.92 15.47 21.21
C GLY C 62 -25.02 16.03 20.13
N SER C 63 -24.56 15.17 19.24
CA SER C 63 -23.68 15.56 18.15
C SER C 63 -24.19 14.96 16.85
N TYR C 64 -24.00 15.70 15.76
CA TYR C 64 -24.42 15.25 14.42
C TYR C 64 -23.33 14.34 13.83
N VAL C 65 -23.24 13.15 14.41
CA VAL C 65 -22.17 12.24 14.01
C VAL C 65 -22.51 11.60 12.68
N PRO C 66 -21.54 11.40 11.80
CA PRO C 66 -21.79 10.65 10.57
C PRO C 66 -22.12 9.19 10.86
N ARG C 67 -22.94 8.60 9.98
CA ARG C 67 -23.19 7.17 10.01
C ARG C 67 -22.18 6.48 9.10
N ALA C 68 -20.95 6.39 9.62
CA ALA C 68 -19.84 5.82 8.88
C ALA C 68 -19.15 4.75 9.72
N ILE C 69 -18.79 3.65 9.06
CA ILE C 69 -18.04 2.57 9.68
C ILE C 69 -16.71 2.45 8.94
N MET C 70 -15.61 2.50 9.68
CA MET C 70 -14.28 2.40 9.09
C MET C 70 -13.58 1.15 9.58
N VAL C 71 -13.21 0.29 8.65
CA VAL C 71 -12.40 -0.88 8.92
C VAL C 71 -11.19 -0.88 8.00
N ASP C 72 -10.02 -1.13 8.57
CA ASP C 72 -8.79 -1.25 7.81
C ASP C 72 -7.84 -2.12 8.62
N LEU C 73 -7.13 -2.99 7.93
CA LEU C 73 -6.28 -3.96 8.62
C LEU C 73 -4.92 -3.38 9.00
N GLU C 74 -4.65 -2.11 8.71
CA GLU C 74 -3.45 -1.44 9.17
C GLU C 74 -3.81 -0.16 9.94
N PRO C 75 -3.06 0.20 10.98
CA PRO C 75 -3.47 1.32 11.84
C PRO C 75 -3.27 2.68 11.20
N SER C 76 -2.40 2.78 10.19
CA SER C 76 -1.94 4.08 9.70
C SER C 76 -3.09 4.90 9.15
N VAL C 77 -3.95 4.29 8.34
CA VAL C 77 -5.00 5.05 7.67
C VAL C 77 -6.07 5.49 8.65
N ILE C 78 -6.46 4.61 9.57
CA ILE C 78 -7.45 4.98 10.57
C ILE C 78 -6.92 6.10 11.46
N ASP C 79 -5.65 6.02 11.85
CA ASP C 79 -5.05 7.07 12.67
C ASP C 79 -4.98 8.39 11.90
N ASN C 80 -4.62 8.35 10.62
CA ASN C 80 -4.56 9.57 9.82
C ASN C 80 -5.93 10.18 9.63
N VAL C 81 -6.95 9.35 9.43
CA VAL C 81 -8.32 9.85 9.30
C VAL C 81 -8.78 10.48 10.61
N LYS C 82 -8.43 9.86 11.74
CA LYS C 82 -8.76 10.45 13.03
C LYS C 82 -8.07 11.79 13.22
N ALA C 83 -6.80 11.88 12.81
CA ALA C 83 -6.07 13.14 12.93
C ALA C 83 -6.69 14.24 12.06
N THR C 84 -7.07 13.89 10.83
CA THR C 84 -7.65 14.86 9.91
C THR C 84 -9.12 15.12 10.16
N SER C 85 -9.78 14.34 11.02
CA SER C 85 -11.21 14.49 11.26
C SER C 85 -11.58 14.67 12.72
N GLY C 86 -10.70 14.39 13.66
CA GLY C 86 -11.02 14.62 15.07
C GLY C 86 -12.04 13.62 15.57
N SER C 87 -12.98 14.11 16.38
CA SER C 87 -14.02 13.30 16.98
C SER C 87 -15.26 13.20 16.10
N LEU C 88 -15.12 13.37 14.79
CA LEU C 88 -16.26 13.28 13.88
C LEU C 88 -16.89 11.90 13.92
N PHE C 89 -16.07 10.86 13.82
CA PHE C 89 -16.54 9.49 13.79
C PHE C 89 -16.44 8.84 15.16
N ASN C 90 -17.39 7.95 15.46
CA ASN C 90 -17.37 7.22 16.71
C ASN C 90 -16.21 6.25 16.72
N PRO C 91 -15.38 6.24 17.77
CA PRO C 91 -14.30 5.23 17.85
C PRO C 91 -14.82 3.80 17.84
N ALA C 92 -16.04 3.55 18.30
CA ALA C 92 -16.62 2.21 18.18
C ALA C 92 -16.86 1.84 16.73
N ASN C 93 -17.11 2.82 15.86
CA ASN C 93 -17.26 2.57 14.44
C ASN C 93 -15.93 2.26 13.76
N LEU C 94 -14.81 2.55 14.40
CA LEU C 94 -13.49 2.45 13.79
C LEU C 94 -12.82 1.19 14.30
N ILE C 95 -12.52 0.26 13.41
CA ILE C 95 -11.89 -1.02 13.75
C ILE C 95 -10.61 -1.13 12.95
N SER C 96 -9.50 -1.45 13.64
CA SER C 96 -8.20 -1.54 13.00
C SER C 96 -7.49 -2.81 13.46
N ARG C 97 -6.70 -3.37 12.55
CA ARG C 97 -5.80 -4.49 12.82
C ARG C 97 -4.37 -4.01 12.62
N THR C 98 -3.41 -4.94 12.67
CA THR C 98 -1.99 -4.59 12.66
C THR C 98 -1.30 -4.91 11.34
N GLU C 99 -1.33 -6.17 10.89
CA GLU C 99 -0.49 -6.61 9.80
C GLU C 99 -0.94 -6.10 8.44
N GLY C 100 -2.20 -5.70 8.29
CA GLY C 100 -2.71 -5.31 7.00
C GLY C 100 -3.01 -6.50 6.12
N ALA C 101 -3.63 -6.22 4.98
CA ALA C 101 -3.80 -7.22 3.93
C ALA C 101 -2.73 -7.12 2.86
N GLY C 102 -2.22 -5.92 2.61
CA GLY C 102 -1.07 -5.74 1.76
C GLY C 102 -1.25 -6.09 0.31
N GLY C 103 -2.39 -5.74 -0.28
CA GLY C 103 -2.64 -6.14 -1.65
C GLY C 103 -3.05 -7.59 -1.80
N ASN C 104 -3.31 -8.29 -0.70
CA ASN C 104 -3.76 -9.67 -0.75
C ASN C 104 -5.24 -9.70 -0.40
N PHE C 105 -6.06 -10.09 -1.38
CA PHE C 105 -7.50 -10.16 -1.17
C PHE C 105 -7.84 -11.22 -0.13
N ALA C 106 -7.07 -12.31 -0.10
CA ALA C 106 -7.40 -13.44 0.76
C ALA C 106 -7.25 -13.12 2.24
N VAL C 107 -6.40 -12.17 2.61
CA VAL C 107 -6.32 -11.75 4.00
C VAL C 107 -7.64 -11.14 4.44
N GLY C 108 -8.22 -10.27 3.61
CA GLY C 108 -9.52 -9.72 3.91
C GLY C 108 -10.67 -10.70 3.75
N TYR C 109 -10.48 -11.75 2.95
CA TYR C 109 -11.56 -12.72 2.76
C TYR C 109 -11.42 -13.92 3.69
N LEU C 110 -10.32 -14.67 3.59
CA LEU C 110 -10.08 -15.84 4.43
C LEU C 110 -8.80 -15.60 5.24
N GLY C 111 -8.95 -15.10 6.46
CA GLY C 111 -7.80 -14.77 7.28
C GLY C 111 -8.15 -13.75 8.34
N ALA C 112 -7.39 -12.66 8.42
CA ALA C 112 -7.72 -11.58 9.33
C ALA C 112 -9.07 -10.97 9.04
N GLY C 113 -9.60 -11.15 7.81
CA GLY C 113 -10.95 -10.71 7.52
C GLY C 113 -11.99 -11.43 8.34
N ARG C 114 -11.85 -12.75 8.48
CA ARG C 114 -12.76 -13.51 9.34
C ARG C 114 -12.64 -13.07 10.80
N GLU C 115 -11.43 -12.72 11.24
CA GLU C 115 -11.25 -12.29 12.62
C GLU C 115 -11.89 -10.93 12.86
N VAL C 116 -11.77 -10.01 11.89
CA VAL C 116 -12.30 -8.67 12.06
C VAL C 116 -13.79 -8.56 11.70
N LEU C 117 -14.34 -9.59 11.05
CA LEU C 117 -15.74 -9.55 10.65
C LEU C 117 -16.74 -9.44 11.81
N PRO C 118 -16.63 -10.22 12.90
CA PRO C 118 -17.68 -10.12 13.94
C PRO C 118 -17.79 -8.75 14.58
N GLU C 119 -16.67 -8.07 14.86
CA GLU C 119 -16.75 -6.75 15.46
C GLU C 119 -17.35 -5.73 14.49
N VAL C 120 -16.96 -5.81 13.22
CA VAL C 120 -17.50 -4.90 12.21
C VAL C 120 -19.00 -5.10 12.08
N MET C 121 -19.45 -6.36 12.04
CA MET C 121 -20.88 -6.62 11.92
C MET C 121 -21.65 -6.28 13.18
N SER C 122 -21.04 -6.42 14.36
CA SER C 122 -21.70 -5.95 15.58
C SER C 122 -21.91 -4.44 15.53
N ARG C 123 -20.88 -3.70 15.09
CA ARG C 123 -21.03 -2.26 14.95
C ARG C 123 -22.05 -1.89 13.88
N LEU C 124 -22.10 -2.64 12.78
CA LEU C 124 -23.06 -2.38 11.73
C LEU C 124 -24.49 -2.63 12.22
N ASP C 125 -24.69 -3.69 13.01
CA ASP C 125 -26.00 -3.93 13.59
C ASP C 125 -26.38 -2.84 14.57
N TYR C 126 -25.41 -2.35 15.35
CA TYR C 126 -25.68 -1.22 16.24
C TYR C 126 -26.12 0.00 15.45
N GLU C 127 -25.44 0.29 14.35
CA GLU C 127 -25.77 1.47 13.56
C GLU C 127 -27.12 1.33 12.86
N ILE C 128 -27.41 0.15 12.31
CA ILE C 128 -28.66 -0.05 11.59
C ILE C 128 -29.83 -0.08 12.55
N ASP C 129 -29.61 -0.53 13.79
CA ASP C 129 -30.66 -0.48 14.81
C ASP C 129 -31.01 0.96 15.18
N LYS C 130 -30.14 1.91 14.90
CA LYS C 130 -30.42 3.32 15.07
C LYS C 130 -30.96 3.96 13.79
N CYS C 131 -31.06 3.19 12.71
CA CYS C 131 -31.63 3.68 11.47
C CYS C 131 -33.14 3.53 11.47
N ASP C 132 -33.81 4.52 10.88
CA ASP C 132 -35.26 4.47 10.78
C ASP C 132 -35.70 3.53 9.66
N ASN C 133 -35.24 3.79 8.44
CA ASN C 133 -35.47 2.92 7.29
C ASN C 133 -34.24 3.01 6.40
N VAL C 134 -33.33 2.05 6.55
CA VAL C 134 -32.13 2.02 5.72
C VAL C 134 -32.54 1.63 4.30
N GLY C 135 -32.15 2.45 3.33
CA GLY C 135 -32.48 2.20 1.94
C GLY C 135 -31.23 2.18 1.08
N GLY C 136 -30.09 1.99 1.72
CA GLY C 136 -28.84 1.96 1.00
C GLY C 136 -27.61 1.90 1.88
N ILE C 137 -26.59 1.16 1.45
CA ILE C 137 -25.32 1.08 2.13
C ILE C 137 -24.23 1.41 1.12
N ILE C 138 -23.52 2.50 1.35
CA ILE C 138 -22.46 2.96 0.45
C ILE C 138 -21.13 2.42 0.97
N VAL C 139 -20.50 1.56 0.18
CA VAL C 139 -19.24 0.91 0.54
C VAL C 139 -18.14 1.68 -0.17
N LEU C 140 -17.53 2.63 0.53
CA LEU C 140 -16.41 3.42 0.02
C LEU C 140 -15.14 2.59 0.13
N HIS C 141 -14.58 2.16 -1.01
CA HIS C 141 -13.39 1.34 -0.96
C HIS C 141 -12.67 1.41 -2.30
N ALA C 142 -11.42 0.95 -2.29
CA ALA C 142 -10.66 0.73 -3.50
C ALA C 142 -10.51 -0.76 -3.69
N ILE C 143 -11.11 -1.30 -4.77
CA ILE C 143 -11.00 -2.73 -5.02
C ILE C 143 -9.64 -3.10 -5.58
N GLY C 144 -8.79 -2.13 -5.92
CA GLY C 144 -7.42 -2.46 -6.28
C GLY C 144 -6.58 -2.84 -5.09
N GLY C 145 -6.93 -2.33 -3.90
CA GLY C 145 -6.18 -2.64 -2.70
C GLY C 145 -6.57 -3.97 -2.10
N GLY C 146 -5.82 -4.37 -1.07
CA GLY C 146 -6.02 -5.66 -0.45
C GLY C 146 -7.10 -5.70 0.61
N THR C 147 -6.96 -4.83 1.62
CA THR C 147 -7.97 -4.77 2.68
C THR C 147 -9.33 -4.37 2.12
N GLY C 148 -9.33 -3.36 1.24
CA GLY C 148 -10.58 -2.93 0.64
C GLY C 148 -11.29 -4.05 -0.10
N SER C 149 -10.57 -4.73 -1.01
CA SER C 149 -11.17 -5.81 -1.77
C SER C 149 -11.64 -6.95 -0.86
N GLY C 150 -10.75 -7.44 -0.01
CA GLY C 150 -11.08 -8.62 0.79
C GLY C 150 -12.24 -8.37 1.73
N PHE C 151 -12.15 -7.31 2.55
CA PHE C 151 -13.23 -7.13 3.50
C PHE C 151 -14.45 -6.48 2.88
N GLY C 152 -14.35 -5.80 1.73
CA GLY C 152 -15.54 -5.40 1.03
C GLY C 152 -16.31 -6.61 0.52
N ALA C 153 -15.60 -7.58 -0.05
CA ALA C 153 -16.23 -8.83 -0.47
C ALA C 153 -16.90 -9.53 0.71
N LEU C 154 -16.15 -9.71 1.79
CA LEU C 154 -16.70 -10.40 2.95
C LEU C 154 -17.89 -9.64 3.54
N LEU C 155 -17.80 -8.31 3.60
CA LEU C 155 -18.83 -7.51 4.24
C LEU C 155 -20.10 -7.48 3.41
N ILE C 156 -20.00 -7.31 2.09
CA ILE C 156 -21.20 -7.32 1.27
C ILE C 156 -21.81 -8.71 1.21
N GLU C 157 -20.98 -9.76 1.19
CA GLU C 157 -21.50 -11.11 1.23
C GLU C 157 -22.26 -11.39 2.52
N SER C 158 -21.71 -10.93 3.66
CA SER C 158 -22.39 -11.12 4.93
C SER C 158 -23.65 -10.27 5.04
N LEU C 159 -23.66 -9.07 4.45
CA LEU C 159 -24.89 -8.29 4.40
C LEU C 159 -25.97 -9.02 3.62
N LYS C 160 -25.65 -9.48 2.41
CA LYS C 160 -26.66 -10.19 1.62
C LYS C 160 -27.02 -11.55 2.19
N GLU C 161 -26.17 -12.14 3.03
CA GLU C 161 -26.53 -13.35 3.75
C GLU C 161 -27.46 -13.07 4.92
N LYS C 162 -27.24 -11.97 5.64
CA LYS C 162 -28.10 -11.62 6.77
C LYS C 162 -29.28 -10.75 6.33
N TYR C 163 -28.98 -9.60 5.75
CA TYR C 163 -29.96 -8.71 5.16
C TYR C 163 -30.12 -9.08 3.68
N GLY C 164 -30.67 -8.17 2.88
CA GLY C 164 -30.92 -8.44 1.48
C GLY C 164 -32.14 -7.70 0.97
N GLU C 165 -32.88 -7.09 1.89
CA GLU C 165 -33.85 -6.06 1.54
C GLU C 165 -33.19 -4.69 1.38
N ILE C 166 -31.90 -4.59 1.71
CA ILE C 166 -31.19 -3.32 1.77
C ILE C 166 -30.40 -3.13 0.49
N PRO C 167 -30.61 -2.06 -0.26
CA PRO C 167 -29.74 -1.77 -1.40
C PRO C 167 -28.31 -1.51 -0.95
N VAL C 168 -27.36 -1.90 -1.81
CA VAL C 168 -25.94 -1.69 -1.56
C VAL C 168 -25.34 -0.98 -2.76
N LEU C 169 -24.90 0.26 -2.54
CA LEU C 169 -24.15 1.02 -3.53
C LEU C 169 -22.68 0.99 -3.15
N SER C 170 -21.86 0.40 -4.01
CA SER C 170 -20.42 0.43 -3.79
C SER C 170 -19.83 1.64 -4.50
N CYS C 171 -18.75 2.18 -3.94
CA CYS C 171 -18.00 3.26 -4.55
C CYS C 171 -16.54 2.79 -4.53
N ALA C 172 -16.13 2.16 -5.61
CA ALA C 172 -14.85 1.49 -5.70
C ALA C 172 -13.89 2.28 -6.58
N VAL C 173 -12.67 2.43 -6.11
CA VAL C 173 -11.60 3.11 -6.84
C VAL C 173 -10.83 2.07 -7.63
N LEU C 174 -10.88 2.16 -8.95
CA LEU C 174 -10.19 1.22 -9.80
C LEU C 174 -8.69 1.54 -9.89
N PRO C 175 -7.88 0.54 -10.20
CA PRO C 175 -6.48 0.82 -10.56
C PRO C 175 -6.41 1.73 -11.79
N SER C 176 -5.44 2.63 -11.78
CA SER C 176 -5.33 3.58 -12.87
C SER C 176 -4.65 2.94 -14.08
N PRO C 177 -5.10 3.23 -15.29
CA PRO C 177 -4.39 2.74 -16.47
C PRO C 177 -3.10 3.50 -16.77
N GLN C 178 -2.87 4.64 -16.12
CA GLN C 178 -1.59 5.31 -16.28
C GLN C 178 -0.50 4.61 -15.47
N VAL C 179 -0.85 4.12 -14.29
CA VAL C 179 0.10 3.47 -13.39
C VAL C 179 -0.66 2.63 -12.39
N SER C 180 -0.07 1.50 -12.00
CA SER C 180 -0.61 0.69 -10.93
C SER C 180 0.03 1.10 -9.61
N SER C 181 -0.80 1.16 -8.56
CA SER C 181 -0.30 1.43 -7.22
C SER C 181 0.01 0.15 -6.45
N VAL C 182 -0.61 -0.97 -6.82
CA VAL C 182 -0.28 -2.29 -6.30
C VAL C 182 -0.24 -3.24 -7.48
N VAL C 183 0.74 -4.14 -7.50
CA VAL C 183 0.84 -5.04 -8.65
C VAL C 183 -0.20 -6.16 -8.59
N THR C 184 -0.74 -6.44 -7.41
CA THR C 184 -1.86 -7.37 -7.27
C THR C 184 -3.21 -6.66 -7.33
N GLU C 185 -3.23 -5.44 -7.86
CA GLU C 185 -4.50 -4.77 -8.14
C GLU C 185 -5.43 -5.57 -9.05
N PRO C 186 -4.97 -6.22 -10.14
CA PRO C 186 -5.92 -7.05 -10.91
C PRO C 186 -6.55 -8.16 -10.10
N TYR C 187 -5.75 -8.87 -9.29
CA TYR C 187 -6.28 -9.93 -8.44
C TYR C 187 -7.35 -9.39 -7.51
N ASN C 188 -7.02 -8.34 -6.76
CA ASN C 188 -7.95 -7.79 -5.79
C ASN C 188 -9.20 -7.25 -6.47
N THR C 189 -9.03 -6.57 -7.60
CA THR C 189 -10.15 -5.97 -8.30
C THR C 189 -11.13 -7.03 -8.79
N VAL C 190 -10.63 -8.09 -9.43
CA VAL C 190 -11.52 -9.14 -9.92
C VAL C 190 -12.16 -9.90 -8.76
N PHE C 191 -11.38 -10.17 -7.72
CA PHE C 191 -11.88 -10.95 -6.58
C PHE C 191 -12.99 -10.20 -5.86
N ALA C 192 -12.85 -8.89 -5.68
CA ALA C 192 -13.92 -8.11 -5.09
C ALA C 192 -15.05 -7.85 -6.08
N LEU C 193 -14.75 -7.80 -7.38
CA LEU C 193 -15.76 -7.56 -8.40
C LEU C 193 -16.77 -8.70 -8.49
N ASN C 194 -16.30 -9.93 -8.31
CA ASN C 194 -17.24 -11.06 -8.27
C ASN C 194 -18.29 -10.85 -7.19
N THR C 195 -17.86 -10.51 -5.97
CA THR C 195 -18.81 -10.33 -4.89
C THR C 195 -19.63 -9.06 -5.06
N LEU C 196 -19.07 -8.05 -5.74
CA LEU C 196 -19.85 -6.87 -6.07
C LEU C 196 -21.02 -7.24 -6.97
N ARG C 197 -20.79 -8.09 -7.96
CA ARG C 197 -21.88 -8.49 -8.85
C ARG C 197 -22.85 -9.43 -8.12
N ARG C 198 -22.32 -10.31 -7.26
CA ARG C 198 -23.19 -11.22 -6.51
C ARG C 198 -23.98 -10.47 -5.44
N SER C 199 -23.34 -9.60 -4.67
CA SER C 199 -23.95 -9.07 -3.46
C SER C 199 -24.31 -7.60 -3.56
N ALA C 200 -23.38 -6.75 -4.00
CA ALA C 200 -23.65 -5.32 -4.05
C ALA C 200 -24.71 -5.02 -5.11
N ASP C 201 -25.73 -4.25 -4.71
CA ASP C 201 -26.81 -3.90 -5.64
C ASP C 201 -26.42 -2.78 -6.59
N ALA C 202 -25.34 -2.05 -6.30
CA ALA C 202 -24.82 -1.05 -7.22
C ALA C 202 -23.34 -0.83 -6.93
N CYS C 203 -22.64 -0.29 -7.90
CA CYS C 203 -21.24 0.03 -7.72
C CYS C 203 -20.90 1.30 -8.49
N LEU C 204 -20.34 2.28 -7.79
CA LEU C 204 -19.85 3.51 -8.39
C LEU C 204 -18.34 3.41 -8.57
N ILE C 205 -17.86 3.81 -9.74
CA ILE C 205 -16.47 3.59 -10.13
C ILE C 205 -15.76 4.92 -10.28
N PHE C 206 -14.61 5.05 -9.62
CA PHE C 206 -13.70 6.16 -9.80
C PHE C 206 -12.40 5.67 -10.40
N ASP C 207 -11.57 6.62 -10.82
CA ASP C 207 -10.26 6.31 -11.36
C ASP C 207 -9.39 7.55 -11.22
N ASN C 208 -8.15 7.35 -10.78
CA ASN C 208 -7.33 8.48 -10.37
C ASN C 208 -6.84 9.31 -11.55
N GLU C 209 -6.53 8.69 -12.68
CA GLU C 209 -6.00 9.45 -13.82
C GLU C 209 -7.00 10.46 -14.35
N ALA C 210 -8.28 10.06 -14.43
CA ALA C 210 -9.32 10.97 -14.90
C ALA C 210 -9.46 12.15 -13.98
N LEU C 211 -9.44 11.91 -12.66
CA LEU C 211 -9.54 13.02 -11.71
C LEU C 211 -8.31 13.91 -11.78
N PHE C 212 -7.14 13.31 -12.06
CA PHE C 212 -5.92 14.10 -12.23
C PHE C 212 -6.03 15.06 -13.40
N ASP C 213 -6.47 14.55 -14.56
CA ASP C 213 -6.60 15.45 -15.70
C ASP C 213 -7.77 16.41 -15.56
N LEU C 214 -8.76 16.06 -14.73
CA LEU C 214 -9.88 16.95 -14.45
C LEU C 214 -9.52 18.06 -13.45
N ALA C 215 -8.52 17.83 -12.61
CA ALA C 215 -8.11 18.81 -11.61
C ALA C 215 -6.77 19.45 -11.92
N HIS C 216 -6.14 19.11 -13.04
CA HIS C 216 -4.87 19.74 -13.42
C HIS C 216 -5.07 20.97 -14.29
N ARG C 217 -5.69 20.80 -15.46
CA ARG C 217 -5.93 21.93 -16.35
C ARG C 217 -7.29 22.56 -16.10
N LYS C 218 -8.25 21.79 -15.59
CA LYS C 218 -9.61 22.27 -15.35
C LYS C 218 -9.85 22.61 -13.88
N TRP C 219 -8.78 22.74 -13.09
CA TRP C 219 -8.84 23.36 -11.78
C TRP C 219 -7.71 24.37 -11.60
N ASN C 220 -6.84 24.54 -12.60
CA ASN C 220 -5.74 25.50 -12.59
C ASN C 220 -4.76 25.20 -11.46
N ILE C 221 -4.47 23.93 -11.27
CA ILE C 221 -3.42 23.46 -10.37
C ILE C 221 -2.38 22.73 -11.21
N GLU C 222 -1.12 23.16 -11.09
CA GLU C 222 -0.05 22.57 -11.89
C GLU C 222 0.10 21.07 -11.60
N SER C 223 -0.04 20.68 -10.34
CA SER C 223 0.05 19.27 -9.95
C SER C 223 -0.76 19.04 -8.68
N PRO C 224 -1.95 18.49 -8.80
CA PRO C 224 -2.77 18.24 -7.61
C PRO C 224 -2.26 17.05 -6.80
N THR C 225 -2.59 17.06 -5.51
CA THR C 225 -2.30 15.97 -4.61
C THR C 225 -3.39 14.90 -4.72
N VAL C 226 -3.29 13.85 -3.91
CA VAL C 226 -4.42 12.93 -3.76
C VAL C 226 -5.57 13.59 -3.01
N ASP C 227 -5.28 14.65 -2.24
CA ASP C 227 -6.35 15.36 -1.55
C ASP C 227 -7.30 15.99 -2.56
N ASP C 228 -6.78 16.54 -3.65
CA ASP C 228 -7.64 17.05 -4.71
C ASP C 228 -8.37 15.92 -5.42
N LEU C 229 -7.73 14.76 -5.56
CA LEU C 229 -8.40 13.58 -6.12
C LEU C 229 -9.65 13.24 -5.31
N ASN C 230 -9.48 13.07 -3.99
CA ASN C 230 -10.60 12.72 -3.14
C ASN C 230 -11.57 13.88 -2.97
N LEU C 231 -11.11 15.12 -3.18
CA LEU C 231 -12.03 16.25 -3.14
C LEU C 231 -12.93 16.27 -4.37
N LEU C 232 -12.39 15.93 -5.54
CA LEU C 232 -13.23 15.81 -6.73
C LEU C 232 -14.21 14.65 -6.58
N ILE C 233 -13.74 13.50 -6.09
CA ILE C 233 -14.62 12.38 -5.77
C ILE C 233 -15.67 12.81 -4.77
N THR C 234 -15.28 13.66 -3.82
CA THR C 234 -16.18 14.12 -2.78
C THR C 234 -17.26 15.05 -3.33
N GLU C 235 -16.90 15.93 -4.27
CA GLU C 235 -17.92 16.73 -4.95
C GLU C 235 -18.89 15.84 -5.68
N ALA C 236 -18.38 14.79 -6.34
CA ALA C 236 -19.24 13.82 -7.00
C ALA C 236 -20.22 13.18 -6.01
N LEU C 237 -19.70 12.66 -4.89
CA LEU C 237 -20.55 12.00 -3.91
C LEU C 237 -21.53 12.97 -3.25
N ALA C 238 -21.12 14.20 -3.00
CA ALA C 238 -22.02 15.19 -2.42
C ALA C 238 -23.17 15.48 -3.37
N GLY C 239 -22.87 15.65 -4.65
CA GLY C 239 -23.94 15.84 -5.63
C GLY C 239 -24.85 14.63 -5.73
N ILE C 240 -24.27 13.43 -5.68
CA ILE C 240 -25.08 12.21 -5.79
C ILE C 240 -26.02 12.08 -4.60
N THR C 241 -25.49 12.25 -3.39
CA THR C 241 -26.27 12.03 -2.19
C THR C 241 -27.13 13.22 -1.81
N ALA C 242 -26.97 14.38 -2.46
CA ALA C 242 -27.85 15.51 -2.21
C ALA C 242 -29.29 15.17 -2.53
N SER C 243 -29.52 14.26 -3.48
CA SER C 243 -30.86 13.76 -3.73
C SER C 243 -31.41 13.03 -2.51
N MET C 244 -30.57 12.28 -1.81
CA MET C 244 -30.95 11.61 -0.57
C MET C 244 -30.85 12.53 0.63
N ARG C 245 -30.40 13.77 0.45
CA ARG C 245 -30.02 14.64 1.56
C ARG C 245 -30.85 15.92 1.66
N PHE C 246 -31.46 16.37 0.56
CA PHE C 246 -32.25 17.60 0.56
C PHE C 246 -33.65 17.32 0.06
N SER C 247 -34.63 17.94 0.72
CA SER C 247 -36.04 17.79 0.36
C SER C 247 -36.70 19.17 0.39
N GLY C 248 -37.80 19.30 -0.34
CA GLY C 248 -38.48 20.57 -0.46
C GLY C 248 -39.43 20.57 -1.64
N PHE C 249 -39.84 21.78 -2.04
CA PHE C 249 -40.90 21.91 -3.04
C PHE C 249 -40.38 21.60 -4.44
N LEU C 250 -39.45 22.42 -4.93
CA LEU C 250 -38.95 22.20 -6.29
C LEU C 250 -38.04 20.99 -6.37
N THR C 251 -37.25 20.75 -5.34
CA THR C 251 -36.35 19.61 -5.34
C THR C 251 -37.12 18.31 -5.15
N VAL C 252 -36.65 17.27 -5.82
CA VAL C 252 -37.23 15.93 -5.74
C VAL C 252 -36.31 15.05 -4.90
N GLU C 253 -36.88 14.36 -3.92
CA GLU C 253 -36.11 13.49 -3.04
C GLU C 253 -35.95 12.14 -3.71
N ILE C 254 -34.71 11.68 -3.80
CA ILE C 254 -34.37 10.41 -4.43
C ILE C 254 -33.63 9.57 -3.41
N SER C 255 -34.28 8.52 -2.92
CA SER C 255 -33.63 7.57 -2.05
C SER C 255 -32.55 6.80 -2.81
N LEU C 256 -31.67 6.14 -2.05
CA LEU C 256 -30.68 5.31 -2.71
C LEU C 256 -31.35 4.12 -3.39
N ARG C 257 -32.46 3.64 -2.82
CA ARG C 257 -33.26 2.64 -3.54
C ARG C 257 -33.96 3.26 -4.75
N GLU C 258 -34.37 4.53 -4.63
CA GLU C 258 -34.91 5.24 -5.79
C GLU C 258 -33.87 5.40 -6.88
N LEU C 259 -32.68 5.89 -6.51
CA LEU C 259 -31.58 6.02 -7.45
C LEU C 259 -31.18 4.68 -8.02
N LEU C 260 -31.32 3.61 -7.22
CA LEU C 260 -31.03 2.26 -7.68
C LEU C 260 -32.04 1.81 -8.73
N THR C 261 -33.34 1.97 -8.43
CA THR C 261 -34.38 1.54 -9.35
C THR C 261 -34.34 2.35 -10.64
N ASN C 262 -33.90 3.60 -10.57
CA ASN C 262 -33.79 4.40 -11.78
C ASN C 262 -32.49 4.15 -12.54
N LEU C 263 -31.43 3.73 -11.86
CA LEU C 263 -30.13 3.61 -12.51
C LEU C 263 -29.72 2.17 -12.80
N VAL C 264 -30.39 1.19 -12.22
CA VAL C 264 -30.04 -0.21 -12.40
C VAL C 264 -31.20 -0.91 -13.10
N PRO C 265 -31.14 -1.06 -14.42
CA PRO C 265 -32.22 -1.76 -15.13
C PRO C 265 -32.21 -3.26 -14.89
N GLN C 266 -31.04 -3.89 -15.01
CA GLN C 266 -30.92 -5.33 -14.86
C GLN C 266 -30.10 -5.66 -13.61
N PRO C 267 -30.34 -6.81 -12.99
CA PRO C 267 -29.66 -7.10 -11.70
C PRO C 267 -28.15 -7.08 -11.78
N SER C 268 -27.56 -7.49 -12.89
CA SER C 268 -26.11 -7.44 -13.07
C SER C 268 -25.62 -6.13 -13.67
N LEU C 269 -26.54 -5.26 -14.08
CA LEU C 269 -26.19 -3.99 -14.71
C LEU C 269 -26.27 -2.86 -13.67
N HIS C 270 -25.24 -2.82 -12.82
CA HIS C 270 -25.28 -1.92 -11.66
C HIS C 270 -23.94 -1.23 -11.41
N PHE C 271 -23.17 -0.95 -12.46
CA PHE C 271 -21.93 -0.21 -12.36
C PHE C 271 -22.07 1.15 -13.01
N LEU C 272 -21.74 2.20 -12.27
CA LEU C 272 -22.06 3.56 -12.64
C LEU C 272 -20.81 4.42 -12.76
N MET C 273 -20.83 5.32 -13.74
CA MET C 273 -19.86 6.39 -13.89
C MET C 273 -20.42 7.67 -13.28
N CYS C 274 -19.52 8.59 -12.96
CA CYS C 274 -19.91 9.86 -12.37
C CYS C 274 -19.12 11.00 -12.99
N ALA C 275 -19.77 12.16 -13.08
CA ALA C 275 -19.18 13.37 -13.64
C ALA C 275 -19.72 14.57 -12.89
N PHE C 276 -19.02 15.70 -13.01
CA PHE C 276 -19.38 16.92 -12.28
C PHE C 276 -19.25 18.13 -13.19
N ALA C 277 -20.12 19.11 -12.94
CA ALA C 277 -20.06 20.40 -13.62
C ALA C 277 -20.41 21.49 -12.61
N PRO C 278 -19.82 22.69 -12.75
CA PRO C 278 -18.84 23.10 -13.76
C PRO C 278 -17.42 22.70 -13.40
N LEU C 279 -16.55 22.60 -14.41
CA LEU C 279 -15.15 22.26 -14.21
C LEU C 279 -14.31 23.53 -14.13
N THR C 280 -14.69 24.40 -13.19
CA THR C 280 -14.03 25.68 -13.00
C THR C 280 -13.68 25.87 -11.53
N PRO C 281 -12.59 26.58 -11.22
CA PRO C 281 -12.27 26.86 -9.83
C PRO C 281 -13.33 27.76 -9.21
N PRO C 282 -13.61 27.59 -7.90
CA PRO C 282 -14.61 28.40 -7.20
C PRO C 282 -14.24 29.88 -7.13
N ILE C 292 -26.73 26.30 -17.44
CA ILE C 292 -26.52 26.98 -18.71
C ILE C 292 -25.86 26.02 -19.70
N GLU C 293 -25.97 26.33 -21.00
CA GLU C 293 -25.65 25.37 -22.06
C GLU C 293 -24.18 24.96 -22.03
N GLU C 294 -23.27 25.92 -21.84
CA GLU C 294 -21.86 25.56 -21.72
C GLU C 294 -21.63 24.70 -20.48
N MET C 295 -22.36 24.96 -19.39
CA MET C 295 -22.30 24.10 -18.23
C MET C 295 -22.94 22.75 -18.48
N ILE C 296 -24.02 22.71 -19.27
CA ILE C 296 -24.63 21.44 -19.67
C ILE C 296 -23.60 20.57 -20.39
N LYS C 297 -22.90 21.14 -21.38
CA LYS C 297 -21.92 20.34 -22.09
C LYS C 297 -20.69 20.06 -21.23
N SER C 298 -20.36 20.94 -20.27
CA SER C 298 -19.28 20.64 -19.34
C SER C 298 -19.60 19.42 -18.50
N LEU C 299 -20.88 19.25 -18.13
CA LEU C 299 -21.28 18.02 -17.45
C LEU C 299 -21.13 16.81 -18.35
N PHE C 300 -21.25 16.99 -19.66
CA PHE C 300 -21.27 15.89 -20.61
C PHE C 300 -20.14 16.00 -21.63
N ASP C 301 -18.96 16.40 -21.20
CA ASP C 301 -17.77 16.28 -22.03
C ASP C 301 -17.25 14.85 -21.99
N ASN C 302 -16.41 14.52 -22.98
CA ASN C 302 -15.87 13.17 -23.06
C ASN C 302 -14.93 12.87 -21.90
N GLY C 303 -14.26 13.89 -21.37
CA GLY C 303 -13.37 13.73 -20.25
C GLY C 303 -13.89 14.19 -18.91
N SER C 304 -15.18 14.51 -18.80
CA SER C 304 -15.75 14.99 -17.54
C SER C 304 -16.07 13.88 -16.56
N VAL C 305 -16.12 12.62 -17.00
CA VAL C 305 -16.46 11.54 -16.09
C VAL C 305 -15.28 11.25 -15.18
N PHE C 306 -15.58 10.70 -14.01
CA PHE C 306 -14.54 10.42 -13.02
C PHE C 306 -14.01 9.00 -13.15
N ALA C 307 -13.64 8.64 -14.37
CA ALA C 307 -13.09 7.33 -14.67
C ALA C 307 -12.29 7.46 -15.96
N ALA C 308 -11.08 6.88 -15.95
CA ALA C 308 -10.13 7.09 -17.04
C ALA C 308 -10.61 6.30 -18.26
N CYS C 309 -11.59 6.88 -18.95
CA CYS C 309 -12.21 6.28 -20.11
C CYS C 309 -12.99 7.35 -20.86
N SER C 310 -13.45 6.99 -22.06
CA SER C 310 -14.23 7.89 -22.90
C SER C 310 -15.64 7.33 -23.04
N PRO C 311 -16.60 7.86 -22.27
CA PRO C 311 -17.94 7.29 -22.25
C PRO C 311 -18.82 7.71 -23.42
N MET C 312 -18.41 8.71 -24.21
CA MET C 312 -19.27 9.23 -25.26
C MET C 312 -19.23 8.40 -26.54
N GLU C 313 -18.34 7.42 -26.63
CA GLU C 313 -18.50 6.33 -27.58
C GLU C 313 -19.11 5.11 -26.92
N GLY C 314 -19.47 5.19 -25.65
CA GLY C 314 -20.15 4.12 -24.96
C GLY C 314 -21.65 4.17 -25.21
N ARG C 315 -22.44 3.83 -24.20
CA ARG C 315 -23.89 3.77 -24.39
C ARG C 315 -24.55 3.98 -23.02
N PHE C 316 -25.08 5.17 -22.79
CA PHE C 316 -25.73 5.47 -21.51
C PHE C 316 -27.00 4.63 -21.36
N LEU C 317 -27.00 3.74 -20.36
CA LEU C 317 -28.21 2.98 -20.05
C LEU C 317 -29.27 3.89 -19.45
N SER C 318 -28.95 4.52 -18.32
CA SER C 318 -29.81 5.52 -17.71
C SER C 318 -28.94 6.45 -16.89
N THR C 319 -29.25 7.75 -16.97
CA THR C 319 -28.45 8.78 -16.32
C THR C 319 -29.29 9.55 -15.32
N ALA C 320 -28.81 9.64 -14.09
CA ALA C 320 -29.36 10.55 -13.10
C ALA C 320 -28.58 11.85 -13.20
N VAL C 321 -29.22 12.87 -13.76
CA VAL C 321 -28.64 14.20 -13.86
C VAL C 321 -29.20 15.02 -12.70
N LEU C 322 -28.39 15.26 -11.69
CA LEU C 322 -28.85 15.94 -10.48
C LEU C 322 -28.29 17.36 -10.50
N TYR C 323 -29.14 18.30 -10.87
CA TYR C 323 -28.85 19.72 -10.73
C TYR C 323 -29.01 20.11 -9.27
N ARG C 324 -28.24 21.11 -8.84
CA ARG C 324 -28.38 21.67 -7.50
C ARG C 324 -27.91 23.12 -7.52
N GLY C 325 -28.78 23.99 -7.05
CA GLY C 325 -28.53 25.41 -6.97
C GLY C 325 -29.77 26.21 -7.35
N ILE C 326 -29.57 27.50 -7.57
CA ILE C 326 -30.66 28.35 -8.03
C ILE C 326 -31.02 27.95 -9.46
N MET C 327 -32.32 27.99 -9.77
CA MET C 327 -32.83 27.44 -11.03
C MET C 327 -33.60 28.57 -11.72
N GLU C 328 -32.87 29.39 -12.46
CA GLU C 328 -33.46 30.54 -13.14
C GLU C 328 -33.87 30.25 -14.58
N ASP C 329 -33.69 29.03 -15.06
CA ASP C 329 -34.02 28.68 -16.44
C ASP C 329 -34.64 27.28 -16.51
N LYS C 330 -35.60 27.00 -15.63
CA LYS C 330 -36.15 25.65 -15.52
C LYS C 330 -36.73 25.12 -16.84
N PRO C 331 -37.64 25.83 -17.54
CA PRO C 331 -38.00 25.36 -18.89
C PRO C 331 -36.82 25.37 -19.84
N LEU C 332 -35.96 26.38 -19.75
CA LEU C 332 -34.83 26.48 -20.67
C LEU C 332 -33.81 25.39 -20.40
N ALA C 333 -33.53 25.08 -19.13
CA ALA C 333 -32.60 24.00 -18.83
C ALA C 333 -33.19 22.64 -19.14
N ASP C 334 -34.49 22.44 -18.94
CA ASP C 334 -35.11 21.18 -19.37
C ASP C 334 -35.03 21.02 -20.88
N ALA C 335 -35.26 22.11 -21.62
CA ALA C 335 -35.12 22.05 -23.08
C ALA C 335 -33.68 21.79 -23.49
N ALA C 336 -32.72 22.38 -22.77
CA ALA C 336 -31.31 22.13 -23.05
C ALA C 336 -30.95 20.67 -22.81
N LEU C 337 -31.46 20.10 -21.72
CA LEU C 337 -31.24 18.68 -21.45
C LEU C 337 -31.86 17.80 -22.54
N ALA C 338 -33.08 18.15 -22.98
CA ALA C 338 -33.72 17.39 -24.04
C ALA C 338 -32.94 17.47 -25.34
N ALA C 339 -32.44 18.66 -25.68
CA ALA C 339 -31.64 18.82 -26.89
C ALA C 339 -30.31 18.09 -26.78
N MET C 340 -29.70 18.10 -25.60
CA MET C 340 -28.44 17.40 -25.39
C MET C 340 -28.65 15.89 -25.50
N ARG C 341 -29.81 15.39 -25.06
CA ARG C 341 -30.12 13.97 -25.17
C ARG C 341 -30.09 13.48 -26.61
N GLU C 342 -30.40 14.37 -27.57
CA GLU C 342 -30.47 13.97 -28.97
C GLU C 342 -29.11 13.56 -29.52
N LYS C 343 -28.02 14.15 -29.00
CA LYS C 343 -26.68 13.88 -29.50
C LYS C 343 -25.82 13.15 -28.46
N LEU C 344 -26.46 12.28 -27.67
CA LEU C 344 -25.80 11.40 -26.71
C LEU C 344 -26.18 9.95 -26.97
N PRO C 345 -25.27 9.01 -26.70
CA PRO C 345 -25.57 7.59 -26.93
C PRO C 345 -26.41 7.02 -25.79
N LEU C 346 -27.70 6.81 -26.08
CA LEU C 346 -28.63 6.28 -25.10
C LEU C 346 -29.13 4.91 -25.56
N THR C 347 -29.39 4.03 -24.60
CA THR C 347 -30.02 2.76 -24.91
C THR C 347 -31.44 3.00 -25.39
N TYR C 348 -31.78 2.41 -26.54
CA TYR C 348 -33.14 2.52 -27.04
C TYR C 348 -34.14 1.89 -26.08
N TRP C 349 -33.74 0.80 -25.42
CA TRP C 349 -34.63 0.04 -24.55
C TRP C 349 -34.86 0.70 -23.20
N ILE C 350 -34.26 1.86 -22.97
CA ILE C 350 -34.68 2.75 -21.89
C ILE C 350 -34.89 4.13 -22.49
N PRO C 351 -36.03 4.39 -23.13
CA PRO C 351 -36.29 5.74 -23.66
C PRO C 351 -36.35 6.81 -22.58
N THR C 352 -36.81 6.45 -21.38
CA THR C 352 -36.84 7.39 -20.26
C THR C 352 -35.57 7.32 -19.42
N ALA C 353 -34.42 7.35 -20.10
CA ALA C 353 -33.14 7.10 -19.45
C ALA C 353 -32.61 8.28 -18.68
N PHE C 354 -33.43 9.30 -18.43
CA PHE C 354 -33.00 10.49 -17.70
C PHE C 354 -33.84 10.62 -16.44
N LYS C 355 -33.18 10.61 -15.28
CA LYS C 355 -33.78 11.08 -14.03
C LYS C 355 -33.22 12.46 -13.77
N ILE C 356 -34.02 13.49 -14.07
CA ILE C 356 -33.59 14.87 -13.90
C ILE C 356 -33.92 15.23 -12.45
N GLY C 357 -32.98 14.92 -11.56
CA GLY C 357 -33.15 15.27 -10.16
C GLY C 357 -32.76 16.72 -9.95
N TYR C 358 -33.51 17.41 -9.10
CA TYR C 358 -33.25 18.79 -8.77
C TYR C 358 -33.04 18.92 -7.27
N VAL C 359 -32.13 19.82 -6.89
CA VAL C 359 -31.91 20.21 -5.50
C VAL C 359 -31.78 21.73 -5.46
N GLU C 360 -32.56 22.36 -4.59
CA GLU C 360 -32.50 23.82 -4.50
C GLU C 360 -31.17 24.27 -3.91
N GLN C 361 -30.68 23.58 -2.89
CA GLN C 361 -29.43 23.95 -2.26
C GLN C 361 -28.25 23.51 -3.12
N PRO C 362 -27.33 24.41 -3.46
CA PRO C 362 -26.14 24.00 -4.21
C PRO C 362 -25.06 23.43 -3.31
N GLY C 363 -23.90 23.14 -3.88
CA GLY C 363 -22.73 22.83 -3.08
C GLY C 363 -22.14 24.09 -2.47
N ILE C 364 -21.04 23.89 -1.75
CA ILE C 364 -20.35 25.02 -1.15
C ILE C 364 -19.35 25.64 -2.12
N SER C 365 -18.71 24.82 -2.95
CA SER C 365 -17.74 25.34 -3.91
C SER C 365 -18.43 26.15 -5.01
N HIS C 366 -19.66 25.79 -5.38
CA HIS C 366 -20.35 26.44 -6.48
C HIS C 366 -21.77 26.80 -6.08
N ARG C 367 -22.27 27.90 -6.63
CA ARG C 367 -23.67 28.28 -6.47
C ARG C 367 -24.59 27.51 -7.42
N LYS C 368 -24.00 26.79 -8.38
CA LYS C 368 -24.75 26.10 -9.42
C LYS C 368 -23.91 24.92 -9.89
N SER C 369 -24.32 23.71 -9.54
CA SER C 369 -23.55 22.54 -9.95
C SER C 369 -24.51 21.45 -10.41
N MET C 370 -24.00 20.55 -11.23
CA MET C 370 -24.72 19.32 -11.53
C MET C 370 -23.79 18.13 -11.42
N VAL C 371 -24.38 16.97 -11.12
CA VAL C 371 -23.65 15.71 -11.09
C VAL C 371 -24.33 14.74 -12.04
N LEU C 372 -23.52 14.17 -12.94
CA LEU C 372 -23.94 13.05 -13.77
C LEU C 372 -23.66 11.76 -13.01
N LEU C 373 -24.67 10.90 -12.89
CA LEU C 373 -24.49 9.56 -12.35
C LEU C 373 -25.13 8.60 -13.35
N ALA C 374 -24.32 8.04 -14.24
CA ALA C 374 -24.84 7.32 -15.40
C ALA C 374 -24.48 5.84 -15.31
N ASN C 375 -25.29 5.04 -15.99
CA ASN C 375 -25.00 3.62 -16.24
C ASN C 375 -24.60 3.50 -17.69
N ASN C 376 -23.36 3.09 -17.95
CA ASN C 376 -22.82 3.05 -19.29
C ASN C 376 -22.13 1.72 -19.53
N THR C 377 -22.29 1.17 -20.73
CA THR C 377 -21.60 -0.06 -21.11
C THR C 377 -20.09 0.15 -21.20
N GLU C 378 -19.65 1.38 -21.47
CA GLU C 378 -18.23 1.71 -21.54
C GLU C 378 -17.48 1.27 -20.29
N ILE C 379 -18.11 1.38 -19.13
CA ILE C 379 -17.45 1.04 -17.87
C ILE C 379 -16.99 -0.41 -17.88
N ALA C 380 -17.71 -1.29 -18.57
CA ALA C 380 -17.32 -2.68 -18.62
C ALA C 380 -15.96 -2.83 -19.28
N ARG C 381 -15.73 -2.13 -20.39
CA ARG C 381 -14.44 -2.25 -21.05
C ARG C 381 -13.33 -1.72 -20.15
N VAL C 382 -13.65 -0.77 -19.27
CA VAL C 382 -12.72 -0.35 -18.25
C VAL C 382 -12.28 -1.55 -17.42
N LEU C 383 -13.26 -2.25 -16.84
CA LEU C 383 -12.95 -3.47 -16.10
C LEU C 383 -12.25 -4.49 -16.98
N ASP C 384 -12.56 -4.47 -18.29
CA ASP C 384 -11.92 -5.40 -19.21
C ASP C 384 -10.42 -5.24 -19.20
N ARG C 385 -9.92 -3.99 -19.19
CA ARG C 385 -8.48 -3.82 -19.17
C ARG C 385 -7.89 -4.35 -17.87
N ILE C 386 -8.61 -4.20 -16.75
CA ILE C 386 -8.17 -4.83 -15.52
C ILE C 386 -8.17 -6.34 -15.69
N CYS C 387 -9.22 -6.88 -16.32
CA CYS C 387 -9.22 -8.29 -16.66
C CYS C 387 -8.07 -8.63 -17.59
N HIS C 388 -7.74 -7.71 -18.52
CA HIS C 388 -6.56 -7.91 -19.35
C HIS C 388 -5.31 -7.99 -18.48
N ASN C 389 -5.22 -7.14 -17.46
CA ASN C 389 -4.13 -7.24 -16.50
C ASN C 389 -4.23 -8.54 -15.71
N PHE C 390 -5.45 -9.00 -15.41
CA PHE C 390 -5.61 -10.32 -14.82
C PHE C 390 -5.13 -11.42 -15.75
N ASP C 391 -5.15 -11.18 -17.07
CA ASP C 391 -4.61 -12.14 -18.01
C ASP C 391 -3.09 -12.21 -17.94
N LYS C 392 -2.44 -11.28 -17.24
CA LYS C 392 -0.99 -11.32 -17.15
C LYS C 392 -0.52 -12.02 -15.88
N LEU C 393 -1.23 -11.83 -14.77
CA LEU C 393 -0.81 -12.40 -13.50
C LEU C 393 -1.18 -13.88 -13.35
N TRP C 394 -2.07 -14.40 -14.19
CA TRP C 394 -2.50 -15.79 -14.08
C TRP C 394 -2.14 -16.66 -15.27
N GLN C 395 -1.76 -16.06 -16.40
CA GLN C 395 -1.20 -16.87 -17.48
C GLN C 395 0.10 -17.54 -17.05
N ARG C 396 0.82 -16.93 -16.11
CA ARG C 396 2.07 -17.50 -15.61
C ARG C 396 2.03 -17.85 -14.13
N LYS C 397 0.86 -17.75 -13.48
CA LYS C 397 0.69 -18.14 -12.07
C LYS C 397 1.64 -17.35 -11.16
N ALA C 398 1.40 -16.04 -11.10
CA ALA C 398 2.27 -15.12 -10.38
C ALA C 398 1.53 -14.51 -9.19
N PHE C 399 2.26 -14.32 -8.09
CA PHE C 399 1.78 -13.70 -6.86
C PHE C 399 0.64 -14.47 -6.22
N ALA C 400 0.30 -15.65 -6.71
CA ALA C 400 -0.84 -16.41 -6.25
C ALA C 400 -0.50 -17.41 -5.15
N ASN C 401 0.77 -17.51 -4.78
CA ASN C 401 1.16 -18.44 -3.72
C ASN C 401 0.55 -18.03 -2.39
N TRP C 402 0.56 -16.73 -2.08
CA TRP C 402 -0.02 -16.26 -0.83
C TRP C 402 -1.54 -16.25 -0.86
N TYR C 403 -2.13 -16.10 -2.04
CA TYR C 403 -3.58 -16.29 -2.17
C TYR C 403 -3.98 -17.72 -1.85
N LEU C 404 -3.22 -18.70 -2.34
CA LEU C 404 -3.53 -20.10 -2.04
C LEU C 404 -3.21 -20.44 -0.59
N ASN C 405 -2.11 -19.90 -0.06
CA ASN C 405 -1.69 -20.23 1.30
C ASN C 405 -2.57 -19.57 2.35
N GLU C 406 -3.12 -18.40 2.05
CA GLU C 406 -3.95 -17.69 3.01
C GLU C 406 -5.33 -18.34 3.17
N GLY C 407 -5.76 -19.15 2.21
CA GLY C 407 -7.01 -19.88 2.37
C GLY C 407 -7.79 -20.13 1.10
N MET C 408 -7.52 -19.38 0.03
CA MET C 408 -8.29 -19.53 -1.19
C MET C 408 -7.74 -20.67 -2.04
N SER C 409 -8.44 -20.98 -3.13
CA SER C 409 -8.10 -22.09 -4.00
C SER C 409 -8.04 -21.62 -5.44
N GLU C 410 -7.26 -22.35 -6.25
CA GLU C 410 -7.07 -21.99 -7.65
C GLU C 410 -8.36 -22.11 -8.45
N GLU C 411 -9.13 -23.16 -8.21
CA GLU C 411 -10.42 -23.30 -8.88
C GLU C 411 -11.39 -22.21 -8.46
N GLN C 412 -11.36 -21.82 -7.18
CA GLN C 412 -12.17 -20.70 -6.72
C GLN C 412 -11.80 -19.41 -7.46
N ILE C 413 -10.50 -19.19 -7.65
CA ILE C 413 -10.04 -17.99 -8.36
C ILE C 413 -10.46 -18.03 -9.82
N ASN C 414 -10.41 -19.22 -10.44
CA ASN C 414 -10.91 -19.35 -11.81
C ASN C 414 -12.40 -19.04 -11.87
N VAL C 415 -13.15 -19.48 -10.86
CA VAL C 415 -14.58 -19.16 -10.78
C VAL C 415 -14.78 -17.65 -10.67
N LEU C 416 -13.97 -16.98 -9.85
CA LEU C 416 -14.08 -15.53 -9.69
C LEU C 416 -13.78 -14.80 -10.99
N ARG C 417 -12.74 -15.22 -11.71
CA ARG C 417 -12.41 -14.60 -12.98
C ARG C 417 -13.50 -14.85 -14.02
N ALA C 418 -14.06 -16.07 -14.03
CA ALA C 418 -15.19 -16.36 -14.92
C ALA C 418 -16.40 -15.50 -14.58
N SER C 419 -16.62 -15.22 -13.30
CA SER C 419 -17.71 -14.34 -12.91
C SER C 419 -17.47 -12.91 -13.40
N ALA C 420 -16.23 -12.43 -13.31
CA ALA C 420 -15.92 -11.10 -13.84
C ALA C 420 -16.16 -11.05 -15.35
N GLN C 421 -15.74 -12.11 -16.07
CA GLN C 421 -16.01 -12.17 -17.50
C GLN C 421 -17.50 -12.25 -17.78
N GLU C 422 -18.26 -12.93 -16.91
CA GLU C 422 -19.71 -12.99 -17.04
C GLU C 422 -20.31 -11.59 -16.89
N LEU C 423 -19.79 -10.80 -15.97
CA LEU C 423 -20.23 -9.41 -15.84
C LEU C 423 -19.94 -8.62 -17.11
N VAL C 424 -18.71 -8.70 -17.61
CA VAL C 424 -18.31 -7.90 -18.77
C VAL C 424 -19.12 -8.32 -20.00
N GLN C 425 -19.40 -9.61 -20.14
CA GLN C 425 -20.24 -10.07 -21.24
C GLN C 425 -21.72 -9.79 -21.00
N SER C 426 -22.13 -9.60 -19.74
CA SER C 426 -23.49 -9.19 -19.46
C SER C 426 -23.72 -7.74 -19.88
N TYR C 427 -22.69 -6.91 -19.77
CA TYR C 427 -22.82 -5.53 -20.23
C TYR C 427 -22.92 -5.45 -21.75
N GLN C 428 -22.13 -6.23 -22.48
CA GLN C 428 -22.08 -6.14 -23.94
C GLN C 428 -22.59 -7.39 -24.64
N ARG D 2 2.60 -2.37 15.58
CA ARG D 2 3.52 -1.73 14.65
C ARG D 2 4.93 -1.72 15.25
N GLU D 3 5.64 -2.84 15.14
CA GLU D 3 6.97 -3.00 15.71
C GLU D 3 7.82 -3.86 14.80
N ILE D 4 9.11 -3.52 14.70
CA ILE D 4 10.10 -4.29 13.97
C ILE D 4 11.29 -4.55 14.88
N LEU D 5 11.70 -5.82 14.96
CA LEU D 5 12.94 -6.20 15.63
C LEU D 5 14.02 -6.38 14.57
N SER D 6 15.07 -5.55 14.65
CA SER D 6 16.15 -5.56 13.68
C SER D 6 17.34 -6.31 14.26
N ILE D 7 17.93 -7.20 13.45
CA ILE D 7 19.00 -8.09 13.89
C ILE D 7 20.27 -7.66 13.19
N HIS D 8 21.36 -7.54 13.95
CA HIS D 8 22.65 -7.13 13.38
C HIS D 8 23.72 -8.13 13.80
N VAL D 9 24.19 -8.91 12.85
CA VAL D 9 25.22 -9.91 13.06
C VAL D 9 26.41 -9.59 12.16
N GLY D 10 27.61 -9.64 12.71
CA GLY D 10 28.83 -9.39 11.97
C GLY D 10 29.25 -7.94 12.01
N GLN D 11 30.48 -7.71 11.54
CA GLN D 11 31.04 -6.36 11.53
C GLN D 11 30.36 -5.49 10.48
N CYS D 12 30.15 -6.02 9.28
CA CYS D 12 29.49 -5.25 8.22
C CYS D 12 28.06 -4.91 8.61
N GLY D 13 27.33 -5.88 9.15
CA GLY D 13 25.97 -5.62 9.60
C GLY D 13 25.93 -4.59 10.71
N ASN D 14 26.90 -4.63 11.62
CA ASN D 14 26.92 -3.67 12.71
C ASN D 14 27.32 -2.27 12.26
N GLN D 15 28.18 -2.15 11.23
CA GLN D 15 28.46 -0.83 10.67
C GLN D 15 27.26 -0.28 9.92
N ILE D 16 26.55 -1.15 9.19
CA ILE D 16 25.30 -0.78 8.56
C ILE D 16 24.32 -0.30 9.63
N ALA D 17 24.24 -1.00 10.76
CA ALA D 17 23.38 -0.58 11.86
C ALA D 17 23.81 0.77 12.42
N ASP D 18 25.12 0.97 12.57
CA ASP D 18 25.63 2.24 13.06
C ASP D 18 25.11 3.40 12.22
N SER D 19 25.32 3.31 10.90
CA SER D 19 24.82 4.36 10.01
C SER D 19 23.30 4.41 10.00
N PHE D 20 22.65 3.25 10.12
CA PHE D 20 21.20 3.14 10.03
C PHE D 20 20.54 3.92 11.15
N TRP D 21 20.97 3.69 12.39
CA TRP D 21 20.42 4.47 13.49
C TRP D 21 20.97 5.90 13.51
N ARG D 22 22.18 6.12 12.98
CA ARG D 22 22.71 7.49 12.90
C ARG D 22 21.79 8.39 12.10
N LEU D 23 21.29 7.92 10.95
CA LEU D 23 20.34 8.76 10.24
C LEU D 23 18.89 8.50 10.61
N ALA D 24 18.56 7.36 11.23
CA ALA D 24 17.20 7.11 11.65
C ALA D 24 16.79 8.00 12.81
N LEU D 25 17.69 8.20 13.77
CA LEU D 25 17.36 9.05 14.92
C LEU D 25 17.16 10.50 14.48
N ARG D 26 18.00 10.99 13.55
CA ARG D 26 17.82 12.36 13.08
C ARG D 26 16.66 12.47 12.09
N GLU D 27 16.26 11.35 11.48
CA GLU D 27 15.03 11.36 10.70
C GLU D 27 13.79 11.45 11.57
N HIS D 28 13.92 11.21 12.88
CA HIS D 28 12.84 11.39 13.83
C HIS D 28 13.19 12.47 14.85
N GLY D 29 14.11 13.35 14.50
CA GLY D 29 14.49 14.47 15.36
C GLY D 29 15.20 14.11 16.65
N LEU D 30 16.17 13.20 16.59
CA LEU D 30 17.00 12.87 17.75
C LEU D 30 18.46 12.78 17.33
N THR D 31 19.34 12.97 18.32
CA THR D 31 20.76 12.79 18.09
C THR D 31 21.12 11.30 18.10
N GLU D 32 22.41 11.00 17.95
CA GLU D 32 22.84 9.61 17.93
C GLU D 32 22.67 8.94 19.29
N ALA D 33 22.85 9.69 20.37
CA ALA D 33 22.75 9.14 21.72
C ALA D 33 21.32 8.96 22.19
N GLY D 34 20.34 9.40 21.41
CA GLY D 34 18.94 9.26 21.80
C GLY D 34 18.45 10.35 22.71
N THR D 35 18.54 11.61 22.25
CA THR D 35 18.05 12.75 22.99
C THR D 35 17.10 13.53 22.09
N LEU D 36 15.95 13.92 22.64
CA LEU D 36 14.95 14.65 21.86
C LEU D 36 15.48 16.03 21.48
N LYS D 37 15.30 16.39 20.21
CA LYS D 37 15.79 17.67 19.70
C LYS D 37 14.73 18.75 19.87
N SER D 46 3.65 10.06 11.75
CA SER D 46 4.99 10.16 12.32
C SER D 46 5.20 9.14 13.44
N ASN D 47 4.56 7.97 13.31
CA ASN D 47 4.69 6.93 14.33
C ASN D 47 6.07 6.28 14.28
N MET D 48 6.98 6.75 15.14
CA MET D 48 8.36 6.31 15.16
C MET D 48 8.59 5.11 16.08
N GLU D 49 7.54 4.57 16.69
CA GLU D 49 7.69 3.47 17.63
C GLU D 49 7.81 2.11 16.94
N VAL D 50 7.89 2.07 15.61
CA VAL D 50 8.02 0.80 14.92
C VAL D 50 9.39 0.18 15.18
N PHE D 51 10.43 1.00 15.32
CA PHE D 51 11.79 0.52 15.52
C PHE D 51 12.24 0.58 16.97
N PHE D 52 11.74 1.53 17.74
CA PHE D 52 12.29 1.88 19.04
C PHE D 52 11.35 1.46 20.15
N HIS D 53 11.90 0.83 21.19
CA HIS D 53 11.17 0.50 22.40
C HIS D 53 11.22 1.67 23.37
N LYS D 54 10.18 1.78 24.19
CA LYS D 54 10.04 2.88 25.13
C LYS D 54 10.74 2.53 26.44
N VAL D 55 11.83 3.23 26.74
CA VAL D 55 12.54 3.10 28.01
C VAL D 55 12.60 4.45 28.74
N ARG D 56 12.96 5.50 28.02
CA ARG D 56 13.02 6.85 28.56
C ARG D 56 12.30 7.77 27.58
N ASP D 57 11.75 8.87 28.10
CA ASP D 57 11.04 9.81 27.22
C ASP D 57 11.99 10.40 26.19
N GLY D 58 13.21 10.74 26.60
CA GLY D 58 14.20 11.18 25.64
C GLY D 58 14.87 10.05 24.88
N LYS D 59 15.08 8.91 25.53
CA LYS D 59 15.76 7.76 24.93
C LYS D 59 14.73 6.76 24.45
N TYR D 60 14.40 6.83 23.16
CA TYR D 60 13.65 5.78 22.49
C TYR D 60 14.66 4.74 22.03
N VAL D 61 14.80 3.66 22.80
CA VAL D 61 15.94 2.76 22.64
C VAL D 61 15.74 1.88 21.42
N PRO D 62 16.64 1.90 20.44
CA PRO D 62 16.54 0.94 19.34
C PRO D 62 16.90 -0.46 19.79
N ARG D 63 15.88 -1.30 19.97
CA ARG D 63 16.11 -2.67 20.45
C ARG D 63 16.59 -3.51 19.28
N ALA D 64 17.90 -3.54 19.10
CA ALA D 64 18.54 -4.32 18.06
C ALA D 64 19.75 -5.03 18.65
N VAL D 65 19.88 -6.32 18.38
CA VAL D 65 20.99 -7.09 18.94
C VAL D 65 22.25 -6.84 18.13
N LEU D 66 23.29 -6.36 18.79
CA LEU D 66 24.59 -6.17 18.15
C LEU D 66 25.51 -7.34 18.48
N VAL D 67 25.04 -8.54 18.15
CA VAL D 67 25.82 -9.75 18.41
C VAL D 67 26.82 -9.95 17.28
N ASP D 68 28.05 -10.29 17.65
CA ASP D 68 29.11 -10.53 16.68
C ASP D 68 30.20 -11.34 17.36
N LEU D 69 30.43 -12.55 16.88
CA LEU D 69 31.61 -13.30 17.31
C LEU D 69 32.85 -12.51 16.95
N GLU D 70 33.83 -12.49 17.85
CA GLU D 70 34.95 -11.56 17.79
C GLU D 70 34.39 -10.15 17.64
N PRO D 71 33.84 -9.58 18.72
CA PRO D 71 33.02 -8.36 18.58
C PRO D 71 33.77 -7.18 17.97
N GLY D 72 34.79 -6.67 18.66
CA GLY D 72 35.69 -5.70 18.06
C GLY D 72 35.03 -4.36 17.81
N VAL D 73 34.09 -4.34 16.87
CA VAL D 73 33.41 -3.13 16.44
C VAL D 73 32.31 -2.72 17.42
N ILE D 74 31.74 -3.68 18.16
CA ILE D 74 30.66 -3.38 19.10
C ILE D 74 31.13 -2.38 20.15
N ALA D 75 32.40 -2.47 20.55
CA ALA D 75 32.98 -1.46 21.43
C ALA D 75 32.98 -0.08 20.78
N ARG D 76 33.28 -0.02 19.48
CA ARG D 76 33.26 1.26 18.78
C ARG D 76 31.85 1.76 18.58
N ILE D 77 30.89 0.84 18.45
CA ILE D 77 29.48 1.24 18.41
C ILE D 77 29.08 1.87 19.74
N GLU D 78 29.52 1.27 20.85
CA GLU D 78 29.27 1.79 22.18
C GLU D 78 30.36 2.83 22.52
N GLY D 79 30.28 3.96 21.83
CA GLY D 79 31.24 5.03 22.03
C GLY D 79 30.67 6.40 21.70
N GLN D 84 26.38 7.32 20.62
CA GLN D 84 25.31 6.43 20.20
C GLN D 84 25.17 5.27 21.18
N LEU D 85 24.10 5.30 21.97
CA LEU D 85 23.89 4.37 23.06
C LEU D 85 22.77 3.39 22.71
N PHE D 86 23.08 2.11 22.75
CA PHE D 86 22.12 1.04 22.52
C PHE D 86 21.60 0.52 23.85
N ASP D 87 20.86 -0.58 23.80
CA ASP D 87 20.52 -1.34 25.00
C ASP D 87 21.62 -2.37 25.24
N GLU D 88 22.39 -2.17 26.31
CA GLU D 88 23.56 -3.01 26.56
C GLU D 88 23.18 -4.42 26.96
N SER D 89 21.97 -4.64 27.47
CA SER D 89 21.57 -5.98 27.90
C SER D 89 21.29 -6.89 26.73
N SER D 90 20.60 -6.39 25.70
CA SER D 90 20.21 -7.22 24.56
C SER D 90 21.37 -7.54 23.63
N ILE D 91 22.46 -6.79 23.70
CA ILE D 91 23.62 -7.05 22.85
C ILE D 91 24.68 -7.74 23.70
N VAL D 92 25.58 -8.45 23.02
CA VAL D 92 26.64 -9.20 23.70
C VAL D 92 27.94 -9.05 22.91
N ARG D 93 29.04 -8.91 23.64
CA ARG D 93 30.38 -9.01 23.08
C ARG D 93 30.86 -10.43 23.37
N LYS D 94 30.55 -11.35 22.47
CA LYS D 94 30.81 -12.76 22.67
C LYS D 94 32.31 -13.03 22.74
N ILE D 95 32.66 -14.15 23.36
CA ILE D 95 34.04 -14.66 23.33
C ILE D 95 34.46 -14.81 21.88
N PRO D 96 35.64 -14.31 21.49
CA PRO D 96 35.99 -14.26 20.07
C PRO D 96 36.18 -15.64 19.46
N GLY D 97 36.55 -15.64 18.18
CA GLY D 97 36.66 -16.87 17.43
C GLY D 97 35.69 -16.93 16.27
N ALA D 98 35.44 -15.77 15.64
CA ALA D 98 34.53 -15.74 14.50
C ALA D 98 35.14 -16.43 13.29
N ALA D 99 36.43 -16.19 13.02
CA ALA D 99 37.09 -16.58 11.78
C ALA D 99 36.30 -16.08 10.57
N ASN D 100 36.27 -16.86 9.49
CA ASN D 100 35.33 -16.60 8.41
C ASN D 100 34.55 -17.86 8.06
N ASN D 101 34.44 -18.78 9.01
CA ASN D 101 33.80 -20.07 8.78
C ASN D 101 32.31 -19.96 9.10
N TRP D 102 31.48 -20.41 8.15
CA TRP D 102 30.04 -20.50 8.39
C TRP D 102 29.72 -21.48 9.51
N ALA D 103 30.42 -22.63 9.52
CA ALA D 103 30.19 -23.61 10.58
C ALA D 103 30.63 -23.08 11.94
N ARG D 104 31.66 -22.24 11.97
CA ARG D 104 32.13 -21.70 13.24
C ARG D 104 31.10 -20.75 13.85
N GLY D 105 30.29 -20.10 13.02
CA GLY D 105 29.17 -19.34 13.52
C GLY D 105 27.87 -20.13 13.64
N TYR D 106 27.84 -21.34 13.08
CA TYR D 106 26.65 -22.18 13.12
C TYR D 106 26.67 -23.16 14.29
N ASN D 107 27.68 -24.05 14.34
CA ASN D 107 27.68 -25.13 15.30
C ASN D 107 28.89 -25.16 16.23
N VAL D 108 30.00 -24.51 15.87
CA VAL D 108 31.17 -24.55 16.73
C VAL D 108 30.99 -23.60 17.91
N GLU D 109 30.85 -22.30 17.64
CA GLU D 109 30.46 -21.33 18.65
C GLU D 109 29.05 -20.81 18.45
N GLY D 110 28.36 -21.23 17.38
CA GLY D 110 26.96 -20.87 17.22
C GLY D 110 26.07 -21.56 18.24
N GLU D 111 26.38 -22.82 18.56
CA GLU D 111 25.56 -23.58 19.49
C GLU D 111 25.69 -23.08 20.93
N LYS D 112 26.81 -22.48 21.30
CA LYS D 112 27.01 -21.97 22.64
C LYS D 112 26.54 -20.53 22.80
N VAL D 113 25.92 -19.95 21.76
CA VAL D 113 25.36 -18.61 21.87
C VAL D 113 23.91 -18.54 21.41
N ILE D 114 23.41 -19.48 20.61
CA ILE D 114 22.08 -19.34 20.02
C ILE D 114 21.00 -19.42 21.10
N ASP D 115 21.24 -20.17 22.17
CA ASP D 115 20.29 -20.20 23.28
C ASP D 115 20.12 -18.81 23.89
N GLN D 116 21.25 -18.14 24.17
CA GLN D 116 21.20 -16.79 24.71
C GLN D 116 20.61 -15.81 23.68
N ILE D 117 20.97 -15.98 22.41
CA ILE D 117 20.48 -15.05 21.39
C ILE D 117 18.97 -15.14 21.25
N MET D 118 18.41 -16.35 21.19
CA MET D 118 16.96 -16.44 21.11
C MET D 118 16.27 -16.19 22.44
N ASN D 119 16.95 -16.33 23.57
CA ASN D 119 16.40 -15.83 24.82
C ASN D 119 16.24 -14.30 24.76
N VAL D 120 17.25 -13.61 24.24
CA VAL D 120 17.16 -12.17 24.06
C VAL D 120 16.05 -11.84 23.07
N ILE D 121 15.96 -12.60 21.98
CA ILE D 121 15.01 -12.30 20.92
C ILE D 121 13.57 -12.51 21.39
N ASP D 122 13.29 -13.63 22.07
CA ASP D 122 11.92 -13.84 22.52
C ASP D 122 11.59 -13.01 23.76
N SER D 123 12.59 -12.54 24.52
CA SER D 123 12.32 -11.53 25.53
C SER D 123 11.97 -10.19 24.90
N ALA D 124 12.60 -9.87 23.76
CA ALA D 124 12.31 -8.61 23.08
C ALA D 124 10.97 -8.64 22.35
N VAL D 125 10.56 -9.81 21.84
CA VAL D 125 9.29 -9.89 21.12
C VAL D 125 8.13 -10.25 22.03
N GLU D 126 8.39 -10.80 23.22
CA GLU D 126 7.32 -11.04 24.17
C GLU D 126 6.72 -9.75 24.70
N LYS D 127 7.51 -8.67 24.76
CA LYS D 127 7.02 -7.36 25.16
C LYS D 127 6.73 -6.47 23.95
N THR D 128 6.31 -7.08 22.84
CA THR D 128 5.99 -6.36 21.61
C THR D 128 4.48 -6.29 21.44
N LYS D 129 3.97 -5.08 21.19
CA LYS D 129 2.54 -4.91 20.96
C LYS D 129 2.09 -5.65 19.70
N GLY D 130 2.77 -5.42 18.59
CA GLY D 130 2.47 -6.10 17.34
C GLY D 130 3.65 -6.11 16.39
N LEU D 131 4.02 -7.29 15.92
CA LEU D 131 5.18 -7.47 15.06
C LEU D 131 4.77 -7.85 13.65
N GLN D 132 5.44 -7.26 12.67
CA GLN D 132 5.29 -7.64 11.27
C GLN D 132 6.44 -8.48 10.75
N GLY D 133 7.63 -8.36 11.33
CA GLY D 133 8.75 -9.15 10.86
C GLY D 133 10.07 -8.61 11.38
N PHE D 134 11.14 -9.05 10.74
CA PHE D 134 12.51 -8.77 11.17
C PHE D 134 13.31 -8.17 10.02
N LEU D 135 14.14 -7.18 10.33
CA LEU D 135 15.04 -6.55 9.37
C LEU D 135 16.46 -6.84 9.80
N MET D 136 17.06 -7.91 9.26
CA MET D 136 18.42 -8.27 9.64
C MET D 136 19.42 -7.72 8.63
N THR D 137 20.41 -7.00 9.15
CA THR D 137 21.51 -6.46 8.34
C THR D 137 22.77 -7.26 8.64
N HIS D 138 23.42 -7.75 7.58
CA HIS D 138 24.62 -8.56 7.75
C HIS D 138 25.38 -8.56 6.42
N SER D 139 26.48 -9.29 6.40
CA SER D 139 27.19 -9.62 5.17
C SER D 139 27.26 -11.12 5.04
N ILE D 140 26.84 -11.64 3.89
CA ILE D 140 26.88 -13.08 3.66
C ILE D 140 28.29 -13.62 3.48
N GLY D 141 29.26 -12.75 3.20
CA GLY D 141 30.63 -13.16 2.97
C GLY D 141 31.49 -13.32 4.21
N GLY D 142 30.99 -12.95 5.39
CA GLY D 142 31.75 -13.09 6.61
C GLY D 142 31.63 -14.48 7.19
N GLY D 143 32.03 -14.60 8.45
CA GLY D 143 31.89 -15.86 9.16
C GLY D 143 30.97 -15.76 10.36
N SER D 144 30.96 -14.60 11.00
CA SER D 144 30.05 -14.37 12.12
C SER D 144 28.67 -13.96 11.60
N GLY D 145 28.62 -12.87 10.83
CA GLY D 145 27.36 -12.40 10.29
C GLY D 145 26.74 -13.33 9.26
N SER D 146 27.51 -14.29 8.75
CA SER D 146 26.97 -15.24 7.78
C SER D 146 26.43 -16.49 8.48
N GLY D 147 27.30 -17.21 9.19
CA GLY D 147 26.86 -18.41 9.87
C GLY D 147 25.90 -18.13 11.02
N LEU D 148 26.21 -17.13 11.84
CA LEU D 148 25.31 -16.76 12.93
C LEU D 148 23.97 -16.27 12.39
N GLY D 149 23.99 -15.50 11.30
CA GLY D 149 22.75 -15.08 10.68
C GLY D 149 21.94 -16.24 10.16
N SER D 150 22.61 -17.23 9.55
CA SER D 150 21.91 -18.42 9.07
C SER D 150 21.27 -19.19 10.22
N LEU D 151 22.01 -19.36 11.32
CA LEU D 151 21.46 -20.06 12.47
C LEU D 151 20.29 -19.29 13.08
N ILE D 152 20.39 -17.96 13.12
CA ILE D 152 19.30 -17.15 13.63
C ILE D 152 18.06 -17.30 12.74
N LEU D 153 18.26 -17.30 11.42
CA LEU D 153 17.14 -17.55 10.50
C LEU D 153 16.53 -18.93 10.72
N GLU D 154 17.37 -19.95 10.90
CA GLU D 154 16.86 -21.30 11.09
C GLU D 154 16.01 -21.40 12.35
N ARG D 155 16.52 -20.90 13.47
CA ARG D 155 15.80 -21.02 14.72
C ARG D 155 14.80 -19.88 14.94
N LEU D 156 14.66 -18.97 13.99
CA LEU D 156 13.64 -17.93 14.04
C LEU D 156 12.45 -18.20 13.14
N ARG D 157 12.68 -18.74 11.94
CA ARG D 157 11.57 -19.18 11.09
C ARG D 157 10.85 -20.36 11.72
N GLN D 158 11.61 -21.29 12.32
CA GLN D 158 11.00 -22.40 13.03
C GLN D 158 10.38 -22.00 14.35
N ALA D 159 10.62 -20.76 14.80
CA ALA D 159 10.00 -20.22 16.01
C ALA D 159 8.78 -19.36 15.70
N TYR D 160 8.89 -18.45 14.73
CA TYR D 160 7.77 -17.58 14.32
C TYR D 160 7.61 -17.73 12.81
N PRO D 161 6.94 -18.79 12.36
CA PRO D 161 6.73 -18.97 10.91
C PRO D 161 5.77 -17.96 10.31
N LYS D 162 4.96 -17.29 11.13
CA LYS D 162 4.02 -16.30 10.65
C LYS D 162 4.62 -14.91 10.54
N LYS D 163 5.82 -14.70 11.05
CA LYS D 163 6.47 -13.39 11.00
C LYS D 163 7.39 -13.33 9.79
N ARG D 164 7.70 -12.12 9.34
CA ARG D 164 8.15 -11.89 7.97
C ARG D 164 9.55 -11.27 7.98
N ILE D 165 10.55 -12.13 7.90
CA ILE D 165 11.94 -11.70 8.02
C ILE D 165 12.42 -11.11 6.71
N PHE D 166 13.00 -9.91 6.78
CA PHE D 166 13.74 -9.31 5.68
C PHE D 166 15.22 -9.20 6.05
N THR D 167 16.08 -9.55 5.11
CA THR D 167 17.52 -9.51 5.33
C THR D 167 18.15 -8.47 4.40
N PHE D 168 18.92 -7.55 4.99
CA PHE D 168 19.67 -6.55 4.24
C PHE D 168 21.12 -7.02 4.23
N SER D 169 21.45 -7.85 3.23
CA SER D 169 22.73 -8.54 3.18
C SER D 169 23.65 -7.86 2.18
N VAL D 170 24.89 -7.63 2.59
CA VAL D 170 25.91 -7.11 1.69
C VAL D 170 26.59 -8.31 1.02
N VAL D 171 26.40 -8.42 -0.29
CA VAL D 171 27.05 -9.46 -1.08
C VAL D 171 28.49 -9.02 -1.32
N PRO D 172 29.46 -9.94 -1.29
CA PRO D 172 30.86 -9.56 -1.57
C PRO D 172 31.03 -8.96 -2.96
N SER D 173 32.02 -8.08 -3.07
CA SER D 173 32.26 -7.34 -4.30
C SER D 173 32.72 -8.26 -5.42
N PRO D 174 32.40 -7.94 -6.67
CA PRO D 174 32.90 -8.73 -7.80
C PRO D 174 34.36 -8.43 -8.15
N LEU D 175 34.77 -7.16 -8.05
CA LEU D 175 36.07 -6.76 -8.54
C LEU D 175 37.20 -7.21 -7.62
N ILE D 176 36.97 -7.22 -6.31
CA ILE D 176 37.98 -7.59 -5.35
C ILE D 176 37.29 -8.17 -4.13
N SER D 177 37.93 -9.16 -3.51
CA SER D 177 37.36 -9.88 -2.38
C SER D 177 38.02 -9.43 -1.09
N ASP D 178 37.34 -9.68 0.03
CA ASP D 178 37.91 -9.34 1.32
C ASP D 178 38.02 -10.59 2.19
N SER D 179 37.44 -11.71 1.75
CA SER D 179 37.59 -12.98 2.44
C SER D 179 37.94 -14.07 1.44
N ALA D 180 38.72 -15.05 1.90
CA ALA D 180 39.17 -16.12 1.02
C ALA D 180 38.24 -17.33 1.04
N VAL D 181 37.26 -17.35 1.93
CA VAL D 181 36.28 -18.43 1.99
C VAL D 181 34.86 -17.90 1.84
N GLU D 182 34.71 -16.66 1.41
CA GLU D 182 33.42 -15.96 1.32
C GLU D 182 32.40 -16.52 0.33
N PRO D 183 32.76 -17.23 -0.77
CA PRO D 183 31.69 -17.85 -1.56
C PRO D 183 30.98 -18.96 -0.81
N TYR D 184 31.71 -19.82 -0.09
CA TYR D 184 31.07 -20.79 0.79
C TYR D 184 30.08 -20.13 1.72
N ASN D 185 30.54 -19.08 2.42
CA ASN D 185 29.70 -18.40 3.39
C ASN D 185 28.48 -17.79 2.73
N ALA D 186 28.69 -17.13 1.59
CA ALA D 186 27.60 -16.45 0.89
C ALA D 186 26.54 -17.44 0.44
N ILE D 187 26.96 -18.53 -0.21
CA ILE D 187 26.00 -19.51 -0.71
C ILE D 187 25.28 -20.17 0.45
N LEU D 188 26.02 -20.55 1.49
CA LEU D 188 25.46 -21.33 2.59
C LEU D 188 24.65 -20.46 3.55
N THR D 189 24.71 -19.13 3.39
CA THR D 189 23.80 -18.23 4.09
C THR D 189 22.59 -17.86 3.24
N LEU D 190 22.80 -17.68 1.94
CA LEU D 190 21.69 -17.41 1.02
C LEU D 190 20.71 -18.57 1.00
N GLN D 191 21.21 -19.80 1.16
CA GLN D 191 20.30 -20.95 1.27
C GLN D 191 19.39 -20.81 2.49
N ARG D 192 19.95 -20.35 3.61
CA ARG D 192 19.12 -20.16 4.80
C ARG D 192 18.17 -18.98 4.65
N ILE D 193 18.58 -17.95 3.93
CA ILE D 193 17.67 -16.84 3.64
C ILE D 193 16.50 -17.32 2.80
N LEU D 194 16.75 -18.20 1.83
CA LEU D 194 15.66 -18.85 1.11
C LEU D 194 14.77 -19.65 2.04
N ASP D 195 15.35 -20.54 2.84
CA ASP D 195 14.55 -21.47 3.62
C ASP D 195 13.90 -20.83 4.83
N ASN D 196 14.23 -19.58 5.16
CA ASN D 196 13.81 -19.02 6.44
C ASN D 196 13.31 -17.59 6.37
N ALA D 197 13.35 -16.93 5.22
CA ALA D 197 12.90 -15.56 5.10
C ALA D 197 12.04 -15.40 3.86
N ASP D 198 11.11 -14.44 3.93
CA ASP D 198 10.21 -14.14 2.82
C ASP D 198 10.53 -12.81 2.15
N GLY D 199 11.71 -12.25 2.45
CA GLY D 199 12.14 -11.01 1.82
C GLY D 199 13.61 -10.76 2.06
N ALA D 200 14.28 -10.10 1.11
CA ALA D 200 15.71 -9.87 1.22
C ALA D 200 16.12 -8.76 0.28
N VAL D 201 16.94 -7.84 0.76
CA VAL D 201 17.52 -6.78 -0.05
C VAL D 201 19.03 -6.99 -0.07
N LEU D 202 19.59 -7.15 -1.27
CA LEU D 202 21.00 -7.41 -1.44
C LEU D 202 21.75 -6.11 -1.72
N LEU D 203 22.91 -5.96 -1.09
CA LEU D 203 23.74 -4.78 -1.24
C LEU D 203 25.10 -5.18 -1.81
N ASP D 204 25.59 -4.38 -2.76
CA ASP D 204 26.88 -4.62 -3.38
C ASP D 204 27.80 -3.43 -3.10
N ASN D 205 29.03 -3.73 -2.69
CA ASN D 205 29.92 -2.69 -2.20
C ASN D 205 30.34 -1.72 -3.31
N GLU D 206 30.81 -2.24 -4.45
CA GLU D 206 31.39 -1.36 -5.45
C GLU D 206 30.34 -0.47 -6.11
N ALA D 207 29.10 -0.94 -6.22
CA ALA D 207 28.01 -0.06 -6.62
C ALA D 207 27.87 1.09 -5.64
N LEU D 208 27.99 0.81 -4.34
CA LEU D 208 27.95 1.88 -3.34
C LEU D 208 29.15 2.81 -3.48
N PHE D 209 30.33 2.27 -3.78
CA PHE D 209 31.50 3.12 -3.98
C PHE D 209 31.29 4.08 -5.14
N ARG D 210 30.76 3.60 -6.26
CA ARG D 210 30.56 4.50 -7.39
C ARG D 210 29.42 5.47 -7.12
N ILE D 211 28.39 5.06 -6.38
CA ILE D 211 27.33 5.99 -6.00
C ILE D 211 27.87 7.11 -5.13
N ALA D 212 28.69 6.78 -4.14
CA ALA D 212 29.22 7.81 -3.26
C ALA D 212 30.30 8.65 -3.96
N LYS D 213 31.02 8.07 -4.91
CA LYS D 213 31.96 8.85 -5.71
C LYS D 213 31.24 9.87 -6.57
N ALA D 214 30.11 9.48 -7.17
CA ALA D 214 29.32 10.43 -7.95
C ALA D 214 28.65 11.46 -7.03
N LYS D 215 28.22 11.04 -5.84
CA LYS D 215 27.51 11.93 -4.93
C LYS D 215 28.44 12.98 -4.34
N LEU D 216 29.60 12.56 -3.86
CA LEU D 216 30.56 13.46 -3.23
C LEU D 216 31.59 13.93 -4.25
N ASN D 217 32.52 14.77 -3.81
CA ASN D 217 33.61 15.24 -4.65
C ASN D 217 34.96 14.67 -4.24
N ARG D 218 35.00 13.79 -3.25
CA ARG D 218 36.24 13.21 -2.76
C ARG D 218 36.05 11.70 -2.54
N SER D 219 37.11 11.05 -2.11
CA SER D 219 37.11 9.60 -2.00
C SER D 219 36.30 9.14 -0.79
N PRO D 220 35.31 8.25 -0.98
CA PRO D 220 34.50 7.79 0.16
C PRO D 220 35.08 6.56 0.85
N ASN D 221 34.34 6.03 1.83
CA ASN D 221 34.71 4.80 2.52
C ASN D 221 33.42 4.08 2.93
N TYR D 222 33.56 3.06 3.78
CA TYR D 222 32.40 2.29 4.22
C TYR D 222 31.37 3.13 4.96
N MET D 223 31.79 4.21 5.62
CA MET D 223 30.81 5.04 6.32
C MET D 223 29.83 5.69 5.34
N ASP D 224 30.33 6.19 4.20
CA ASP D 224 29.44 6.74 3.19
C ASP D 224 28.58 5.65 2.56
N LEU D 225 29.17 4.48 2.29
CA LEU D 225 28.42 3.39 1.69
C LEU D 225 27.26 2.96 2.58
N ASN D 226 27.53 2.85 3.88
CA ASN D 226 26.50 2.44 4.81
C ASN D 226 25.58 3.58 5.20
N ASN D 227 25.97 4.84 4.96
CA ASN D 227 24.99 5.92 4.96
C ASN D 227 23.99 5.74 3.83
N ILE D 228 24.47 5.35 2.65
CA ILE D 228 23.57 5.05 1.54
C ILE D 228 22.69 3.86 1.85
N ILE D 229 23.28 2.79 2.41
CA ILE D 229 22.50 1.61 2.81
C ILE D 229 21.47 1.99 3.87
N ALA D 230 21.84 2.90 4.77
CA ALA D 230 20.93 3.36 5.81
C ALA D 230 19.76 4.14 5.21
N LEU D 231 20.04 4.97 4.22
CA LEU D 231 18.96 5.64 3.50
C LEU D 231 18.05 4.61 2.82
N ILE D 232 18.64 3.55 2.27
CA ILE D 232 17.86 2.49 1.65
C ILE D 232 16.91 1.86 2.66
N VAL D 233 17.43 1.46 3.81
CA VAL D 233 16.62 0.78 4.82
C VAL D 233 15.58 1.72 5.40
N SER D 234 15.95 3.00 5.57
CA SER D 234 15.02 3.99 6.07
C SER D 234 13.84 4.18 5.11
N SER D 235 14.14 4.25 3.81
CA SER D 235 13.07 4.42 2.83
C SER D 235 12.26 3.14 2.62
N VAL D 236 12.83 1.98 2.97
CA VAL D 236 12.07 0.74 2.89
C VAL D 236 10.90 0.77 3.88
N THR D 237 11.15 1.23 5.10
CA THR D 237 10.16 1.25 6.16
C THR D 237 9.50 2.62 6.28
N ALA D 238 9.84 3.55 5.38
CA ALA D 238 9.36 4.93 5.48
C ALA D 238 7.84 4.99 5.40
N SER D 239 7.25 4.27 4.45
CA SER D 239 5.80 4.25 4.32
C SER D 239 5.12 3.50 5.45
N LEU D 240 5.89 2.79 6.29
CA LEU D 240 5.35 2.15 7.48
C LEU D 240 5.43 3.03 8.71
N ARG D 241 6.49 3.85 8.83
CA ARG D 241 6.71 4.67 10.01
C ARG D 241 6.44 6.15 9.80
N PHE D 242 6.22 6.58 8.55
CA PHE D 242 5.77 7.94 8.24
C PHE D 242 4.51 7.77 7.41
N PRO D 243 3.37 7.55 8.06
CA PRO D 243 2.14 7.25 7.31
C PRO D 243 1.59 8.47 6.60
N GLY D 244 1.73 8.47 5.27
CA GLY D 244 1.12 9.50 4.45
C GLY D 244 -0.01 8.92 3.62
N LYS D 245 0.15 8.96 2.31
CA LYS D 245 -0.82 8.40 1.40
C LYS D 245 -0.25 7.15 0.73
N LEU D 246 -1.14 6.28 0.27
CA LEU D 246 -0.78 5.04 -0.42
C LEU D 246 0.24 4.23 0.38
N ASN D 247 -0.16 3.85 1.59
CA ASN D 247 0.75 3.27 2.55
C ASN D 247 1.11 1.83 2.18
N THR D 248 2.21 1.35 2.77
CA THR D 248 2.72 0.01 2.52
C THR D 248 2.85 -0.75 3.84
N ASP D 249 3.33 -1.98 3.73
CA ASP D 249 3.71 -2.80 4.87
C ASP D 249 4.76 -3.81 4.40
N LEU D 250 5.49 -4.39 5.36
CA LEU D 250 6.43 -5.45 5.00
C LEU D 250 5.70 -6.69 4.51
N SER D 251 4.56 -7.01 5.14
CA SER D 251 3.67 -8.02 4.58
C SER D 251 3.23 -7.62 3.18
N GLU D 252 3.00 -6.33 2.97
CA GLU D 252 2.61 -5.87 1.65
C GLU D 252 3.77 -5.97 0.67
N PHE D 253 5.00 -5.73 1.16
CA PHE D 253 6.19 -5.95 0.35
C PHE D 253 6.30 -7.40 -0.08
N VAL D 254 6.03 -8.33 0.83
CA VAL D 254 6.05 -9.75 0.47
C VAL D 254 4.97 -10.05 -0.56
N THR D 255 3.76 -9.53 -0.34
CA THR D 255 2.64 -9.89 -1.21
C THR D 255 2.83 -9.36 -2.63
N ASN D 256 3.33 -8.14 -2.78
CA ASN D 256 3.43 -7.54 -4.11
C ASN D 256 4.86 -7.43 -4.64
N LEU D 257 5.83 -8.05 -3.99
CA LEU D 257 7.19 -8.10 -4.49
C LEU D 257 7.73 -9.52 -4.63
N VAL D 258 6.99 -10.52 -4.16
CA VAL D 258 7.42 -11.91 -4.18
C VAL D 258 6.39 -12.72 -4.96
N PRO D 259 6.48 -12.76 -6.29
CA PRO D 259 5.46 -13.47 -7.09
C PRO D 259 5.47 -14.98 -6.91
N PHE D 260 6.57 -15.56 -6.46
CA PHE D 260 6.72 -17.00 -6.32
C PHE D 260 7.22 -17.32 -4.92
N PRO D 261 6.97 -18.54 -4.41
CA PRO D 261 7.23 -18.81 -2.99
C PRO D 261 8.67 -18.56 -2.56
N GLY D 262 9.65 -18.81 -3.42
CA GLY D 262 11.04 -18.67 -3.06
C GLY D 262 11.81 -17.55 -3.74
N ASN D 263 11.14 -16.53 -4.25
CA ASN D 263 11.82 -15.50 -5.03
C ASN D 263 11.62 -14.13 -4.37
N HIS D 264 12.46 -13.81 -3.40
CA HIS D 264 12.26 -12.63 -2.55
C HIS D 264 13.58 -11.92 -2.28
N PHE D 265 14.40 -11.71 -3.31
CA PHE D 265 15.65 -10.97 -3.18
C PHE D 265 15.57 -9.68 -3.99
N LEU D 266 15.88 -8.56 -3.35
CA LEU D 266 15.57 -7.23 -3.87
C LEU D 266 16.83 -6.39 -4.06
N THR D 267 16.75 -5.47 -5.01
CA THR D 267 17.77 -4.45 -5.26
C THR D 267 17.15 -3.07 -5.04
N ALA D 268 17.88 -2.18 -4.37
CA ALA D 268 17.30 -0.90 -3.99
C ALA D 268 18.17 0.27 -4.43
N SER D 269 17.50 1.36 -4.80
CA SER D 269 18.15 2.66 -5.04
C SER D 269 17.48 3.75 -4.23
N PHE D 270 18.28 4.68 -3.75
CA PHE D 270 17.82 5.90 -3.10
C PHE D 270 18.28 7.09 -3.92
N ALA D 271 17.37 8.04 -4.12
CA ALA D 271 17.65 9.24 -4.89
C ALA D 271 17.11 10.44 -4.15
N PRO D 272 17.74 11.62 -4.28
CA PRO D 272 18.92 11.91 -5.11
C PRO D 272 20.24 11.70 -4.38
N MET D 273 21.33 11.71 -5.15
CA MET D 273 22.68 11.66 -4.60
C MET D 273 23.48 12.88 -5.02
N VAL D 282 18.15 19.48 -0.97
CA VAL D 282 18.26 19.88 -2.36
C VAL D 282 16.86 20.04 -2.97
N ARG D 283 16.67 21.15 -3.71
CA ARG D 283 15.39 21.45 -4.34
C ARG D 283 15.47 21.00 -5.79
N THR D 284 15.38 19.69 -6.00
CA THR D 284 15.51 19.11 -7.32
C THR D 284 14.15 19.05 -8.02
N ASN D 285 14.18 19.11 -9.34
CA ASN D 285 12.96 18.93 -10.11
C ASN D 285 12.51 17.48 -10.05
N PHE D 286 11.21 17.29 -9.81
CA PHE D 286 10.66 15.96 -9.58
C PHE D 286 10.79 14.99 -10.76
N PRO D 287 10.60 15.42 -12.02
CA PRO D 287 10.91 14.49 -13.13
C PRO D 287 12.34 13.99 -13.10
N ASP D 288 13.31 14.85 -12.76
CA ASP D 288 14.69 14.42 -12.62
C ASP D 288 14.83 13.40 -11.49
N LEU D 289 14.17 13.65 -10.36
CA LEU D 289 14.22 12.73 -9.22
C LEU D 289 13.66 11.36 -9.60
N ALA D 290 12.56 11.34 -10.33
CA ALA D 290 11.96 10.06 -10.71
C ALA D 290 12.76 9.34 -11.79
N ARG D 291 13.33 10.07 -12.75
CA ARG D 291 14.11 9.40 -13.79
C ARG D 291 15.46 8.92 -13.28
N GLU D 292 15.99 9.54 -12.22
CA GLU D 292 17.25 9.11 -11.66
C GLU D 292 17.07 8.17 -10.48
N THR D 293 15.86 8.09 -9.91
CA THR D 293 15.56 7.07 -8.90
C THR D 293 15.58 5.68 -9.51
N PHE D 294 14.88 5.49 -10.62
CA PHE D 294 14.90 4.23 -11.36
C PHE D 294 15.98 4.25 -12.44
N ALA D 295 17.20 4.58 -12.04
CA ALA D 295 18.35 4.58 -12.92
C ALA D 295 19.10 3.27 -12.75
N GLN D 296 19.57 2.72 -13.87
CA GLN D 296 20.36 1.49 -13.83
C GLN D 296 21.65 1.68 -13.05
N ASP D 297 22.15 2.92 -12.98
CA ASP D 297 23.41 3.22 -12.31
C ASP D 297 23.23 3.81 -10.91
N ASN D 298 22.01 3.88 -10.39
CA ASN D 298 21.77 4.37 -9.04
C ASN D 298 21.47 3.25 -8.06
N PHE D 299 21.05 2.09 -8.56
CA PHE D 299 20.80 0.87 -7.83
C PHE D 299 22.07 0.39 -7.12
N THR D 300 21.90 -0.05 -5.88
CA THR D 300 23.01 -0.33 -4.97
C THR D 300 23.50 -1.77 -5.02
N ALA D 301 22.93 -2.60 -5.89
CA ALA D 301 23.41 -3.96 -6.10
C ALA D 301 23.74 -4.12 -7.58
N ALA D 302 24.98 -4.52 -7.87
CA ALA D 302 25.44 -4.68 -9.24
C ALA D 302 24.84 -5.97 -9.80
N ILE D 303 23.67 -5.85 -10.41
CA ILE D 303 22.99 -7.02 -10.95
C ILE D 303 22.88 -6.84 -12.46
N ASP D 304 22.28 -7.82 -13.14
CA ASP D 304 22.25 -7.85 -14.61
C ASP D 304 21.03 -7.06 -15.08
N TRP D 305 21.29 -5.93 -15.75
CA TRP D 305 20.19 -5.07 -16.18
C TRP D 305 19.80 -5.27 -17.64
N GLN D 306 20.78 -5.31 -18.55
CA GLN D 306 20.47 -5.40 -19.97
C GLN D 306 19.78 -6.72 -20.30
N GLN D 307 20.31 -7.83 -19.79
CA GLN D 307 19.65 -9.11 -19.98
C GLN D 307 18.43 -9.26 -19.07
N GLY D 308 18.48 -8.64 -17.88
CA GLY D 308 17.43 -8.84 -16.90
C GLY D 308 16.23 -7.92 -17.10
N VAL D 309 15.15 -8.26 -16.38
CA VAL D 309 13.91 -7.51 -16.37
C VAL D 309 13.45 -7.35 -14.92
N TYR D 310 12.48 -6.46 -14.73
CA TYR D 310 11.84 -6.28 -13.44
C TYR D 310 10.77 -7.35 -13.23
N LEU D 311 10.73 -7.93 -12.04
CA LEU D 311 9.53 -8.67 -11.64
C LEU D 311 8.56 -7.76 -10.90
N ALA D 312 9.05 -6.99 -9.95
CA ALA D 312 8.14 -6.14 -9.16
C ALA D 312 8.90 -4.96 -8.59
N ALA D 313 8.59 -3.75 -9.05
CA ALA D 313 9.27 -2.54 -8.61
C ALA D 313 8.37 -1.76 -7.65
N SER D 314 8.91 -1.43 -6.48
CA SER D 314 8.23 -0.59 -5.50
C SER D 314 8.86 0.80 -5.53
N ALA D 315 8.07 1.80 -5.90
CA ALA D 315 8.49 3.19 -5.95
C ALA D 315 7.92 3.89 -4.71
N LEU D 316 8.79 4.14 -3.74
CA LEU D 316 8.41 4.77 -2.48
C LEU D 316 8.96 6.19 -2.49
N PHE D 317 8.11 7.16 -2.76
CA PHE D 317 8.51 8.56 -2.78
C PHE D 317 8.10 9.23 -1.48
N ARG D 318 8.93 10.15 -1.01
CA ARG D 318 8.73 10.75 0.30
C ARG D 318 9.17 12.21 0.28
N GLY D 319 8.52 13.02 1.11
CA GLY D 319 8.87 14.40 1.28
C GLY D 319 7.95 15.39 0.61
N ASP D 320 8.48 16.14 -0.36
CA ASP D 320 7.70 17.13 -1.10
C ASP D 320 7.23 16.52 -2.42
N VAL D 321 6.87 15.24 -2.34
CA VAL D 321 6.42 14.49 -3.51
C VAL D 321 4.98 14.86 -3.82
N LYS D 322 4.61 14.73 -5.09
CA LYS D 322 3.30 15.12 -5.57
C LYS D 322 2.66 13.97 -6.32
N ALA D 323 1.37 13.74 -6.05
CA ALA D 323 0.68 12.58 -6.59
C ALA D 323 0.63 12.60 -8.11
N LYS D 324 0.20 13.73 -8.70
CA LYS D 324 0.23 13.82 -10.15
C LYS D 324 1.65 13.78 -10.68
N ASP D 325 2.60 14.36 -9.95
CA ASP D 325 3.99 14.30 -10.39
C ASP D 325 4.49 12.86 -10.41
N VAL D 326 4.18 12.08 -9.36
CA VAL D 326 4.59 10.69 -9.32
C VAL D 326 3.93 9.90 -10.46
N ASP D 327 2.65 10.16 -10.70
CA ASP D 327 1.93 9.38 -11.70
C ASP D 327 2.17 9.86 -13.13
N GLU D 328 2.80 11.03 -13.32
CA GLU D 328 3.05 11.56 -14.65
C GLU D 328 4.48 11.33 -15.12
N ASN D 329 5.33 10.70 -14.31
CA ASN D 329 6.70 10.40 -14.71
C ASN D 329 6.78 9.04 -15.40
N MET D 330 5.70 8.67 -16.09
CA MET D 330 5.62 7.36 -16.74
C MET D 330 6.58 7.21 -17.91
N ALA D 331 7.30 8.28 -18.27
CA ALA D 331 8.26 8.21 -19.37
C ALA D 331 9.39 7.24 -19.05
N THR D 332 9.86 7.24 -17.79
CA THR D 332 10.92 6.32 -17.39
C THR D 332 10.46 4.87 -17.40
N ILE D 333 9.15 4.63 -17.32
CA ILE D 333 8.64 3.27 -17.32
C ILE D 333 8.35 2.79 -18.74
N ARG D 334 7.77 3.66 -19.57
CA ARG D 334 7.51 3.30 -20.95
C ARG D 334 8.75 3.40 -21.83
N LYS D 335 9.84 3.96 -21.30
CA LYS D 335 11.08 4.12 -22.06
C LYS D 335 12.22 3.28 -21.52
N SER D 336 12.52 3.38 -20.23
CA SER D 336 13.69 2.76 -19.64
C SER D 336 13.40 1.49 -18.88
N LEU D 337 12.28 1.44 -18.14
CA LEU D 337 12.01 0.29 -17.29
C LEU D 337 11.57 -0.90 -18.14
N ASN D 338 12.19 -2.05 -17.93
CA ASN D 338 11.92 -3.26 -18.70
C ASN D 338 11.22 -4.28 -17.81
N TYR D 339 9.97 -4.59 -18.14
CA TYR D 339 9.17 -5.51 -17.37
C TYR D 339 9.16 -6.90 -18.02
N ALA D 340 8.74 -7.88 -17.24
CA ALA D 340 8.53 -9.22 -17.78
C ALA D 340 7.20 -9.28 -18.53
N SER D 341 7.03 -10.36 -19.30
CA SER D 341 5.82 -10.50 -20.10
C SER D 341 4.58 -10.74 -19.25
N TYR D 342 4.73 -11.18 -18.01
CA TYR D 342 3.61 -11.48 -17.13
C TYR D 342 3.16 -10.28 -16.30
N MET D 343 3.75 -9.11 -16.49
CA MET D 343 3.27 -7.95 -15.76
C MET D 343 2.82 -6.87 -16.73
N PRO D 344 1.73 -6.17 -16.42
CA PRO D 344 1.19 -5.17 -17.36
C PRO D 344 2.14 -4.00 -17.56
N ALA D 345 2.01 -3.36 -18.73
CA ALA D 345 2.89 -2.25 -19.09
C ALA D 345 2.74 -1.08 -18.13
N SER D 346 1.51 -0.77 -17.72
CA SER D 346 1.28 0.27 -16.73
C SER D 346 1.37 -0.26 -15.30
N GLY D 347 1.50 -1.56 -15.13
CA GLY D 347 1.67 -2.18 -13.83
C GLY D 347 3.12 -2.37 -13.48
N GLY D 348 3.38 -3.31 -12.57
CA GLY D 348 4.72 -3.54 -12.12
C GLY D 348 5.22 -2.58 -11.06
N LEU D 349 4.36 -1.70 -10.55
CA LEU D 349 4.76 -0.73 -9.55
C LEU D 349 3.88 -0.84 -8.31
N LYS D 350 4.52 -0.94 -7.16
CA LYS D 350 3.92 -0.61 -5.88
C LYS D 350 4.28 0.84 -5.56
N LEU D 351 3.33 1.74 -5.77
CA LEU D 351 3.56 3.15 -5.47
C LEU D 351 3.29 3.42 -4.00
N GLY D 352 4.11 4.30 -3.42
CA GLY D 352 3.95 4.66 -2.03
C GLY D 352 4.33 6.09 -1.76
N TYR D 353 3.57 6.78 -0.92
CA TYR D 353 3.80 8.18 -0.60
C TYR D 353 4.10 8.32 0.89
N ALA D 354 5.10 9.12 1.22
CA ALA D 354 5.39 9.45 2.60
C ALA D 354 5.55 10.96 2.73
N GLU D 355 5.06 11.50 3.84
CA GLU D 355 4.98 12.95 3.98
C GLU D 355 6.32 13.63 4.19
N THR D 356 7.34 12.92 4.68
CA THR D 356 8.63 13.52 4.99
C THR D 356 9.77 12.69 4.42
N ALA D 357 10.76 13.38 3.85
CA ALA D 357 11.96 12.80 3.30
C ALA D 357 13.15 13.17 4.18
N PRO D 358 14.26 12.44 4.08
CA PRO D 358 15.46 12.81 4.86
C PRO D 358 15.91 14.23 4.55
N GLU D 359 16.43 14.89 5.59
CA GLU D 359 16.86 16.27 5.48
C GLU D 359 18.05 16.38 4.52
N GLY D 360 18.17 17.54 3.90
CA GLY D 360 19.02 17.72 2.74
C GLY D 360 18.34 17.37 1.44
N PHE D 361 17.18 16.72 1.50
CA PHE D 361 16.37 16.41 0.33
C PHE D 361 14.96 16.95 0.56
N ALA D 362 14.53 17.87 -0.30
CA ALA D 362 13.15 18.32 -0.26
C ALA D 362 12.20 17.16 -0.56
N SER D 363 12.53 16.37 -1.56
CA SER D 363 11.84 15.13 -1.86
C SER D 363 12.89 14.07 -2.15
N SER D 364 12.52 12.80 -2.01
CA SER D 364 13.43 11.70 -2.28
C SER D 364 12.63 10.47 -2.69
N GLY D 365 13.32 9.51 -3.29
CA GLY D 365 12.67 8.34 -3.83
C GLY D 365 13.47 7.08 -3.58
N LEU D 366 12.75 5.97 -3.44
CA LEU D 366 13.33 4.65 -3.28
C LEU D 366 12.75 3.71 -4.31
N ALA D 367 13.61 2.91 -4.93
CA ALA D 367 13.18 1.87 -5.85
C ALA D 367 13.63 0.52 -5.28
N LEU D 368 12.65 -0.31 -4.91
CA LEU D 368 12.85 -1.67 -4.42
C LEU D 368 12.39 -2.63 -5.51
N VAL D 369 13.32 -3.14 -6.31
CA VAL D 369 12.98 -3.97 -7.46
C VAL D 369 13.29 -5.42 -7.15
N ASN D 370 12.30 -6.29 -7.34
CA ASN D 370 12.50 -7.72 -7.46
C ASN D 370 12.82 -8.00 -8.92
N HIS D 371 14.01 -8.57 -9.17
CA HIS D 371 14.65 -8.60 -10.46
C HIS D 371 15.20 -9.99 -10.76
N THR D 372 15.25 -10.33 -12.05
CA THR D 372 15.93 -11.55 -12.49
C THR D 372 17.44 -11.43 -12.35
N GLY D 373 18.01 -10.27 -12.70
CA GLY D 373 19.44 -10.08 -12.76
C GLY D 373 20.15 -10.18 -11.42
N ILE D 374 19.41 -10.11 -10.31
CA ILE D 374 20.04 -10.34 -9.02
C ILE D 374 20.52 -11.77 -8.90
N ALA D 375 19.92 -12.71 -9.64
CA ALA D 375 20.49 -14.05 -9.73
C ALA D 375 21.90 -14.02 -10.30
N ALA D 376 22.19 -13.05 -11.15
CA ALA D 376 23.57 -12.83 -11.60
C ALA D 376 24.50 -12.65 -10.41
N VAL D 377 24.12 -11.81 -9.45
CA VAL D 377 24.83 -11.74 -8.18
C VAL D 377 25.03 -13.14 -7.64
N PHE D 378 23.93 -13.89 -7.48
CA PHE D 378 23.99 -15.26 -7.00
C PHE D 378 24.98 -16.06 -7.82
N GLU D 379 24.87 -15.99 -9.15
CA GLU D 379 25.64 -16.92 -9.96
C GLU D 379 27.12 -16.61 -9.86
N ARG D 380 27.51 -15.35 -9.62
CA ARG D 380 28.94 -15.09 -9.53
C ARG D 380 29.52 -15.81 -8.32
N LEU D 381 28.80 -15.79 -7.20
CA LEU D 381 29.21 -16.61 -6.07
C LEU D 381 29.25 -18.07 -6.47
N ILE D 382 28.17 -18.52 -7.13
CA ILE D 382 28.13 -19.88 -7.64
C ILE D 382 29.31 -20.14 -8.57
N ALA D 383 29.63 -19.16 -9.42
CA ALA D 383 30.75 -19.33 -10.33
C ALA D 383 32.04 -19.56 -9.55
N GLN D 384 32.27 -18.76 -8.51
CA GLN D 384 33.43 -19.00 -7.67
C GLN D 384 33.31 -20.34 -6.96
N PHE D 385 32.11 -20.67 -6.48
CA PHE D 385 31.89 -21.97 -5.86
C PHE D 385 32.10 -23.09 -6.87
N ASP D 386 31.89 -22.80 -8.16
CA ASP D 386 32.07 -23.81 -9.19
C ASP D 386 33.53 -24.18 -9.38
N ILE D 387 34.46 -23.36 -8.91
CA ILE D 387 35.88 -23.67 -8.99
C ILE D 387 36.46 -23.97 -7.62
N MET D 388 35.77 -23.50 -6.58
CA MET D 388 36.25 -23.67 -5.21
C MET D 388 35.92 -25.04 -4.65
N PHE D 389 34.68 -25.49 -4.82
CA PHE D 389 34.25 -26.76 -4.22
C PHE D 389 34.92 -27.95 -4.89
N ASP D 390 34.98 -27.95 -6.23
CA ASP D 390 35.49 -29.09 -6.98
C ASP D 390 36.98 -29.31 -6.78
N ASN D 391 37.69 -28.36 -6.19
CA ASN D 391 39.12 -28.48 -5.93
C ASN D 391 39.43 -28.73 -4.46
N HIS D 392 38.40 -28.98 -3.64
CA HIS D 392 38.55 -29.19 -2.20
C HIS D 392 39.30 -28.02 -1.55
N ALA D 393 38.87 -26.81 -1.91
CA ALA D 393 39.64 -25.62 -1.58
C ALA D 393 39.71 -25.37 -0.08
N TYR D 394 38.57 -25.11 0.56
CA TYR D 394 38.56 -24.79 1.98
C TYR D 394 37.57 -25.68 2.73
N THR D 395 37.22 -26.82 2.16
CA THR D 395 36.15 -27.65 2.72
C THR D 395 36.54 -28.31 4.03
N HIS D 396 37.84 -28.48 4.32
CA HIS D 396 38.22 -29.09 5.59
C HIS D 396 37.90 -28.17 6.76
N TRP D 397 37.95 -26.85 6.55
CA TRP D 397 37.62 -25.89 7.60
C TRP D 397 36.17 -26.04 8.07
N TYR D 398 35.29 -26.54 7.21
CA TYR D 398 33.91 -26.80 7.57
C TYR D 398 33.73 -28.24 8.04
N GLU D 399 34.39 -29.18 7.37
CA GLU D 399 34.24 -30.60 7.70
C GLU D 399 34.74 -30.90 9.10
N ASN D 400 35.88 -30.34 9.51
CA ASN D 400 36.37 -30.50 10.87
C ASN D 400 35.56 -29.67 11.86
N ALA D 401 34.75 -28.73 11.38
CA ALA D 401 33.90 -27.91 12.22
C ALA D 401 32.48 -28.46 12.36
N GLY D 402 32.14 -29.53 11.64
CA GLY D 402 30.85 -30.16 11.76
C GLY D 402 29.93 -30.02 10.56
N VAL D 403 30.26 -29.15 9.61
CA VAL D 403 29.46 -28.96 8.40
C VAL D 403 30.15 -29.67 7.27
N SER D 404 29.57 -30.78 6.80
CA SER D 404 30.20 -31.60 5.79
C SER D 404 30.01 -31.00 4.40
N ARG D 405 30.59 -31.66 3.40
CA ARG D 405 30.53 -31.15 2.04
C ARG D 405 29.16 -31.36 1.41
N ASP D 406 28.39 -32.34 1.89
CA ASP D 406 27.11 -32.66 1.28
C ASP D 406 26.07 -31.58 1.53
N MET D 407 26.00 -31.06 2.76
CA MET D 407 25.05 -29.99 3.03
C MET D 407 25.43 -28.69 2.32
N MET D 408 26.73 -28.45 2.16
CA MET D 408 27.19 -27.33 1.35
C MET D 408 26.77 -27.51 -0.12
N ALA D 409 26.89 -28.75 -0.63
CA ALA D 409 26.49 -29.01 -2.01
C ALA D 409 24.99 -28.82 -2.21
N LYS D 410 24.17 -29.30 -1.26
CA LYS D 410 22.73 -29.11 -1.42
C LYS D 410 22.33 -27.65 -1.22
N ALA D 411 23.06 -26.90 -0.39
CA ALA D 411 22.83 -25.47 -0.28
C ALA D 411 23.09 -24.77 -1.61
N ARG D 412 24.21 -25.12 -2.27
CA ARG D 412 24.45 -24.57 -3.60
C ARG D 412 23.40 -25.03 -4.61
N ASN D 413 22.94 -26.26 -4.50
CA ASN D 413 21.90 -26.73 -5.41
C ASN D 413 20.62 -25.90 -5.26
N GLN D 414 20.24 -25.60 -4.01
CA GLN D 414 19.09 -24.75 -3.77
C GLN D 414 19.31 -23.34 -4.31
N ILE D 415 20.52 -22.80 -4.12
CA ILE D 415 20.79 -21.44 -4.60
C ILE D 415 20.79 -21.40 -6.13
N ALA D 416 21.34 -22.41 -6.78
CA ALA D 416 21.30 -22.48 -8.24
C ALA D 416 19.88 -22.64 -8.75
N THR D 417 19.06 -23.42 -8.04
CA THR D 417 17.64 -23.53 -8.40
C THR D 417 16.95 -22.18 -8.26
N LEU D 418 17.28 -21.41 -7.22
CA LEU D 418 16.70 -20.09 -7.03
C LEU D 418 17.11 -19.15 -8.17
N ALA D 419 18.40 -19.17 -8.53
CA ALA D 419 18.89 -18.34 -9.62
C ALA D 419 18.23 -18.73 -10.94
N GLN D 420 18.01 -20.03 -11.15
CA GLN D 420 17.31 -20.47 -12.34
C GLN D 420 15.84 -20.07 -12.30
N SER D 421 15.24 -19.99 -11.11
CA SER D 421 13.88 -19.49 -10.99
C SER D 421 13.80 -18.03 -11.42
N TYR D 422 14.76 -17.22 -10.99
CA TYR D 422 14.86 -15.85 -11.52
C TYR D 422 15.04 -15.85 -13.04
N ARG D 423 15.96 -16.65 -13.56
CA ARG D 423 16.22 -16.64 -14.99
C ARG D 423 15.02 -17.09 -15.81
N ASP D 424 14.22 -18.01 -15.28
CA ASP D 424 12.96 -18.42 -15.90
C ASP D 424 11.86 -17.39 -15.74
N ALA D 425 11.89 -16.58 -14.69
CA ALA D 425 10.89 -15.53 -14.47
C ALA D 425 11.15 -14.28 -15.30
N SER D 426 12.03 -14.35 -16.30
CA SER D 426 12.34 -13.20 -17.14
C SER D 426 11.21 -12.92 -18.12
N LYS E 2 37.13 -7.81 25.42
CA LYS E 2 38.25 -8.73 25.22
C LYS E 2 38.31 -9.23 23.78
N VAL E 3 39.53 -9.43 23.30
CA VAL E 3 39.77 -9.86 21.92
C VAL E 3 40.46 -11.21 21.94
N ASN E 4 40.53 -11.83 20.76
CA ASN E 4 41.20 -13.12 20.64
C ASN E 4 42.69 -12.97 20.93
N ASN E 5 43.24 -13.95 21.63
CA ASN E 5 44.57 -13.84 22.20
C ASN E 5 45.59 -14.59 21.35
N THR E 6 46.86 -14.29 21.59
CA THR E 6 47.97 -14.95 20.90
C THR E 6 49.19 -14.90 21.79
N ILE E 7 49.81 -16.07 22.02
CA ILE E 7 51.07 -16.20 22.71
C ILE E 7 52.17 -16.40 21.67
N VAL E 8 53.28 -15.70 21.85
CA VAL E 8 54.43 -15.81 20.95
C VAL E 8 55.56 -16.46 21.74
N VAL E 9 55.77 -17.75 21.51
CA VAL E 9 56.86 -18.49 22.17
C VAL E 9 58.07 -18.51 21.25
N SER E 10 59.22 -18.10 21.77
CA SER E 10 60.44 -17.95 20.97
C SER E 10 61.45 -18.99 21.41
N ILE E 11 61.97 -19.74 20.44
CA ILE E 11 62.91 -20.83 20.68
C ILE E 11 64.12 -20.63 19.78
N GLY E 12 65.31 -20.73 20.35
CA GLY E 12 66.53 -20.53 19.61
C GLY E 12 66.96 -19.08 19.58
N GLN E 13 68.18 -18.88 19.06
CA GLN E 13 68.78 -17.55 19.02
C GLN E 13 68.04 -16.58 18.10
N ALA E 14 67.80 -16.99 16.86
CA ALA E 14 67.07 -16.13 15.94
C ALA E 14 65.67 -15.84 16.44
N GLY E 15 64.98 -16.88 16.93
CA GLY E 15 63.65 -16.68 17.46
C GLY E 15 63.63 -15.71 18.63
N ASN E 16 64.58 -15.85 19.55
CA ASN E 16 64.59 -14.99 20.73
C ASN E 16 64.92 -13.55 20.37
N GLN E 17 65.90 -13.33 19.49
CA GLN E 17 66.26 -11.95 19.14
C GLN E 17 65.19 -11.30 18.28
N ILE E 18 64.58 -12.06 17.36
CA ILE E 18 63.46 -11.57 16.59
C ILE E 18 62.28 -11.24 17.50
N ALA E 19 62.07 -12.06 18.54
CA ALA E 19 61.03 -11.76 19.51
C ALA E 19 61.33 -10.47 20.27
N ALA E 20 62.60 -10.28 20.65
CA ALA E 20 62.97 -9.05 21.32
C ALA E 20 62.63 -7.84 20.46
N SER E 21 63.04 -7.87 19.20
CA SER E 21 62.75 -6.75 18.30
C SER E 21 61.24 -6.60 18.06
N PHE E 22 60.54 -7.73 17.94
CA PHE E 22 59.11 -7.71 17.66
C PHE E 22 58.33 -7.07 18.79
N TRP E 23 58.59 -7.50 20.03
CA TRP E 23 57.92 -6.90 21.17
C TRP E 23 58.37 -5.46 21.41
N LYS E 24 59.63 -5.12 21.10
CA LYS E 24 60.05 -3.72 21.20
C LYS E 24 59.22 -2.83 20.28
N THR E 25 59.10 -3.21 19.01
CA THR E 25 58.39 -2.37 18.07
C THR E 25 56.89 -2.36 18.33
N VAL E 26 56.33 -3.50 18.78
CA VAL E 26 54.91 -3.51 19.10
C VAL E 26 54.63 -2.62 20.32
N CYS E 27 55.50 -2.67 21.33
CA CYS E 27 55.34 -1.80 22.49
C CYS E 27 55.43 -0.33 22.11
N LEU E 28 56.41 0.04 21.28
CA LEU E 28 56.49 1.44 20.88
C LEU E 28 55.42 1.82 19.86
N GLU E 29 54.77 0.84 19.23
CA GLU E 29 53.54 1.12 18.49
C GLU E 29 52.41 1.48 19.44
N HIS E 30 52.28 0.75 20.54
CA HIS E 30 51.31 1.08 21.58
C HIS E 30 51.71 2.27 22.42
N GLY E 31 52.93 2.78 22.26
CA GLY E 31 53.42 3.83 23.13
C GLY E 31 53.93 3.33 24.46
N ILE E 32 54.36 2.08 24.52
CA ILE E 32 54.86 1.45 25.74
C ILE E 32 56.38 1.33 25.63
N ASP E 33 57.08 1.67 26.69
CA ASP E 33 58.53 1.55 26.70
C ASP E 33 58.91 0.08 26.72
N PRO E 34 59.69 -0.41 25.76
CA PRO E 34 60.02 -1.85 25.75
C PRO E 34 61.06 -2.23 26.78
N LEU E 35 62.04 -1.36 27.06
CA LEU E 35 63.12 -1.69 27.98
C LEU E 35 62.65 -1.83 29.42
N THR E 36 61.47 -1.33 29.75
CA THR E 36 60.93 -1.42 31.11
C THR E 36 59.74 -2.35 31.22
N GLY E 37 58.87 -2.39 30.21
CA GLY E 37 57.67 -3.18 30.27
C GLY E 37 56.46 -2.48 30.85
N GLN E 38 56.59 -1.21 31.23
CA GLN E 38 55.50 -0.46 31.82
C GLN E 38 54.97 0.57 30.84
N THR E 39 53.67 0.85 30.94
CA THR E 39 53.02 1.78 30.05
C THR E 39 53.50 3.21 30.30
N ALA E 40 53.42 4.03 29.26
CA ALA E 40 53.77 5.44 29.39
C ALA E 40 52.71 6.16 30.21
N PRO E 41 53.08 7.07 31.10
CA PRO E 41 52.08 7.80 31.89
C PRO E 41 51.24 8.71 31.01
N GLY E 42 49.93 8.66 31.22
CA GLY E 42 49.01 9.52 30.50
C GLY E 42 48.67 9.08 29.10
N VAL E 43 49.19 7.95 28.64
CA VAL E 43 48.95 7.46 27.28
C VAL E 43 48.38 6.06 27.37
N ALA E 44 47.21 5.86 26.78
CA ALA E 44 46.57 4.55 26.73
C ALA E 44 47.23 3.66 25.67
N PRO E 45 47.17 2.34 25.83
CA PRO E 45 47.67 1.45 24.77
C PRO E 45 46.87 1.64 23.48
N ARG E 46 47.57 1.58 22.35
CA ARG E 46 46.96 1.82 21.05
C ARG E 46 46.50 0.49 20.47
N GLY E 47 45.20 0.26 20.50
CA GLY E 47 44.61 -0.93 19.91
C GLY E 47 44.25 -1.98 20.94
N ASN E 48 44.12 -3.22 20.45
CA ASN E 48 43.76 -4.36 21.30
C ASN E 48 45.04 -4.93 21.88
N TRP E 49 45.38 -4.50 23.09
CA TRP E 49 46.59 -4.96 23.75
C TRP E 49 46.46 -6.41 24.20
N SER E 50 45.26 -6.85 24.58
CA SER E 50 45.06 -8.16 25.19
C SER E 50 45.30 -9.31 24.22
N SER E 51 45.41 -9.03 22.91
CA SER E 51 45.69 -10.10 21.96
C SER E 51 47.10 -10.67 22.18
N PHE E 52 48.07 -9.81 22.44
CA PHE E 52 49.46 -10.22 22.57
C PHE E 52 50.07 -9.90 23.93
N PHE E 53 49.34 -9.21 24.81
CA PHE E 53 49.89 -8.74 26.06
C PHE E 53 48.98 -9.16 27.21
N SER E 54 49.42 -8.82 28.43
CA SER E 54 48.69 -9.16 29.63
C SER E 54 49.00 -8.13 30.72
N LYS E 55 47.97 -7.79 31.50
CA LYS E 55 48.13 -6.84 32.60
C LYS E 55 48.56 -7.63 33.83
N LEU E 56 49.88 -7.70 34.05
CA LEU E 56 50.44 -8.46 35.17
C LEU E 56 50.54 -7.55 36.38
N GLY E 57 49.70 -7.81 37.38
CA GLY E 57 49.70 -7.02 38.60
C GLY E 57 50.22 -7.78 39.80
N GLY E 62 49.35 -2.69 37.30
CA GLY E 62 50.22 -3.73 36.80
C GLY E 62 51.13 -3.28 35.67
N SER E 63 51.59 -4.22 34.86
CA SER E 63 52.47 -3.94 33.74
C SER E 63 51.95 -4.63 32.49
N TYR E 64 52.15 -3.97 31.35
CA TYR E 64 51.71 -4.51 30.06
C TYR E 64 52.76 -5.49 29.54
N VAL E 65 52.80 -6.66 30.18
CA VAL E 65 53.83 -7.63 29.85
C VAL E 65 53.47 -8.35 28.56
N PRO E 66 54.43 -8.59 27.67
CA PRO E 66 54.17 -9.48 26.53
C PRO E 66 53.82 -10.88 26.98
N ARG E 67 52.93 -11.52 26.22
CA ARG E 67 52.69 -12.94 26.41
C ARG E 67 53.68 -13.73 25.55
N ALA E 68 54.92 -13.71 26.00
CA ALA E 68 56.03 -14.33 25.30
C ALA E 68 56.74 -15.31 26.21
N ILE E 69 56.99 -16.51 25.69
CA ILE E 69 57.75 -17.53 26.39
C ILE E 69 59.06 -17.71 25.64
N MET E 70 60.18 -17.51 26.32
CA MET E 70 61.50 -17.65 25.73
C MET E 70 62.23 -18.83 26.33
N VAL E 71 62.56 -19.79 25.47
CA VAL E 71 63.36 -20.94 25.85
C VAL E 71 64.54 -21.05 24.90
N ASP E 72 65.72 -21.25 25.48
CA ASP E 72 66.94 -21.48 24.71
C ASP E 72 67.87 -22.32 25.56
N LEU E 73 68.43 -23.35 24.96
CA LEU E 73 69.24 -24.30 25.71
C LEU E 73 70.62 -23.75 26.05
N GLU E 74 70.98 -22.56 25.56
CA GLU E 74 72.19 -21.87 25.98
C GLU E 74 71.83 -20.51 26.58
N PRO E 75 72.61 -20.02 27.55
CA PRO E 75 72.21 -18.81 28.28
C PRO E 75 72.47 -17.51 27.53
N SER E 76 73.28 -17.55 26.47
CA SER E 76 73.78 -16.31 25.86
C SER E 76 72.65 -15.48 25.28
N VAL E 77 71.77 -16.09 24.48
CA VAL E 77 70.74 -15.32 23.80
C VAL E 77 69.68 -14.82 24.78
N ILE E 78 69.31 -15.67 25.75
CA ILE E 78 68.33 -15.25 26.75
C ILE E 78 68.88 -14.09 27.56
N ASP E 79 70.15 -14.16 27.96
CA ASP E 79 70.77 -13.07 28.72
C ASP E 79 70.87 -11.81 27.89
N ASN E 80 71.21 -11.93 26.60
CA ASN E 80 71.28 -10.76 25.74
C ASN E 80 69.91 -10.11 25.56
N VAL E 81 68.87 -10.93 25.40
CA VAL E 81 67.52 -10.39 25.25
C VAL E 81 67.07 -9.71 26.54
N LYS E 82 67.45 -10.30 27.70
CA LYS E 82 67.15 -9.65 28.97
C LYS E 82 67.86 -8.31 29.10
N ALA E 83 69.13 -8.25 28.68
CA ALA E 83 69.88 -7.00 28.75
C ALA E 83 69.29 -5.94 27.82
N THR E 84 68.90 -6.33 26.62
CA THR E 84 68.35 -5.38 25.65
C THR E 84 66.87 -5.10 25.85
N SER E 85 66.20 -5.82 26.75
CA SER E 85 64.77 -5.63 26.98
C SER E 85 64.41 -5.35 28.44
N GLY E 86 65.31 -5.59 29.39
CA GLY E 86 65.01 -5.28 30.77
C GLY E 86 63.97 -6.22 31.35
N SER E 87 63.03 -5.64 32.12
CA SER E 87 61.96 -6.39 32.76
C SER E 87 60.73 -6.52 31.87
N LEU E 88 60.90 -6.45 30.55
CA LEU E 88 59.77 -6.55 29.65
C LEU E 88 59.09 -7.91 29.76
N PHE E 89 59.88 -8.98 29.82
CA PHE E 89 59.35 -10.34 29.89
C PHE E 89 59.49 -10.90 31.29
N ASN E 90 58.54 -11.75 31.67
CA ASN E 90 58.58 -12.40 32.97
C ASN E 90 59.76 -13.37 33.02
N PRO E 91 60.62 -13.29 34.03
CA PRO E 91 61.67 -14.31 34.18
C PRO E 91 61.13 -15.72 34.35
N ALA E 92 59.90 -15.87 34.83
CA ALA E 92 59.26 -17.19 34.83
C ALA E 92 59.00 -17.68 33.40
N ASN E 93 58.71 -16.77 32.48
CA ASN E 93 58.55 -17.13 31.08
C ASN E 93 59.86 -17.49 30.40
N LEU E 94 61.00 -17.17 31.02
CA LEU E 94 62.31 -17.29 30.40
C LEU E 94 63.01 -18.50 31.01
N ILE E 95 63.25 -19.52 30.19
CA ILE E 95 63.88 -20.77 30.63
C ILE E 95 65.15 -20.95 29.84
N SER E 96 66.25 -21.21 30.54
CA SER E 96 67.55 -21.37 29.89
C SER E 96 68.28 -22.57 30.48
N ARG E 97 69.07 -23.22 29.62
CA ARG E 97 69.97 -24.30 30.01
C ARG E 97 71.41 -23.86 29.71
N THR E 98 72.35 -24.78 29.86
CA THR E 98 73.77 -24.45 29.75
C THR E 98 74.44 -24.98 28.49
N GLU E 99 74.36 -26.30 28.26
CA GLU E 99 75.14 -26.91 27.19
C GLU E 99 74.62 -26.57 25.79
N GLY E 100 73.37 -26.13 25.67
CA GLY E 100 72.80 -25.84 24.36
C GLY E 100 72.42 -27.11 23.62
N ALA E 101 71.83 -26.91 22.44
CA ALA E 101 71.60 -28.00 21.50
C ALA E 101 72.63 -28.03 20.39
N GLY E 102 73.19 -26.88 20.03
CA GLY E 102 74.36 -26.83 19.17
C GLY E 102 74.17 -27.33 17.76
N GLY E 103 73.04 -27.02 17.14
CA GLY E 103 72.79 -27.52 15.80
C GLY E 103 72.25 -28.93 15.74
N ASN E 104 71.96 -29.53 16.88
CA ASN E 104 71.45 -30.90 16.95
C ASN E 104 69.95 -30.87 17.20
N PHE E 105 69.18 -31.41 16.25
CA PHE E 105 67.74 -31.59 16.46
C PHE E 105 67.47 -32.56 17.61
N ALA E 106 68.27 -33.62 17.70
CA ALA E 106 68.00 -34.69 18.66
C ALA E 106 68.15 -34.23 20.10
N VAL E 107 69.01 -33.25 20.37
CA VAL E 107 69.13 -32.72 21.73
C VAL E 107 67.81 -32.09 22.17
N GLY E 108 67.19 -31.33 21.28
CA GLY E 108 65.88 -30.76 21.59
C GLY E 108 64.73 -31.73 21.47
N TYR E 109 64.94 -32.88 20.82
CA TYR E 109 63.83 -33.80 20.60
C TYR E 109 63.89 -34.99 21.57
N LEU E 110 65.04 -35.65 21.70
CA LEU E 110 65.31 -36.57 22.82
C LEU E 110 66.60 -36.16 23.50
N GLY E 111 66.49 -35.45 24.62
CA GLY E 111 67.67 -35.04 25.35
C GLY E 111 67.38 -33.92 26.33
N ALA E 112 68.19 -32.86 26.29
CA ALA E 112 67.92 -31.69 27.12
C ALA E 112 66.59 -31.03 26.77
N GLY E 113 66.11 -31.23 25.54
CA GLY E 113 64.78 -30.74 25.20
C GLY E 113 63.69 -31.42 26.01
N ARG E 114 63.81 -32.74 26.19
CA ARG E 114 62.89 -33.45 27.08
C ARG E 114 62.96 -32.91 28.49
N GLU E 115 64.16 -32.56 28.96
CA GLU E 115 64.33 -32.07 30.32
C GLU E 115 63.73 -30.68 30.49
N VAL E 116 63.83 -29.82 29.47
CA VAL E 116 63.30 -28.46 29.58
C VAL E 116 61.83 -28.39 29.24
N LEU E 117 61.27 -29.42 28.61
CA LEU E 117 59.85 -29.43 28.26
C LEU E 117 58.90 -29.23 29.44
N PRO E 118 59.06 -29.91 30.60
CA PRO E 118 58.04 -29.75 31.66
C PRO E 118 57.90 -28.33 32.19
N GLU E 119 59.01 -27.64 32.46
CA GLU E 119 58.92 -26.26 32.95
C GLU E 119 58.34 -25.32 31.89
N VAL E 120 58.76 -25.52 30.64
CA VAL E 120 58.27 -24.68 29.54
C VAL E 120 56.76 -24.84 29.39
N MET E 121 56.27 -26.08 29.42
CA MET E 121 54.83 -26.27 29.31
C MET E 121 54.07 -25.90 30.57
N SER E 122 54.70 -25.96 31.75
CA SER E 122 54.06 -25.40 32.93
C SER E 122 53.82 -23.90 32.75
N ARG E 123 54.83 -23.19 32.26
CA ARG E 123 54.67 -21.76 31.98
C ARG E 123 53.65 -21.52 30.87
N LEU E 124 53.66 -22.36 29.84
CA LEU E 124 52.71 -22.20 28.73
C LEU E 124 51.28 -22.41 29.20
N ASP E 125 51.05 -23.42 30.06
CA ASP E 125 49.73 -23.63 30.61
C ASP E 125 49.32 -22.49 31.54
N TYR E 126 50.28 -21.94 32.29
CA TYR E 126 50.02 -20.74 33.07
C TYR E 126 49.53 -19.60 32.18
N GLU E 127 50.18 -19.40 31.03
CA GLU E 127 49.78 -18.31 30.14
C GLU E 127 48.44 -18.57 29.48
N ILE E 128 48.21 -19.79 28.98
CA ILE E 128 46.99 -20.10 28.26
C ILE E 128 45.79 -20.08 29.21
N ASP E 129 45.96 -20.59 30.43
CA ASP E 129 44.88 -20.54 31.41
C ASP E 129 44.51 -19.11 31.78
N LYS E 130 45.40 -18.15 31.56
CA LYS E 130 45.13 -16.74 31.84
C LYS E 130 44.69 -15.99 30.59
N CYS E 131 44.63 -16.67 29.45
CA CYS E 131 44.13 -16.06 28.22
C CYS E 131 42.61 -16.08 28.21
N ASP E 132 42.02 -15.06 27.60
CA ASP E 132 40.57 -14.99 27.46
C ASP E 132 40.08 -16.00 26.43
N ASN E 133 40.50 -15.83 25.18
CA ASN E 133 40.30 -16.83 24.12
C ASN E 133 41.55 -16.81 23.25
N VAL E 134 42.49 -17.69 23.57
CA VAL E 134 43.67 -17.83 22.73
C VAL E 134 43.29 -18.50 21.42
N GLY E 135 43.51 -17.80 20.32
CA GLY E 135 43.12 -18.30 19.02
C GLY E 135 44.31 -18.50 18.11
N GLY E 136 45.49 -18.61 18.70
CA GLY E 136 46.71 -18.80 17.94
C GLY E 136 47.97 -18.73 18.76
N ILE E 137 48.97 -19.51 18.36
CA ILE E 137 50.28 -19.51 19.00
C ILE E 137 51.32 -19.24 17.93
N ILE E 138 51.97 -18.09 18.02
CA ILE E 138 53.05 -17.74 17.10
C ILE E 138 54.36 -18.24 17.69
N VAL E 139 55.01 -19.15 16.98
CA VAL E 139 56.20 -19.83 17.48
C VAL E 139 57.38 -19.29 16.67
N LEU E 140 58.12 -18.36 17.28
CA LEU E 140 59.24 -17.67 16.63
C LEU E 140 60.51 -18.51 16.80
N HIS E 141 61.09 -18.96 15.70
CA HIS E 141 62.29 -19.77 15.80
C HIS E 141 63.04 -19.73 14.47
N ALA E 142 64.25 -20.27 14.49
CA ALA E 142 64.97 -20.65 13.28
C ALA E 142 65.07 -22.16 13.25
N ILE E 143 64.47 -22.79 12.24
CA ILE E 143 64.58 -24.25 12.11
C ILE E 143 65.89 -24.68 11.48
N GLY E 144 66.76 -23.74 11.11
CA GLY E 144 68.10 -24.11 10.71
C GLY E 144 68.99 -24.45 11.90
N GLY E 145 68.65 -23.93 13.08
CA GLY E 145 69.42 -24.19 14.28
C GLY E 145 68.98 -25.44 15.01
N GLY E 146 69.69 -25.74 16.09
CA GLY E 146 69.43 -26.96 16.84
C GLY E 146 68.36 -26.82 17.91
N THR E 147 68.52 -25.84 18.80
CA THR E 147 67.53 -25.60 19.83
C THR E 147 66.18 -25.26 19.21
N GLY E 148 66.20 -24.37 18.20
CA GLY E 148 64.96 -23.99 17.55
C GLY E 148 64.23 -25.17 16.95
N SER E 149 64.90 -25.94 16.10
CA SER E 149 64.27 -27.09 15.46
C SER E 149 63.79 -28.10 16.50
N GLY E 150 64.70 -28.54 17.37
CA GLY E 150 64.35 -29.61 18.29
C GLY E 150 63.24 -29.24 19.25
N PHE E 151 63.38 -28.12 19.95
CA PHE E 151 62.37 -27.82 20.93
C PHE E 151 61.11 -27.22 20.33
N GLY E 152 61.17 -26.59 19.16
CA GLY E 152 59.95 -26.21 18.48
C GLY E 152 59.15 -27.42 18.06
N ALA E 153 59.82 -28.44 17.52
CA ALA E 153 59.15 -29.68 17.17
C ALA E 153 58.52 -30.32 18.39
N LEU E 154 59.30 -30.47 19.47
CA LEU E 154 58.77 -31.07 20.69
C LEU E 154 57.59 -30.26 21.25
N LEU E 155 57.72 -28.93 21.24
CA LEU E 155 56.72 -28.05 21.83
C LEU E 155 55.41 -28.13 21.07
N ILE E 156 55.47 -28.10 19.74
CA ILE E 156 54.20 -28.07 19.00
C ILE E 156 53.60 -29.48 18.92
N GLU E 157 54.42 -30.54 18.94
CA GLU E 157 53.85 -31.87 19.11
C GLU E 157 53.13 -32.01 20.45
N SER E 158 53.71 -31.51 21.53
CA SER E 158 53.01 -31.58 22.81
C SER E 158 51.76 -30.72 22.82
N LEU E 159 51.79 -29.56 22.15
CA LEU E 159 50.58 -28.75 22.02
C LEU E 159 49.49 -29.51 21.29
N LYS E 160 49.76 -30.03 20.10
CA LYS E 160 48.74 -30.77 19.38
C LYS E 160 48.39 -32.09 20.04
N GLU E 161 49.19 -32.55 21.00
CA GLU E 161 48.87 -33.75 21.76
C GLU E 161 47.90 -33.46 22.90
N LYS E 162 48.05 -32.34 23.61
CA LYS E 162 47.16 -32.11 24.74
C LYS E 162 46.13 -31.01 24.43
N TYR E 163 46.53 -30.00 23.65
CA TYR E 163 45.59 -29.08 23.02
C TYR E 163 45.22 -29.65 21.65
N GLY E 164 44.72 -28.80 20.76
CA GLY E 164 44.26 -29.21 19.44
C GLY E 164 43.12 -28.34 18.98
N GLU E 165 42.57 -27.54 19.91
CA GLU E 165 41.65 -26.48 19.57
C GLU E 165 42.36 -25.16 19.29
N ILE E 166 43.67 -25.10 19.50
CA ILE E 166 44.43 -23.86 19.43
C ILE E 166 45.20 -23.85 18.11
N PRO E 167 44.97 -22.87 17.23
CA PRO E 167 45.79 -22.76 16.02
C PRO E 167 47.24 -22.44 16.34
N VAL E 168 48.13 -22.88 15.46
CA VAL E 168 49.57 -22.67 15.63
C VAL E 168 50.11 -22.05 14.34
N LEU E 169 50.59 -20.81 14.44
CA LEU E 169 51.35 -20.16 13.38
C LEU E 169 52.82 -20.16 13.77
N SER E 170 53.64 -20.83 12.97
CA SER E 170 55.08 -20.81 13.19
C SER E 170 55.71 -19.70 12.34
N CYS E 171 56.85 -19.21 12.80
CA CYS E 171 57.64 -18.21 12.08
C CYS E 171 59.08 -18.70 12.12
N ALA E 172 59.49 -19.38 11.06
CA ALA E 172 60.78 -20.05 11.01
C ALA E 172 61.74 -19.30 10.10
N VAL E 173 62.94 -19.06 10.60
CA VAL E 173 64.01 -18.44 9.82
C VAL E 173 64.76 -19.57 9.11
N LEU E 174 64.58 -19.67 7.81
CA LEU E 174 65.18 -20.75 7.05
C LEU E 174 66.68 -20.55 6.88
N PRO E 175 67.42 -21.62 6.62
CA PRO E 175 68.81 -21.47 6.17
C PRO E 175 68.90 -20.65 4.91
N SER E 176 69.92 -19.80 4.84
CA SER E 176 70.09 -18.90 3.72
C SER E 176 70.91 -19.56 2.62
N PRO E 177 70.45 -19.50 1.37
CA PRO E 177 71.27 -20.01 0.26
C PRO E 177 72.46 -19.12 -0.07
N GLN E 178 72.63 -18.01 0.64
CA GLN E 178 73.88 -17.26 0.57
C GLN E 178 74.99 -18.02 1.30
N VAL E 179 74.81 -18.21 2.61
CA VAL E 179 75.76 -18.95 3.42
C VAL E 179 75.00 -19.63 4.55
N SER E 180 75.55 -20.72 5.05
CA SER E 180 74.98 -21.43 6.18
C SER E 180 75.53 -20.87 7.48
N SER E 181 74.74 -21.00 8.55
CA SER E 181 75.19 -20.60 9.88
C SER E 181 75.57 -21.78 10.75
N VAL E 182 74.95 -22.94 10.55
CA VAL E 182 75.47 -24.22 11.00
C VAL E 182 75.40 -25.17 9.83
N VAL E 183 76.36 -26.09 9.74
CA VAL E 183 76.37 -27.00 8.60
C VAL E 183 75.33 -28.10 8.73
N THR E 184 74.80 -28.32 9.95
CA THR E 184 73.69 -29.24 10.16
C THR E 184 72.35 -28.57 9.95
N GLU E 185 72.33 -27.45 9.23
CA GLU E 185 71.06 -26.80 8.88
C GLU E 185 70.09 -27.70 8.11
N PRO E 186 70.50 -28.50 7.11
CA PRO E 186 69.50 -29.35 6.43
C PRO E 186 68.83 -30.35 7.35
N TYR E 187 69.61 -31.01 8.22
CA TYR E 187 69.03 -31.98 9.14
C TYR E 187 67.97 -31.35 10.02
N ASN E 188 68.33 -30.24 10.69
CA ASN E 188 67.41 -29.57 11.60
C ASN E 188 66.20 -29.02 10.86
N THR E 189 66.42 -28.44 9.68
CA THR E 189 65.33 -27.85 8.91
C THR E 189 64.31 -28.91 8.52
N VAL E 190 64.77 -30.04 7.99
CA VAL E 190 63.85 -31.09 7.58
C VAL E 190 63.18 -31.74 8.79
N PHE E 191 63.94 -31.96 9.86
CA PHE E 191 63.38 -32.62 11.05
C PHE E 191 62.30 -31.78 11.69
N ALA E 192 62.50 -30.46 11.77
CA ALA E 192 61.45 -29.59 12.27
C ALA E 192 60.35 -29.36 11.25
N LEU E 193 60.66 -29.46 9.96
CA LEU E 193 59.66 -29.26 8.91
C LEU E 193 58.61 -30.36 8.92
N ASN E 194 59.03 -31.60 9.15
CA ASN E 194 58.06 -32.69 9.29
C ASN E 194 57.08 -32.39 10.41
N THR E 195 57.59 -31.93 11.55
CA THR E 195 56.72 -31.58 12.67
C THR E 195 55.84 -30.38 12.35
N LEU E 196 56.38 -29.40 11.63
CA LEU E 196 55.59 -28.23 11.24
C LEU E 196 54.40 -28.64 10.38
N ARG E 197 54.60 -29.57 9.45
CA ARG E 197 53.47 -30.05 8.66
C ARG E 197 52.54 -30.89 9.52
N ARG E 198 53.10 -31.68 10.42
CA ARG E 198 52.28 -32.60 11.21
C ARG E 198 51.50 -31.86 12.28
N SER E 199 52.10 -30.88 12.92
CA SER E 199 51.50 -30.23 14.10
C SER E 199 51.07 -28.81 13.85
N ALA E 200 51.94 -27.95 13.32
CA ALA E 200 51.60 -26.54 13.16
C ALA E 200 50.55 -26.35 12.09
N ASP E 201 49.53 -25.54 12.40
CA ASP E 201 48.49 -25.21 11.43
C ASP E 201 48.92 -24.11 10.47
N ALA E 202 50.03 -23.43 10.73
CA ALA E 202 50.60 -22.49 9.78
C ALA E 202 52.06 -22.29 10.09
N CYS E 203 52.81 -21.83 9.09
CA CYS E 203 54.21 -21.49 9.27
C CYS E 203 54.57 -20.33 8.36
N LEU E 204 55.05 -19.25 8.96
CA LEU E 204 55.59 -18.10 8.23
C LEU E 204 57.09 -18.28 8.07
N ILE E 205 57.61 -17.97 6.89
CA ILE E 205 58.98 -18.28 6.54
C ILE E 205 59.76 -16.99 6.28
N PHE E 206 60.92 -16.87 6.92
CA PHE E 206 61.85 -15.78 6.71
C PHE E 206 63.17 -16.35 6.21
N ASP E 207 63.90 -15.53 5.46
CA ASP E 207 65.22 -15.93 5.00
C ASP E 207 66.09 -14.68 4.91
N ASN E 208 67.37 -14.84 5.24
CA ASN E 208 68.20 -13.69 5.60
C ASN E 208 68.64 -12.84 4.41
N GLU E 209 68.97 -13.45 3.26
CA GLU E 209 69.60 -12.65 2.21
C GLU E 209 68.61 -11.70 1.55
N ALA E 210 67.33 -12.09 1.44
CA ALA E 210 66.31 -11.18 0.96
C ALA E 210 66.14 -10.01 1.92
N LEU E 211 66.20 -10.29 3.21
CA LEU E 211 66.16 -9.22 4.21
C LEU E 211 67.37 -8.31 4.06
N PHE E 212 68.55 -8.90 3.79
CA PHE E 212 69.78 -8.13 3.60
C PHE E 212 69.65 -7.17 2.43
N ASP E 213 69.24 -7.67 1.27
CA ASP E 213 69.20 -6.80 0.10
C ASP E 213 68.00 -5.87 0.13
N LEU E 214 66.98 -6.17 0.94
CA LEU E 214 65.88 -5.23 1.13
C LEU E 214 66.20 -4.17 2.17
N ALA E 215 67.16 -4.40 3.04
CA ALA E 215 67.60 -3.40 4.01
C ALA E 215 68.88 -2.71 3.62
N HIS E 216 69.51 -3.10 2.50
CA HIS E 216 70.74 -2.46 2.04
C HIS E 216 70.44 -1.37 1.00
N ARG E 217 69.81 -1.76 -0.11
CA ARG E 217 69.52 -0.80 -1.16
C ARG E 217 68.19 -0.08 -0.96
N LYS E 218 67.27 -0.69 -0.21
CA LYS E 218 65.95 -0.09 0.04
C LYS E 218 65.84 0.50 1.44
N TRP E 219 66.97 0.75 2.10
CA TRP E 219 66.99 1.46 3.37
C TRP E 219 68.12 2.49 3.45
N ASN E 220 68.86 2.71 2.37
CA ASN E 220 69.97 3.66 2.32
C ASN E 220 71.02 3.36 3.39
N ILE E 221 71.30 2.07 3.57
CA ILE E 221 72.32 1.60 4.49
C ILE E 221 73.36 0.84 3.69
N GLU E 222 74.64 1.21 3.86
CA GLU E 222 75.71 0.52 3.15
C GLU E 222 75.78 -0.95 3.56
N SER E 223 75.62 -1.24 4.85
CA SER E 223 75.76 -2.61 5.36
C SER E 223 74.99 -2.73 6.66
N PRO E 224 73.79 -3.29 6.61
CA PRO E 224 72.98 -3.41 7.83
C PRO E 224 73.48 -4.50 8.75
N THR E 225 73.27 -4.29 10.05
CA THR E 225 73.52 -5.31 11.06
C THR E 225 72.31 -6.25 11.14
N VAL E 226 72.45 -7.37 11.84
CA VAL E 226 71.31 -8.26 12.05
C VAL E 226 70.23 -7.61 12.90
N ASP E 227 70.54 -6.49 13.56
CA ASP E 227 69.49 -5.72 14.22
C ASP E 227 68.49 -5.22 13.20
N ASP E 228 68.96 -4.75 12.04
CA ASP E 228 68.05 -4.35 10.98
C ASP E 228 67.34 -5.55 10.36
N LEU E 229 68.01 -6.70 10.28
CA LEU E 229 67.37 -7.94 9.85
C LEU E 229 66.16 -8.26 10.71
N ASN E 230 66.37 -8.30 12.02
CA ASN E 230 65.29 -8.60 12.94
C ASN E 230 64.25 -7.49 12.98
N LEU E 231 64.66 -6.24 12.78
CA LEU E 231 63.72 -5.12 12.77
C LEU E 231 62.84 -5.16 11.52
N LEU E 232 63.34 -5.67 10.40
CA LEU E 232 62.53 -5.71 9.20
C LEU E 232 61.59 -6.92 9.23
N ILE E 233 62.07 -8.05 9.77
CA ILE E 233 61.14 -9.12 10.14
C ILE E 233 60.09 -8.59 11.10
N THR E 234 60.50 -7.72 12.01
CA THR E 234 59.59 -7.13 12.99
C THR E 234 58.55 -6.25 12.32
N GLU E 235 58.94 -5.48 11.31
CA GLU E 235 57.96 -4.72 10.54
C GLU E 235 56.95 -5.65 9.89
N ALA E 236 57.44 -6.77 9.33
CA ALA E 236 56.53 -7.76 8.76
C ALA E 236 55.54 -8.29 9.79
N LEU E 237 56.04 -8.73 10.95
CA LEU E 237 55.17 -9.27 11.99
C LEU E 237 54.23 -8.21 12.56
N ALA E 238 54.69 -6.97 12.70
CA ALA E 238 53.82 -5.91 13.19
C ALA E 238 52.66 -5.68 12.23
N GLY E 239 52.96 -5.60 10.93
CA GLY E 239 51.89 -5.48 9.96
C GLY E 239 50.95 -6.67 9.96
N ILE E 240 51.52 -7.88 10.09
CA ILE E 240 50.70 -9.09 10.05
C ILE E 240 49.78 -9.16 11.26
N THR E 241 50.30 -8.88 12.45
CA THR E 241 49.53 -9.00 13.67
C THR E 241 48.72 -7.77 14.00
N ALA E 242 48.88 -6.67 13.24
CA ALA E 242 47.98 -5.53 13.40
C ALA E 242 46.53 -5.92 13.15
N SER E 243 46.31 -6.95 12.32
CA SER E 243 44.97 -7.50 12.15
C SER E 243 44.43 -8.09 13.45
N MET E 244 45.27 -8.78 14.21
CA MET E 244 44.89 -9.28 15.52
C MET E 244 44.94 -8.21 16.60
N ARG E 245 45.41 -7.00 16.30
CA ARG E 245 45.84 -6.07 17.32
C ARG E 245 45.07 -4.76 17.34
N PHE E 246 44.37 -4.39 16.26
CA PHE E 246 43.66 -3.12 16.19
C PHE E 246 42.21 -3.34 15.81
N SER E 247 41.33 -2.50 16.34
CA SER E 247 39.90 -2.52 16.06
C SER E 247 39.40 -1.11 15.86
N GLY E 248 38.22 -1.00 15.26
CA GLY E 248 37.69 0.30 14.89
C GLY E 248 36.58 0.13 13.86
N PHE E 249 36.23 1.25 13.21
CA PHE E 249 35.14 1.23 12.24
C PHE E 249 35.60 0.71 10.88
N LEU E 250 36.51 1.43 10.23
CA LEU E 250 36.88 1.07 8.86
C LEU E 250 37.71 -0.20 8.82
N THR E 251 38.41 -0.51 9.89
CA THR E 251 39.25 -1.70 9.92
C THR E 251 38.40 -2.96 10.01
N VAL E 252 38.93 -4.05 9.45
CA VAL E 252 38.40 -5.38 9.66
C VAL E 252 39.42 -6.15 10.49
N GLU E 253 38.99 -6.64 11.64
CA GLU E 253 39.88 -7.36 12.54
C GLU E 253 39.95 -8.81 12.10
N ILE E 254 41.15 -9.35 12.06
CA ILE E 254 41.40 -10.72 11.62
C ILE E 254 42.04 -11.45 12.78
N SER E 255 41.36 -12.49 13.28
CA SER E 255 41.98 -13.37 14.25
C SER E 255 43.06 -14.21 13.58
N LEU E 256 43.91 -14.82 14.41
CA LEU E 256 44.90 -15.73 13.85
C LEU E 256 44.20 -16.97 13.26
N ARG E 257 43.05 -17.35 13.83
CA ARG E 257 42.25 -18.39 13.20
C ARG E 257 41.53 -17.87 11.95
N GLU E 258 41.12 -16.60 11.97
CA GLU E 258 40.60 -15.98 10.76
C GLU E 258 41.65 -15.96 9.65
N LEU E 259 42.85 -15.47 9.98
CA LEU E 259 43.96 -15.47 9.04
C LEU E 259 44.33 -16.89 8.62
N LEU E 260 44.16 -17.85 9.53
CA LEU E 260 44.41 -19.25 9.21
C LEU E 260 43.42 -19.77 8.19
N THR E 261 42.13 -19.54 8.43
CA THR E 261 41.09 -20.03 7.53
C THR E 261 41.22 -19.37 6.16
N ASN E 262 41.57 -18.09 6.12
CA ASN E 262 41.75 -17.42 4.85
C ASN E 262 43.04 -17.80 4.14
N LEU E 263 44.08 -18.18 4.87
CA LEU E 263 45.38 -18.42 4.26
C LEU E 263 45.76 -19.89 4.13
N VAL E 264 45.05 -20.78 4.79
CA VAL E 264 45.33 -22.21 4.74
C VAL E 264 44.16 -22.91 4.07
N PRO E 265 44.23 -23.12 2.75
CA PRO E 265 43.14 -23.85 2.08
C PRO E 265 43.11 -25.33 2.44
N GLN E 266 44.25 -25.99 2.35
CA GLN E 266 44.34 -27.42 2.60
C GLN E 266 45.19 -27.68 3.83
N PRO E 267 44.97 -28.80 4.53
CA PRO E 267 45.70 -29.04 5.79
C PRO E 267 47.21 -29.07 5.64
N SER E 268 47.72 -29.50 4.49
CA SER E 268 49.15 -29.52 4.24
C SER E 268 49.66 -28.23 3.61
N LEU E 269 48.78 -27.33 3.19
CA LEU E 269 49.19 -26.09 2.54
C LEU E 269 49.05 -24.93 3.54
N HIS E 270 50.08 -24.78 4.38
CA HIS E 270 50.02 -23.76 5.43
C HIS E 270 51.36 -23.06 5.64
N PHE E 271 52.16 -22.93 4.59
CA PHE E 271 53.45 -22.24 4.67
C PHE E 271 53.35 -20.92 3.92
N LEU E 272 53.65 -19.83 4.62
CA LEU E 272 53.33 -18.48 4.15
C LEU E 272 54.59 -17.65 3.96
N MET E 273 54.50 -16.75 2.98
CA MET E 273 55.50 -15.72 2.70
C MET E 273 54.94 -14.38 3.14
N CYS E 274 55.84 -13.41 3.35
CA CYS E 274 55.43 -12.06 3.70
C CYS E 274 56.31 -11.04 3.00
N ALA E 275 55.73 -9.85 2.80
CA ALA E 275 56.39 -8.72 2.17
C ALA E 275 55.87 -7.45 2.81
N PHE E 276 56.58 -6.34 2.60
CA PHE E 276 56.23 -5.07 3.20
C PHE E 276 56.25 -3.96 2.16
N ALA E 277 55.53 -2.89 2.45
CA ALA E 277 55.57 -1.67 1.66
C ALA E 277 55.32 -0.48 2.57
N PRO E 278 55.95 0.68 2.28
CA PRO E 278 56.94 0.92 1.24
C PRO E 278 58.36 0.56 1.66
N LEU E 279 59.25 0.34 0.70
CA LEU E 279 60.67 0.12 0.97
C LEU E 279 61.45 1.44 0.93
N THR E 280 61.04 2.36 1.79
CA THR E 280 61.70 3.65 1.91
C THR E 280 62.08 3.92 3.35
N PRO E 281 63.18 4.65 3.58
CA PRO E 281 63.53 5.03 4.94
C PRO E 281 62.48 5.97 5.52
N PRO E 282 62.25 5.93 6.84
CA PRO E 282 61.23 6.76 7.49
C PRO E 282 61.56 8.26 7.41
N ILE E 292 48.93 3.82 -2.56
CA ILE E 292 49.09 4.42 -3.87
C ILE E 292 49.84 3.48 -4.81
N GLU E 293 49.77 3.78 -6.11
CA GLU E 293 50.14 2.80 -7.14
C GLU E 293 51.60 2.40 -7.05
N GLU E 294 52.49 3.33 -6.73
CA GLU E 294 53.89 2.97 -6.52
C GLU E 294 54.03 2.05 -5.31
N MET E 295 53.27 2.32 -4.25
CA MET E 295 53.22 1.42 -3.10
C MET E 295 52.54 0.11 -3.45
N ILE E 296 51.54 0.15 -4.35
CA ILE E 296 50.89 -1.06 -4.83
C ILE E 296 51.90 -1.99 -5.50
N LYS E 297 52.74 -1.44 -6.39
CA LYS E 297 53.76 -2.28 -7.01
C LYS E 297 54.90 -2.59 -6.06
N SER E 298 55.13 -1.75 -5.05
CA SER E 298 56.21 -2.01 -4.10
C SER E 298 55.87 -3.17 -3.17
N LEU E 299 54.61 -3.30 -2.76
CA LEU E 299 54.21 -4.42 -1.91
C LEU E 299 54.35 -5.74 -2.64
N PHE E 300 54.05 -5.76 -3.93
CA PHE E 300 54.12 -6.97 -4.75
C PHE E 300 55.29 -6.91 -5.73
N ASP E 301 56.41 -6.37 -5.28
CA ASP E 301 57.63 -6.46 -6.07
C ASP E 301 58.20 -7.88 -5.95
N ASN E 302 58.90 -8.31 -7.00
CA ASN E 302 59.46 -9.66 -7.00
C ASN E 302 60.45 -9.86 -5.87
N GLY E 303 61.15 -8.80 -5.47
CA GLY E 303 62.13 -8.87 -4.39
C GLY E 303 61.64 -8.37 -3.05
N SER E 304 60.38 -7.98 -2.92
CA SER E 304 59.87 -7.49 -1.65
C SER E 304 59.55 -8.60 -0.67
N VAL E 305 59.44 -9.85 -1.12
CA VAL E 305 59.15 -10.95 -0.22
C VAL E 305 60.34 -11.15 0.73
N PHE E 306 60.03 -11.51 1.98
CA PHE E 306 61.05 -11.60 3.01
C PHE E 306 61.61 -13.02 3.12
N ALA E 307 61.96 -13.58 1.97
CA ALA E 307 62.54 -14.90 1.87
C ALA E 307 63.27 -15.00 0.54
N ALA E 308 64.29 -15.85 0.49
CA ALA E 308 65.10 -16.01 -0.71
C ALA E 308 64.30 -16.80 -1.74
N CYS E 309 63.43 -16.09 -2.45
CA CYS E 309 62.53 -16.70 -3.41
C CYS E 309 62.03 -15.62 -4.37
N SER E 310 61.49 -16.07 -5.50
CA SER E 310 60.89 -15.20 -6.50
C SER E 310 59.45 -15.68 -6.71
N PRO E 311 58.50 -15.17 -5.93
CA PRO E 311 57.12 -15.69 -5.99
C PRO E 311 56.32 -15.24 -7.19
N MET E 312 56.84 -14.34 -8.03
CA MET E 312 56.04 -13.77 -9.10
C MET E 312 56.12 -14.56 -10.40
N GLU E 313 56.97 -15.56 -10.48
CA GLU E 313 56.81 -16.62 -11.47
C GLU E 313 56.11 -17.83 -10.87
N GLY E 314 55.70 -17.75 -9.61
CA GLY E 314 55.07 -18.85 -8.92
C GLY E 314 53.57 -18.84 -9.02
N ARG E 315 52.90 -18.99 -7.87
CA ARG E 315 51.45 -19.14 -7.88
C ARG E 315 50.92 -18.80 -6.50
N PHE E 316 50.27 -17.65 -6.37
CA PHE E 316 49.66 -17.26 -5.09
C PHE E 316 48.42 -18.10 -4.83
N LEU E 317 48.40 -18.77 -3.67
CA LEU E 317 47.19 -19.50 -3.28
C LEU E 317 46.14 -18.56 -2.72
N SER E 318 46.47 -17.87 -1.63
CA SER E 318 45.61 -16.84 -1.08
C SER E 318 46.48 -15.82 -0.36
N THR E 319 46.15 -14.55 -0.52
CA THR E 319 46.96 -13.45 -0.03
C THR E 319 46.15 -12.59 0.92
N ALA E 320 46.68 -12.35 2.11
CA ALA E 320 46.16 -11.36 3.02
C ALA E 320 46.96 -10.08 2.82
N VAL E 321 46.34 -9.08 2.20
CA VAL E 321 46.96 -7.78 1.99
C VAL E 321 46.44 -6.87 3.07
N LEU E 322 47.30 -6.52 4.04
CA LEU E 322 46.87 -5.76 5.19
C LEU E 322 47.46 -4.35 5.09
N TYR E 323 46.60 -3.41 4.71
CA TYR E 323 46.91 -1.99 4.78
C TYR E 323 46.75 -1.49 6.21
N ARG E 324 47.57 -0.51 6.58
CA ARG E 324 47.40 0.19 7.85
C ARG E 324 47.88 1.62 7.69
N GLY E 325 47.01 2.57 8.07
CA GLY E 325 47.33 3.98 8.06
C GLY E 325 46.14 4.80 7.59
N ILE E 326 46.43 6.05 7.23
CA ILE E 326 45.40 6.94 6.71
C ILE E 326 44.93 6.43 5.35
N MET E 327 43.62 6.40 5.15
CA MET E 327 43.02 5.69 4.02
C MET E 327 42.28 6.73 3.19
N GLU E 328 43.01 7.43 2.32
CA GLU E 328 42.48 8.59 1.62
C GLU E 328 41.94 8.28 0.22
N ASP E 329 42.21 7.08 -0.30
CA ASP E 329 41.82 6.73 -1.67
C ASP E 329 41.23 5.31 -1.70
N LYS E 330 40.29 5.05 -0.79
CA LYS E 330 39.84 3.68 -0.56
C LYS E 330 39.21 3.03 -1.79
N PRO E 331 38.26 3.66 -2.50
CA PRO E 331 37.86 3.07 -3.80
C PRO E 331 39.01 3.00 -4.78
N LEU E 332 39.89 4.00 -4.80
CA LEU E 332 41.03 3.99 -5.70
C LEU E 332 42.01 2.88 -5.34
N ALA E 333 42.25 2.68 -4.04
CA ALA E 333 43.13 1.60 -3.61
C ALA E 333 42.53 0.22 -3.88
N ASP E 334 41.22 0.07 -3.68
CA ASP E 334 40.56 -1.20 -4.03
C ASP E 334 40.64 -1.45 -5.53
N ALA E 335 40.45 -0.42 -6.34
CA ALA E 335 40.59 -0.56 -7.78
C ALA E 335 42.02 -0.92 -8.17
N ALA E 336 43.00 -0.33 -7.49
CA ALA E 336 44.40 -0.67 -7.76
C ALA E 336 44.69 -2.12 -7.40
N LEU E 337 44.16 -2.60 -6.27
CA LEU E 337 44.33 -4.00 -5.90
C LEU E 337 43.67 -4.92 -6.92
N ALA E 338 42.47 -4.56 -7.38
CA ALA E 338 41.80 -5.37 -8.40
C ALA E 338 42.58 -5.37 -9.71
N ALA E 339 43.17 -4.22 -10.07
CA ALA E 339 43.94 -4.13 -11.31
C ALA E 339 45.24 -4.94 -11.22
N MET E 340 45.88 -4.92 -10.05
CA MET E 340 47.08 -5.74 -9.88
C MET E 340 46.73 -7.23 -9.82
N ARG E 341 45.51 -7.55 -9.37
CA ARG E 341 45.09 -8.95 -9.27
C ARG E 341 45.08 -9.63 -10.64
N GLU E 342 44.90 -8.87 -11.72
CA GLU E 342 44.95 -9.44 -13.05
C GLU E 342 46.36 -9.86 -13.45
N LYS E 343 47.37 -9.08 -13.09
CA LYS E 343 48.74 -9.33 -13.51
C LYS E 343 49.55 -10.07 -12.44
N LEU E 344 48.87 -10.81 -11.58
CA LEU E 344 49.53 -11.65 -10.58
C LEU E 344 49.23 -13.13 -10.86
N PRO E 345 50.18 -14.02 -10.57
CA PRO E 345 49.91 -15.45 -10.76
C PRO E 345 49.14 -16.00 -9.56
N LEU E 346 47.86 -16.27 -9.79
CA LEU E 346 46.93 -16.64 -8.73
C LEU E 346 46.31 -18.00 -9.04
N THR E 347 46.10 -18.78 -7.99
CA THR E 347 45.37 -20.03 -8.12
C THR E 347 43.96 -19.77 -8.62
N TYR E 348 43.60 -20.44 -9.70
CA TYR E 348 42.22 -20.39 -10.18
C TYR E 348 41.27 -20.97 -9.15
N TRP E 349 41.73 -21.94 -8.38
CA TRP E 349 40.88 -22.69 -7.47
C TRP E 349 40.74 -22.02 -6.11
N ILE E 350 41.34 -20.84 -5.93
CA ILE E 350 40.82 -19.85 -4.98
C ILE E 350 40.59 -18.58 -5.79
N PRO E 351 39.42 -18.39 -6.39
CA PRO E 351 39.16 -17.14 -7.11
C PRO E 351 39.08 -15.94 -6.18
N THR E 352 38.66 -16.17 -4.95
CA THR E 352 38.58 -15.14 -3.92
C THR E 352 39.85 -15.07 -3.07
N ALA E 353 41.00 -15.00 -3.73
CA ALA E 353 42.28 -15.21 -3.06
C ALA E 353 42.81 -13.96 -2.37
N PHE E 354 42.00 -12.94 -2.14
CA PHE E 354 42.45 -11.72 -1.49
C PHE E 354 41.62 -11.46 -0.24
N LYS E 355 42.29 -11.40 0.90
CA LYS E 355 41.73 -10.84 2.12
C LYS E 355 42.33 -9.44 2.29
N ILE E 356 41.55 -8.42 1.97
CA ILE E 356 42.04 -7.05 2.00
C ILE E 356 41.73 -6.51 3.40
N GLY E 357 42.67 -6.73 4.32
CA GLY E 357 42.51 -6.26 5.68
C GLY E 357 42.93 -4.82 5.79
N TYR E 358 42.19 -4.06 6.59
CA TYR E 358 42.50 -2.66 6.84
C TYR E 358 42.72 -2.43 8.32
N VAL E 359 43.63 -1.50 8.63
CA VAL E 359 43.84 -0.98 9.97
C VAL E 359 43.99 0.54 9.86
N GLU E 360 43.28 1.28 10.70
CA GLU E 360 43.37 2.74 10.64
C GLU E 360 44.72 3.22 11.16
N GLN E 361 45.30 2.50 12.12
CA GLN E 361 46.57 2.92 12.69
C GLN E 361 47.73 2.38 11.88
N PRO E 362 48.65 3.24 11.41
CA PRO E 362 49.82 2.75 10.70
C PRO E 362 50.91 2.25 11.64
N GLY E 363 52.05 1.87 11.07
CA GLY E 363 53.24 1.63 11.86
C GLY E 363 53.89 2.94 12.28
N ILE E 364 54.86 2.82 13.17
CA ILE E 364 55.59 3.98 13.65
C ILE E 364 56.51 4.55 12.58
N SER E 365 57.17 3.68 11.81
CA SER E 365 58.11 4.14 10.80
C SER E 365 57.40 4.84 9.64
N HIS E 366 56.25 4.33 9.22
CA HIS E 366 55.58 4.85 8.04
C HIS E 366 54.13 5.21 8.37
N ARG E 367 53.68 6.35 7.84
CA ARG E 367 52.31 6.77 8.01
C ARG E 367 51.34 5.96 7.16
N LYS E 368 51.84 5.28 6.14
CA LYS E 368 51.04 4.39 5.31
C LYS E 368 51.89 3.14 5.07
N SER E 369 51.41 1.98 5.50
CA SER E 369 52.22 0.78 5.32
C SER E 369 51.29 -0.38 4.98
N MET E 370 51.87 -1.37 4.31
CA MET E 370 51.15 -2.58 3.93
C MET E 370 52.02 -3.79 4.19
N VAL E 371 51.38 -4.90 4.51
CA VAL E 371 52.06 -6.18 4.58
C VAL E 371 51.32 -7.17 3.67
N LEU E 372 52.10 -7.81 2.79
CA LEU E 372 51.66 -9.00 2.08
C LEU E 372 51.88 -10.21 2.97
N LEU E 373 50.87 -11.06 3.11
CA LEU E 373 51.03 -12.34 3.80
C LEU E 373 50.31 -13.38 2.95
N ALA E 374 51.07 -14.07 2.09
CA ALA E 374 50.47 -14.93 1.09
C ALA E 374 50.87 -16.38 1.32
N ASN E 375 50.14 -17.28 0.67
CA ASN E 375 50.49 -18.69 0.59
C ASN E 375 50.93 -18.95 -0.85
N ASN E 376 52.15 -19.43 -1.03
CA ASN E 376 52.77 -19.56 -2.34
C ASN E 376 53.28 -20.98 -2.55
N THR E 377 53.33 -21.40 -3.81
CA THR E 377 53.96 -22.68 -4.16
C THR E 377 55.48 -22.57 -4.17
N GLU E 378 56.03 -21.39 -4.50
CA GLU E 378 57.47 -21.18 -4.52
C GLU E 378 58.13 -21.57 -3.20
N ILE E 379 57.43 -21.40 -2.09
CA ILE E 379 58.01 -21.71 -0.77
C ILE E 379 58.48 -23.15 -0.74
N ALA E 380 57.75 -24.05 -1.41
CA ALA E 380 58.13 -25.46 -1.42
C ALA E 380 59.49 -25.65 -2.06
N ARG E 381 59.74 -25.01 -3.22
CA ARG E 381 61.03 -25.23 -3.84
C ARG E 381 62.13 -24.61 -2.99
N VAL E 382 61.79 -23.57 -2.22
CA VAL E 382 62.72 -23.09 -1.20
C VAL E 382 63.14 -24.22 -0.30
N LEU E 383 62.16 -24.89 0.32
CA LEU E 383 62.45 -26.07 1.13
C LEU E 383 63.14 -27.14 0.31
N ASP E 384 62.80 -27.23 -0.99
CA ASP E 384 63.43 -28.23 -1.85
C ASP E 384 64.93 -28.01 -1.93
N ARG E 385 65.38 -26.76 -2.04
CA ARG E 385 66.82 -26.54 -2.07
C ARG E 385 67.44 -26.96 -0.74
N ILE E 386 66.74 -26.72 0.36
CA ILE E 386 67.18 -27.25 1.65
C ILE E 386 67.19 -28.77 1.59
N CYS E 387 66.15 -29.36 1.01
CA CYS E 387 66.14 -30.79 0.77
C CYS E 387 67.30 -31.20 -0.13
N HIS E 388 67.64 -30.35 -1.11
CA HIS E 388 68.83 -30.60 -1.91
C HIS E 388 70.06 -30.64 -1.03
N ASN E 389 70.16 -29.69 -0.09
CA ASN E 389 71.24 -29.74 0.89
C ASN E 389 71.12 -30.97 1.77
N PHE E 390 69.89 -31.40 2.09
CA PHE E 390 69.71 -32.66 2.80
C PHE E 390 70.20 -33.84 1.97
N ASP E 391 70.17 -33.72 0.65
CA ASP E 391 70.72 -34.77 -0.21
C ASP E 391 72.23 -34.87 -0.08
N LYS E 392 72.89 -33.86 0.48
CA LYS E 392 74.34 -33.90 0.63
C LYS E 392 74.76 -34.47 1.99
N LEU E 393 74.05 -34.10 3.06
CA LEU E 393 74.39 -34.55 4.40
C LEU E 393 73.92 -35.96 4.70
N TRP E 394 73.08 -36.55 3.86
CA TRP E 394 72.54 -37.88 4.11
C TRP E 394 73.05 -38.95 3.17
N GLN E 395 73.51 -38.58 1.98
CA GLN E 395 74.06 -39.55 1.05
C GLN E 395 75.31 -40.24 1.61
N ARG E 396 76.19 -39.47 2.25
CA ARG E 396 77.42 -40.02 2.82
C ARG E 396 77.41 -40.08 4.34
N LYS E 397 76.24 -39.96 4.98
CA LYS E 397 76.08 -40.13 6.43
C LYS E 397 76.99 -39.17 7.20
N ALA E 398 76.68 -37.88 7.08
CA ALA E 398 77.49 -36.82 7.64
C ALA E 398 76.81 -36.20 8.85
N PHE E 399 77.59 -35.99 9.92
CA PHE E 399 77.18 -35.33 11.15
C PHE E 399 76.02 -36.02 11.84
N ALA E 400 75.67 -37.25 11.43
CA ALA E 400 74.50 -37.93 11.94
C ALA E 400 74.83 -38.91 13.07
N ASN E 401 76.08 -38.98 13.50
CA ASN E 401 76.43 -39.87 14.60
C ASN E 401 75.84 -39.38 15.91
N TRP E 402 75.92 -38.07 16.17
CA TRP E 402 75.34 -37.53 17.41
C TRP E 402 73.82 -37.50 17.36
N TYR E 403 73.25 -37.41 16.15
CA TYR E 403 71.81 -37.56 16.00
C TYR E 403 71.35 -38.94 16.45
N LEU E 404 72.10 -39.98 16.06
CA LEU E 404 71.80 -41.32 16.53
C LEU E 404 72.09 -41.49 18.02
N ASN E 405 73.15 -40.83 18.50
CA ASN E 405 73.60 -41.02 19.87
C ASN E 405 72.66 -40.37 20.88
N GLU E 406 72.05 -39.23 20.54
CA GLU E 406 71.17 -38.56 21.48
C GLU E 406 69.80 -39.23 21.61
N GLY E 407 69.46 -40.14 20.69
CA GLY E 407 68.22 -40.87 20.85
C GLY E 407 67.46 -41.19 19.58
N MET E 408 67.72 -40.46 18.50
CA MET E 408 66.99 -40.69 17.27
C MET E 408 67.57 -41.88 16.52
N SER E 409 66.90 -42.27 15.44
CA SER E 409 67.26 -43.45 14.66
C SER E 409 67.38 -43.07 13.19
N GLU E 410 68.15 -43.89 12.45
CA GLU E 410 68.34 -43.66 11.03
C GLU E 410 67.04 -43.79 10.25
N GLU E 411 66.23 -44.80 10.60
CA GLU E 411 64.93 -44.94 9.96
C GLU E 411 64.03 -43.76 10.27
N GLN E 412 64.13 -43.19 11.48
CA GLN E 412 63.38 -41.98 11.79
C GLN E 412 63.82 -40.82 10.92
N ILE E 413 65.13 -40.70 10.68
CA ILE E 413 65.65 -39.65 9.80
C ILE E 413 65.10 -39.83 8.38
N ASN E 414 65.09 -41.08 7.89
CA ASN E 414 64.56 -41.34 6.56
C ASN E 414 63.07 -41.02 6.48
N VAL E 415 62.32 -41.35 7.52
CA VAL E 415 60.89 -41.04 7.55
C VAL E 415 60.66 -39.54 7.54
N LEU E 416 61.46 -38.80 8.32
CA LEU E 416 61.29 -37.35 8.39
C LEU E 416 61.64 -36.69 7.06
N ARG E 417 62.70 -37.16 6.39
CA ARG E 417 63.03 -36.63 5.07
C ARG E 417 61.95 -36.99 4.04
N ALA E 418 61.41 -38.21 4.12
CA ALA E 418 60.33 -38.59 3.22
C ALA E 418 59.09 -37.73 3.45
N SER E 419 58.83 -37.34 4.70
CA SER E 419 57.69 -36.49 4.98
C SER E 419 57.93 -35.06 4.48
N ALA E 420 59.17 -34.58 4.56
CA ALA E 420 59.50 -33.29 3.97
C ALA E 420 59.28 -33.31 2.46
N GLN E 421 59.71 -34.38 1.80
CA GLN E 421 59.44 -34.53 0.37
C GLN E 421 57.94 -34.66 0.11
N GLU E 422 57.20 -35.28 1.03
CA GLU E 422 55.75 -35.35 0.91
C GLU E 422 55.12 -33.96 0.94
N LEU E 423 55.63 -33.09 1.81
CA LEU E 423 55.16 -31.71 1.83
C LEU E 423 55.47 -31.00 0.50
N VAL E 424 56.72 -31.12 0.04
CA VAL E 424 57.13 -30.41 -1.18
C VAL E 424 56.32 -30.90 -2.38
N GLN E 425 56.03 -32.20 -2.43
CA GLN E 425 55.18 -32.73 -3.49
C GLN E 425 53.70 -32.41 -3.26
N SER E 426 53.30 -32.15 -2.02
CA SER E 426 51.93 -31.72 -1.76
C SER E 426 51.70 -30.32 -2.29
N TYR E 427 52.74 -29.48 -2.29
CA TYR E 427 52.57 -28.15 -2.87
C TYR E 427 52.50 -28.20 -4.40
N GLN E 428 53.30 -29.07 -5.04
CA GLN E 428 53.36 -29.11 -6.50
C GLN E 428 52.83 -30.41 -7.09
N ARG F 2 78.75 -23.91 30.46
CA ARG F 2 79.39 -22.64 30.18
C ARG F 2 80.55 -22.38 31.13
N GLU F 3 81.36 -23.41 31.37
CA GLU F 3 82.58 -23.29 32.15
C GLU F 3 83.66 -24.14 31.50
N ILE F 4 84.89 -23.66 31.56
CA ILE F 4 86.03 -24.29 30.90
C ILE F 4 87.11 -24.59 31.92
N LEU F 5 87.58 -25.83 31.95
CA LEU F 5 88.74 -26.22 32.72
C LEU F 5 89.87 -26.50 31.73
N SER F 6 90.98 -25.77 31.89
CA SER F 6 92.13 -25.88 31.00
C SER F 6 93.21 -26.72 31.66
N ILE F 7 93.81 -27.63 30.89
CA ILE F 7 94.91 -28.46 31.35
C ILE F 7 96.14 -28.13 30.52
N HIS F 8 97.25 -27.84 31.18
CA HIS F 8 98.48 -27.45 30.51
C HIS F 8 99.60 -28.39 30.95
N VAL F 9 99.94 -29.33 30.08
CA VAL F 9 100.97 -30.32 30.35
C VAL F 9 102.10 -30.11 29.35
N GLY F 10 103.33 -30.11 29.85
CA GLY F 10 104.50 -29.89 29.02
C GLY F 10 104.97 -28.45 29.04
N GLN F 11 106.24 -28.27 28.66
CA GLN F 11 106.81 -26.94 28.57
C GLN F 11 106.14 -26.12 27.47
N CYS F 12 105.91 -26.75 26.32
CA CYS F 12 105.22 -26.06 25.23
C CYS F 12 103.80 -25.70 25.62
N GLY F 13 103.07 -26.63 26.26
CA GLY F 13 101.73 -26.33 26.73
C GLY F 13 101.71 -25.24 27.77
N ASN F 14 102.73 -25.19 28.63
CA ASN F 14 102.76 -24.15 29.66
C ASN F 14 103.12 -22.79 29.08
N GLN F 15 103.97 -22.73 28.06
CA GLN F 15 104.21 -21.45 27.38
C GLN F 15 102.97 -21.01 26.60
N ILE F 16 102.26 -21.97 26.01
CA ILE F 16 100.97 -21.67 25.40
C ILE F 16 100.03 -21.06 26.42
N ALA F 17 99.98 -21.65 27.62
CA ALA F 17 99.15 -21.11 28.69
C ALA F 17 99.60 -19.72 29.09
N ASP F 18 100.92 -19.51 29.19
CA ASP F 18 101.42 -18.19 29.55
C ASP F 18 100.93 -17.12 28.59
N SER F 19 101.13 -17.34 27.29
CA SER F 19 100.64 -16.38 26.31
C SER F 19 99.12 -16.29 26.29
N PHE F 20 98.44 -17.43 26.50
CA PHE F 20 96.99 -17.48 26.44
C PHE F 20 96.37 -16.61 27.51
N TRP F 21 96.81 -16.77 28.76
CA TRP F 21 96.27 -15.92 29.81
C TRP F 21 96.82 -14.50 29.73
N ARG F 22 98.03 -14.31 29.18
CA ARG F 22 98.55 -12.96 28.99
C ARG F 22 97.64 -12.13 28.10
N LEU F 23 97.13 -12.71 27.02
CA LEU F 23 96.21 -11.93 26.20
C LEU F 23 94.74 -12.10 26.58
N ALA F 24 94.39 -13.17 27.30
CA ALA F 24 93.01 -13.34 27.75
C ALA F 24 92.67 -12.34 28.85
N LEU F 25 93.64 -12.04 29.74
CA LEU F 25 93.39 -11.08 30.79
C LEU F 25 93.24 -9.67 30.22
N ARG F 26 94.07 -9.30 29.24
CA ARG F 26 93.94 -7.97 28.66
C ARG F 26 92.72 -7.87 27.75
N GLU F 27 92.30 -9.00 27.15
CA GLU F 27 91.05 -9.01 26.41
C GLU F 27 89.84 -8.79 27.34
N HIS F 28 90.00 -9.04 28.64
CA HIS F 28 88.93 -8.91 29.60
C HIS F 28 89.19 -7.75 30.57
N GLY F 29 90.10 -6.84 30.19
CA GLY F 29 90.43 -5.71 31.03
C GLY F 29 91.16 -6.03 32.32
N LEU F 30 92.13 -6.93 32.28
CA LEU F 30 92.97 -7.24 33.42
C LEU F 30 94.43 -7.33 32.98
N THR F 31 95.33 -7.10 33.95
CA THR F 31 96.75 -7.27 33.70
C THR F 31 97.13 -8.74 33.86
N GLU F 32 98.43 -9.04 33.71
CA GLU F 32 98.88 -10.41 33.84
C GLU F 32 98.75 -10.93 35.25
N ALA F 33 98.94 -10.08 36.26
CA ALA F 33 98.85 -10.48 37.65
C ALA F 33 97.41 -10.65 38.13
N GLY F 34 96.43 -10.27 37.31
CA GLY F 34 95.04 -10.40 37.69
C GLY F 34 94.52 -9.23 38.49
N THR F 35 94.62 -8.03 37.94
CA THR F 35 94.12 -6.82 38.58
C THR F 35 93.17 -6.12 37.61
N LEU F 36 92.04 -5.64 38.14
CA LEU F 36 91.05 -4.98 37.31
C LEU F 36 91.60 -3.66 36.77
N LYS F 37 91.39 -3.42 35.48
CA LYS F 37 91.89 -2.20 34.84
C LYS F 37 90.80 -1.12 34.82
N SER F 46 79.07 -10.13 28.05
CA SER F 46 80.49 -10.29 28.35
C SER F 46 80.70 -11.22 29.53
N ASN F 47 80.10 -12.42 29.47
CA ASN F 47 80.26 -13.39 30.53
C ASN F 47 81.64 -14.02 30.46
N MET F 48 82.58 -13.47 31.22
CA MET F 48 83.98 -13.83 31.14
C MET F 48 84.38 -14.89 32.16
N GLU F 49 83.43 -15.41 32.94
CA GLU F 49 83.75 -16.34 34.00
C GLU F 49 83.91 -17.78 33.50
N VAL F 50 83.78 -18.01 32.19
CA VAL F 50 83.91 -19.36 31.64
C VAL F 50 85.33 -19.87 31.79
N PHE F 51 86.32 -18.97 31.80
CA PHE F 51 87.72 -19.36 31.95
C PHE F 51 88.24 -19.21 33.37
N PHE F 52 87.71 -18.25 34.14
CA PHE F 52 88.27 -17.86 35.42
C PHE F 52 87.31 -18.21 36.54
N HIS F 53 87.86 -18.73 37.64
CA HIS F 53 87.12 -18.93 38.87
C HIS F 53 87.18 -17.69 39.74
N LYS F 54 86.15 -17.53 40.58
CA LYS F 54 86.02 -16.37 41.44
C LYS F 54 86.71 -16.64 42.76
N VAL F 55 87.80 -15.90 43.02
CA VAL F 55 88.51 -15.94 44.29
C VAL F 55 88.54 -14.57 44.96
N ARG F 56 88.90 -13.54 44.20
CA ARG F 56 88.95 -12.17 44.67
C ARG F 56 88.23 -11.30 43.64
N ASP F 57 87.70 -10.16 44.08
CA ASP F 57 87.00 -9.27 43.16
C ASP F 57 87.96 -8.76 42.09
N GLY F 58 89.19 -8.42 42.47
CA GLY F 58 90.19 -8.04 41.47
C GLY F 58 90.87 -9.22 40.83
N LYS F 59 91.08 -10.31 41.56
CA LYS F 59 91.81 -11.47 41.06
C LYS F 59 90.83 -12.54 40.61
N TYR F 60 90.63 -12.62 39.29
CA TYR F 60 89.84 -13.70 38.69
C TYR F 60 90.82 -14.79 38.30
N VAL F 61 90.84 -15.87 39.09
CA VAL F 61 91.95 -16.82 39.01
C VAL F 61 91.73 -17.78 37.86
N PRO F 62 92.66 -17.88 36.91
CA PRO F 62 92.53 -18.91 35.87
C PRO F 62 92.80 -20.30 36.43
N ARG F 63 91.75 -21.08 36.65
CA ARG F 63 91.91 -22.40 37.26
C ARG F 63 92.34 -23.38 36.19
N ALA F 64 93.65 -23.39 35.92
CA ALA F 64 94.25 -24.29 34.95
C ALA F 64 95.47 -24.94 35.58
N VAL F 65 95.57 -26.26 35.46
CA VAL F 65 96.65 -27.00 36.10
C VAL F 65 97.93 -26.83 35.29
N LEU F 66 98.95 -26.24 35.91
CA LEU F 66 100.27 -26.12 35.29
C LEU F 66 101.19 -27.23 35.76
N VAL F 67 100.77 -28.46 35.51
CA VAL F 67 101.59 -29.62 35.86
C VAL F 67 102.58 -29.88 34.75
N ASP F 68 103.83 -30.16 35.12
CA ASP F 68 104.89 -30.39 34.13
C ASP F 68 105.99 -31.21 34.79
N LEU F 69 106.16 -32.45 34.34
CA LEU F 69 107.28 -33.25 34.80
C LEU F 69 108.57 -32.62 34.30
N GLU F 70 109.59 -32.59 35.18
CA GLU F 70 110.79 -31.79 34.97
C GLU F 70 110.34 -30.35 34.66
N PRO F 71 109.88 -29.61 35.68
CA PRO F 71 109.13 -28.37 35.42
C PRO F 71 109.88 -27.33 34.59
N GLY F 72 110.99 -26.82 35.10
CA GLY F 72 111.85 -25.97 34.29
C GLY F 72 111.23 -24.62 33.97
N VAL F 73 110.18 -24.66 33.16
CA VAL F 73 109.49 -23.45 32.72
C VAL F 73 108.39 -23.03 33.70
N ILE F 74 107.99 -23.91 34.62
CA ILE F 74 106.94 -23.56 35.58
C ILE F 74 107.37 -22.38 36.44
N ALA F 75 108.60 -22.39 36.94
CA ALA F 75 109.11 -21.26 37.70
C ALA F 75 109.18 -19.99 36.86
N ARG F 76 109.37 -20.14 35.55
CA ARG F 76 109.35 -18.98 34.66
C ARG F 76 107.96 -18.35 34.60
N ILE F 77 106.92 -19.18 34.68
CA ILE F 77 105.54 -18.67 34.58
C ILE F 77 105.23 -17.74 35.75
N GLU F 78 105.56 -18.16 36.97
CA GLU F 78 105.38 -17.31 38.15
C GLU F 78 106.65 -16.49 38.36
N GLY F 79 106.80 -15.48 37.51
CA GLY F 79 107.94 -14.59 37.59
C GLY F 79 107.61 -13.16 37.18
N GLN F 84 102.37 -12.26 36.76
CA GLN F 84 101.36 -13.25 36.43
C GLN F 84 101.31 -14.35 37.49
N LEU F 85 100.25 -14.36 38.29
CA LEU F 85 100.10 -15.29 39.40
C LEU F 85 98.96 -16.25 39.09
N PHE F 86 99.23 -17.55 39.17
CA PHE F 86 98.25 -18.59 39.02
C PHE F 86 97.77 -19.04 40.39
N ASP F 87 97.01 -20.13 40.42
CA ASP F 87 96.60 -20.77 41.67
C ASP F 87 97.66 -21.78 42.06
N GLU F 88 98.35 -21.52 43.17
CA GLU F 88 99.47 -22.36 43.58
C GLU F 88 99.01 -23.73 44.07
N SER F 89 97.76 -23.87 44.52
CA SER F 89 97.28 -25.14 45.03
C SER F 89 97.04 -26.14 43.90
N SER F 90 96.52 -25.68 42.77
CA SER F 90 96.17 -26.57 41.67
C SER F 90 97.37 -26.97 40.81
N ILE F 91 98.53 -26.34 41.01
CA ILE F 91 99.72 -26.65 40.23
C ILE F 91 100.69 -27.43 41.11
N VAL F 92 101.58 -28.18 40.46
CA VAL F 92 102.59 -28.96 41.14
C VAL F 92 103.87 -28.96 40.30
N ARG F 93 105.00 -28.83 40.97
CA ARG F 93 106.33 -28.91 40.32
C ARG F 93 106.97 -30.21 40.78
N LYS F 94 106.71 -31.28 40.03
CA LYS F 94 107.09 -32.63 40.43
C LYS F 94 108.60 -32.81 40.24
N ILE F 95 109.13 -33.90 40.81
CA ILE F 95 110.56 -34.22 40.70
C ILE F 95 110.93 -34.40 39.23
N PRO F 96 112.05 -33.86 38.77
CA PRO F 96 112.41 -33.95 37.35
C PRO F 96 112.65 -35.38 36.90
N GLY F 97 112.92 -35.51 35.59
CA GLY F 97 113.12 -36.81 34.98
C GLY F 97 112.08 -37.12 33.93
N ALA F 98 111.57 -36.09 33.26
CA ALA F 98 110.55 -36.30 32.24
C ALA F 98 111.12 -36.90 30.97
N ALA F 99 112.35 -36.50 30.60
CA ALA F 99 113.01 -36.91 29.37
C ALA F 99 112.13 -36.63 28.15
N ASN F 100 112.11 -37.54 27.19
CA ASN F 100 111.25 -37.41 26.01
C ASN F 100 110.46 -38.69 25.78
N ASN F 101 110.05 -39.36 26.86
CA ASN F 101 109.44 -40.68 26.80
C ASN F 101 107.96 -40.59 27.14
N TRP F 102 107.11 -41.06 26.22
CA TRP F 102 105.68 -41.16 26.49
C TRP F 102 105.40 -42.15 27.61
N ALA F 103 106.10 -43.29 27.60
CA ALA F 103 105.90 -44.31 28.62
C ALA F 103 106.34 -43.83 29.99
N ARG F 104 107.42 -43.06 30.06
CA ARG F 104 107.87 -42.53 31.35
C ARG F 104 106.85 -41.57 31.94
N GLY F 105 106.14 -40.83 31.09
CA GLY F 105 105.05 -40.00 31.58
C GLY F 105 103.75 -40.73 31.80
N TYR F 106 103.64 -41.96 31.28
CA TYR F 106 102.40 -42.71 31.43
C TYR F 106 102.41 -43.58 32.69
N ASN F 107 103.35 -44.52 32.78
CA ASN F 107 103.29 -45.54 33.83
C ASN F 107 104.50 -45.60 34.76
N VAL F 108 105.63 -45.00 34.39
CA VAL F 108 106.80 -45.06 35.27
C VAL F 108 106.63 -44.12 36.46
N GLU F 109 106.57 -42.82 36.18
CA GLU F 109 106.26 -41.82 37.20
C GLU F 109 104.98 -41.05 36.91
N GLY F 110 104.27 -41.39 35.83
CA GLY F 110 102.93 -40.88 35.64
C GLY F 110 101.93 -41.47 36.62
N GLU F 111 102.14 -42.73 37.00
CA GLU F 111 101.25 -43.39 37.94
C GLU F 111 101.31 -42.79 39.34
N LYS F 112 102.45 -42.23 39.73
CA LYS F 112 102.59 -41.60 41.04
C LYS F 112 102.19 -40.13 41.03
N VAL F 113 101.64 -39.64 39.92
CA VAL F 113 101.13 -38.27 39.86
C VAL F 113 99.70 -38.19 39.36
N ILE F 114 99.17 -39.20 38.65
CA ILE F 114 97.85 -39.07 38.05
C ILE F 114 96.76 -39.02 39.12
N ASP F 115 96.98 -39.68 40.27
CA ASP F 115 96.00 -39.61 41.35
C ASP F 115 95.86 -38.19 41.87
N GLN F 116 96.98 -37.51 42.09
CA GLN F 116 96.94 -36.14 42.61
C GLN F 116 96.36 -35.17 41.58
N ILE F 117 96.73 -35.34 40.30
CA ILE F 117 96.20 -34.48 39.25
C ILE F 117 94.70 -34.65 39.10
N MET F 118 94.22 -35.89 39.13
CA MET F 118 92.78 -36.12 39.06
C MET F 118 92.05 -35.68 40.33
N ASN F 119 92.71 -35.72 41.49
CA ASN F 119 92.11 -35.13 42.67
C ASN F 119 91.92 -33.63 42.50
N VAL F 120 92.94 -32.96 41.94
CA VAL F 120 92.83 -31.53 41.67
C VAL F 120 91.72 -31.25 40.65
N ILE F 121 91.65 -32.06 39.60
CA ILE F 121 90.66 -31.86 38.54
C ILE F 121 89.26 -32.07 39.09
N ASP F 122 89.06 -33.11 39.90
CA ASP F 122 87.77 -33.35 40.54
C ASP F 122 87.39 -32.25 41.51
N SER F 123 88.35 -31.72 42.28
CA SER F 123 88.06 -30.59 43.15
C SER F 123 87.68 -29.34 42.35
N ALA F 124 88.34 -29.11 41.22
CA ALA F 124 88.05 -27.95 40.39
C ALA F 124 86.70 -28.06 39.70
N VAL F 125 86.31 -29.27 39.28
CA VAL F 125 85.03 -29.44 38.59
C VAL F 125 83.87 -29.61 39.56
N GLU F 126 84.12 -30.03 40.80
CA GLU F 126 83.05 -30.23 41.76
C GLU F 126 82.48 -28.93 42.28
N LYS F 127 83.31 -27.91 42.48
CA LYS F 127 82.87 -26.62 43.00
C LYS F 127 82.53 -25.63 41.89
N THR F 128 82.17 -26.13 40.72
CA THR F 128 81.85 -25.29 39.57
C THR F 128 80.38 -25.51 39.20
N LYS F 129 79.74 -24.47 38.66
CA LYS F 129 78.31 -24.52 38.42
C LYS F 129 77.95 -25.54 37.34
N GLY F 130 78.46 -25.34 36.12
CA GLY F 130 78.21 -26.27 35.04
C GLY F 130 79.17 -26.07 33.89
N LEU F 131 79.82 -27.13 33.43
CA LEU F 131 80.87 -27.04 32.44
C LEU F 131 80.39 -27.46 31.06
N GLN F 132 81.27 -27.31 30.08
CA GLN F 132 81.05 -27.76 28.73
C GLN F 132 82.11 -28.73 28.23
N GLY F 133 83.35 -28.56 28.66
CA GLY F 133 84.42 -29.42 28.22
C GLY F 133 85.77 -28.91 28.71
N PHE F 134 86.82 -29.41 28.07
CA PHE F 134 88.18 -29.10 28.47
C PHE F 134 88.97 -28.64 27.25
N LEU F 135 89.79 -27.62 27.43
CA LEU F 135 90.74 -27.17 26.42
C LEU F 135 92.14 -27.45 26.97
N MET F 136 92.71 -28.59 26.57
CA MET F 136 94.03 -28.98 27.03
C MET F 136 95.08 -28.63 25.99
N THR F 137 96.05 -27.82 26.40
CA THR F 137 97.11 -27.34 25.52
C THR F 137 98.40 -28.05 25.89
N HIS F 138 99.09 -28.57 24.88
CA HIS F 138 100.28 -29.38 25.10
C HIS F 138 101.06 -29.48 23.80
N SER F 139 102.16 -30.22 23.85
CA SER F 139 102.87 -30.66 22.65
C SER F 139 102.88 -32.18 22.65
N ILE F 140 102.43 -32.76 21.53
CA ILE F 140 102.41 -34.21 21.42
C ILE F 140 103.81 -34.82 21.34
N GLY F 141 104.81 -34.04 20.94
CA GLY F 141 106.18 -34.51 20.82
C GLY F 141 106.99 -34.54 22.09
N GLY F 142 106.45 -34.06 23.20
CA GLY F 142 107.20 -34.03 24.44
C GLY F 142 107.26 -35.39 25.12
N GLY F 143 107.80 -35.37 26.33
CA GLY F 143 107.81 -36.57 27.16
C GLY F 143 106.90 -36.42 28.36
N SER F 144 106.84 -35.20 28.90
CA SER F 144 105.93 -34.91 30.01
C SER F 144 104.52 -34.63 29.50
N GLY F 145 104.38 -33.60 28.66
CA GLY F 145 103.07 -33.20 28.17
C GLY F 145 102.43 -34.20 27.22
N SER F 146 103.20 -35.15 26.70
CA SER F 146 102.64 -36.17 25.82
C SER F 146 102.08 -37.33 26.62
N GLY F 147 102.93 -38.00 27.41
CA GLY F 147 102.46 -39.12 28.20
C GLY F 147 101.50 -38.73 29.30
N LEU F 148 101.83 -37.66 30.03
CA LEU F 148 100.93 -37.19 31.08
C LEU F 148 99.61 -36.70 30.49
N GLY F 149 99.68 -36.01 29.35
CA GLY F 149 98.45 -35.61 28.68
C GLY F 149 97.61 -36.79 28.25
N SER F 150 98.26 -37.84 27.74
CA SER F 150 97.55 -39.05 27.34
C SER F 150 96.87 -39.71 28.53
N LEU F 151 97.57 -39.83 29.65
CA LEU F 151 97.00 -40.47 30.82
C LEU F 151 95.88 -39.61 31.42
N ILE F 152 96.04 -38.29 31.37
CA ILE F 152 94.98 -37.38 31.82
C ILE F 152 93.75 -37.54 30.94
N LEU F 153 93.95 -37.68 29.62
CA LEU F 153 92.84 -37.95 28.72
C LEU F 153 92.12 -39.24 29.08
N GLU F 154 92.89 -40.32 29.31
CA GLU F 154 92.28 -41.60 29.66
C GLU F 154 91.48 -41.52 30.95
N ARG F 155 92.06 -40.93 32.00
CA ARG F 155 91.37 -40.90 33.27
C ARG F 155 90.38 -39.76 33.39
N LEU F 156 90.25 -38.93 32.34
CA LEU F 156 89.23 -37.90 32.28
C LEU F 156 88.01 -38.33 31.46
N ARG F 157 88.21 -39.06 30.36
CA ARG F 157 87.09 -39.55 29.58
C ARG F 157 86.30 -40.62 30.33
N GLN F 158 87.00 -41.55 31.00
CA GLN F 158 86.30 -42.57 31.76
C GLN F 158 85.62 -42.03 33.00
N ALA F 159 85.96 -40.81 33.43
CA ALA F 159 85.32 -40.16 34.56
C ALA F 159 84.18 -39.25 34.16
N TYR F 160 84.36 -38.47 33.09
CA TYR F 160 83.33 -37.57 32.57
C TYR F 160 83.17 -37.85 31.07
N PRO F 161 82.46 -38.92 30.71
CA PRO F 161 82.28 -39.21 29.28
C PRO F 161 81.36 -38.24 28.57
N LYS F 162 80.54 -37.49 29.30
CA LYS F 162 79.62 -36.54 28.70
C LYS F 162 80.24 -35.18 28.46
N LYS F 163 81.43 -34.91 28.98
CA LYS F 163 82.14 -33.67 28.75
C LYS F 163 82.96 -33.74 27.47
N ARG F 164 83.27 -32.57 26.93
CA ARG F 164 83.67 -32.43 25.53
C ARG F 164 85.10 -31.89 25.48
N ILE F 165 86.07 -32.80 25.50
CA ILE F 165 87.47 -32.43 25.59
C ILE F 165 87.97 -31.92 24.25
N PHE F 166 88.57 -30.73 24.24
CA PHE F 166 89.27 -30.18 23.10
C PHE F 166 90.75 -30.09 23.42
N THR F 167 91.59 -30.53 22.49
CA THR F 167 93.03 -30.51 22.68
C THR F 167 93.66 -29.55 21.69
N PHE F 168 94.49 -28.63 22.20
CA PHE F 168 95.30 -27.74 21.37
C PHE F 168 96.71 -28.29 21.37
N SER F 169 97.00 -29.16 20.41
CA SER F 169 98.26 -29.89 20.36
C SER F 169 99.18 -29.28 19.32
N VAL F 170 100.47 -29.16 19.67
CA VAL F 170 101.48 -28.67 18.74
C VAL F 170 102.21 -29.88 18.17
N VAL F 171 102.05 -30.09 16.87
CA VAL F 171 102.71 -31.18 16.15
C VAL F 171 104.18 -30.82 15.95
N PRO F 172 105.09 -31.77 16.02
CA PRO F 172 106.51 -31.47 15.74
C PRO F 172 106.72 -30.93 14.34
N SER F 173 107.72 -30.07 14.22
CA SER F 173 108.01 -29.40 12.96
C SER F 173 108.47 -30.41 11.89
N PRO F 174 108.10 -30.19 10.63
CA PRO F 174 108.55 -31.08 9.57
C PRO F 174 110.01 -30.84 9.17
N LEU F 175 110.45 -29.58 9.22
CA LEU F 175 111.78 -29.24 8.73
C LEU F 175 112.87 -29.67 9.71
N ILE F 176 112.59 -29.67 11.00
CA ILE F 176 113.58 -30.07 12.00
C ILE F 176 112.82 -30.58 13.22
N SER F 177 113.44 -31.52 13.94
CA SER F 177 112.85 -32.11 15.13
C SER F 177 113.73 -31.82 16.34
N ASP F 178 113.11 -31.32 17.41
CA ASP F 178 113.84 -31.09 18.66
C ASP F 178 114.31 -32.41 19.26
N SER F 179 113.46 -33.43 19.22
CA SER F 179 113.79 -34.77 19.69
C SER F 179 113.64 -35.76 18.55
N ALA F 180 114.50 -36.78 18.53
CA ALA F 180 114.43 -37.80 17.50
C ALA F 180 113.38 -38.87 17.82
N VAL F 181 112.89 -38.90 19.06
CA VAL F 181 111.94 -39.93 19.48
C VAL F 181 110.50 -39.42 19.52
N GLU F 182 110.29 -38.13 19.22
CA GLU F 182 108.98 -37.50 19.34
C GLU F 182 107.89 -38.05 18.40
N PRO F 183 108.20 -38.72 17.28
CA PRO F 183 107.13 -39.45 16.57
C PRO F 183 106.34 -40.40 17.46
N TYR F 184 107.02 -41.17 18.32
CA TYR F 184 106.32 -42.12 19.17
C TYR F 184 105.39 -41.43 20.14
N ASN F 185 105.90 -40.43 20.86
CA ASN F 185 105.07 -39.70 21.80
C ASN F 185 103.90 -39.03 21.09
N ALA F 186 104.15 -38.46 19.90
CA ALA F 186 103.10 -37.82 19.14
C ALA F 186 101.98 -38.79 18.78
N ILE F 187 102.34 -39.95 18.23
CA ILE F 187 101.32 -40.89 17.75
C ILE F 187 100.58 -41.52 18.93
N LEU F 188 101.31 -41.91 19.98
CA LEU F 188 100.65 -42.51 21.14
C LEU F 188 99.90 -41.50 22.00
N THR F 189 100.10 -40.20 21.79
CA THR F 189 99.21 -39.22 22.41
C THR F 189 98.01 -38.93 21.51
N LEU F 190 98.20 -39.00 20.20
CA LEU F 190 97.13 -38.77 19.25
C LEU F 190 96.06 -39.85 19.36
N GLN F 191 96.49 -41.11 19.53
CA GLN F 191 95.54 -42.20 19.66
C GLN F 191 94.74 -42.07 20.96
N ARG F 192 95.38 -41.61 22.02
CA ARG F 192 94.68 -41.32 23.26
C ARG F 192 93.69 -40.17 23.10
N ILE F 193 94.07 -39.15 22.33
CA ILE F 193 93.14 -38.07 22.00
C ILE F 193 91.89 -38.63 21.34
N LEU F 194 92.08 -39.58 20.42
CA LEU F 194 90.94 -40.27 19.81
C LEU F 194 90.10 -41.00 20.85
N ASP F 195 90.74 -41.78 21.73
CA ASP F 195 89.96 -42.53 22.70
C ASP F 195 89.32 -41.67 23.78
N ASN F 196 89.69 -40.39 23.86
CA ASN F 196 89.25 -39.60 25.00
C ASN F 196 88.73 -38.21 24.68
N ALA F 197 88.84 -37.73 23.44
CA ALA F 197 88.44 -36.38 23.10
C ALA F 197 87.58 -36.38 21.85
N ASP F 198 86.60 -35.48 21.82
CA ASP F 198 85.72 -35.31 20.66
C ASP F 198 86.06 -34.04 19.89
N GLY F 199 87.22 -33.45 20.14
CA GLY F 199 87.66 -32.26 19.43
C GLY F 199 89.14 -32.03 19.61
N ALA F 200 89.82 -31.54 18.58
CA ALA F 200 91.26 -31.34 18.64
C ALA F 200 91.66 -30.29 17.61
N VAL F 201 92.44 -29.31 18.06
CA VAL F 201 93.00 -28.30 17.18
C VAL F 201 94.51 -28.49 17.15
N LEU F 202 95.05 -28.78 15.97
CA LEU F 202 96.47 -29.07 15.82
C LEU F 202 97.23 -27.80 15.49
N LEU F 203 98.44 -27.69 16.02
CA LEU F 203 99.31 -26.54 15.79
C LEU F 203 100.61 -27.03 15.16
N ASP F 204 101.07 -26.31 14.15
CA ASP F 204 102.36 -26.61 13.51
C ASP F 204 103.27 -25.41 13.68
N ASN F 205 104.55 -25.67 13.91
CA ASN F 205 105.46 -24.60 14.32
C ASN F 205 105.87 -23.73 13.13
N GLU F 206 106.30 -24.34 12.02
CA GLU F 206 106.89 -23.55 10.93
C GLU F 206 105.90 -22.62 10.26
N ALA F 207 104.63 -23.03 10.17
CA ALA F 207 103.60 -22.12 9.66
C ALA F 207 103.44 -20.93 10.58
N LEU F 208 103.48 -21.16 11.90
CA LEU F 208 103.44 -20.06 12.85
C LEU F 208 104.67 -19.17 12.72
N PHE F 209 105.84 -19.77 12.48
CA PHE F 209 107.07 -18.99 12.28
C PHE F 209 106.94 -18.06 11.09
N ARG F 210 106.44 -18.56 9.97
CA ARG F 210 106.31 -17.71 8.80
C ARG F 210 105.21 -16.67 8.97
N ILE F 211 104.13 -17.01 9.68
CA ILE F 211 103.10 -16.02 9.99
C ILE F 211 103.66 -14.88 10.84
N ALA F 212 104.41 -15.22 11.88
CA ALA F 212 104.96 -14.19 12.76
C ALA F 212 106.06 -13.38 12.05
N LYS F 213 106.82 -14.03 11.17
CA LYS F 213 107.83 -13.32 10.41
C LYS F 213 107.20 -12.33 9.43
N ALA F 214 106.09 -12.74 8.79
CA ALA F 214 105.38 -11.81 7.91
C ALA F 214 104.70 -10.71 8.70
N LYS F 215 104.22 -10.99 9.91
CA LYS F 215 103.52 -9.99 10.71
C LYS F 215 104.50 -8.97 11.28
N LEU F 216 105.66 -9.42 11.74
CA LEU F 216 106.70 -8.55 12.25
C LEU F 216 107.71 -8.22 11.16
N ASN F 217 108.81 -7.59 11.54
CA ASN F 217 109.90 -7.26 10.63
C ASN F 217 111.23 -7.91 11.04
N ARG F 218 111.27 -8.63 12.15
CA ARG F 218 112.47 -9.26 12.64
C ARG F 218 112.16 -10.71 13.02
N SER F 219 113.20 -11.46 13.38
CA SER F 219 113.05 -12.87 13.69
C SER F 219 112.30 -13.04 15.01
N PRO F 220 111.20 -13.80 15.03
CA PRO F 220 110.44 -13.97 16.27
C PRO F 220 110.97 -15.09 17.14
N ASN F 221 110.39 -15.23 18.33
CA ASN F 221 110.73 -16.30 19.26
C ASN F 221 109.42 -16.94 19.74
N TYR F 222 109.54 -18.00 20.54
CA TYR F 222 108.37 -18.80 20.92
C TYR F 222 107.31 -17.98 21.64
N MET F 223 107.67 -16.83 22.21
CA MET F 223 106.65 -15.97 22.80
C MET F 223 105.65 -15.50 21.76
N ASP F 224 106.12 -15.07 20.59
CA ASP F 224 105.20 -14.66 19.52
C ASP F 224 104.48 -15.87 18.93
N LEU F 225 105.19 -16.99 18.76
CA LEU F 225 104.59 -18.22 18.26
C LEU F 225 103.37 -18.60 19.10
N ASN F 226 103.56 -18.64 20.41
CA ASN F 226 102.47 -18.95 21.33
C ASN F 226 101.52 -17.78 21.50
N ASN F 227 101.90 -16.58 21.06
CA ASN F 227 100.94 -15.48 21.03
C ASN F 227 99.90 -15.67 19.94
N ILE F 228 100.33 -16.08 18.74
CA ILE F 228 99.35 -16.48 17.73
C ILE F 228 98.54 -17.69 18.19
N ILE F 229 99.20 -18.67 18.83
CA ILE F 229 98.45 -19.79 19.41
C ILE F 229 97.39 -19.28 20.40
N ALA F 230 97.77 -18.31 21.22
CA ALA F 230 96.87 -17.76 22.22
C ALA F 230 95.70 -17.03 21.57
N LEU F 231 95.96 -16.29 20.49
CA LEU F 231 94.88 -15.64 19.76
C LEU F 231 93.91 -16.66 19.19
N ILE F 232 94.44 -17.78 18.67
CA ILE F 232 93.59 -18.87 18.21
C ILE F 232 92.70 -19.37 19.33
N VAL F 233 93.29 -19.70 20.48
CA VAL F 233 92.53 -20.28 21.58
C VAL F 233 91.51 -19.29 22.12
N SER F 234 91.86 -18.00 22.15
CA SER F 234 90.93 -16.98 22.59
C SER F 234 89.75 -16.85 21.64
N SER F 235 90.01 -16.94 20.34
CA SER F 235 88.92 -16.82 19.36
C SER F 235 88.07 -18.08 19.29
N VAL F 236 88.58 -19.24 19.72
CA VAL F 236 87.77 -20.45 19.73
C VAL F 236 86.57 -20.29 20.67
N THR F 237 86.83 -19.76 21.87
CA THR F 237 85.80 -19.62 22.90
C THR F 237 85.17 -18.23 22.88
N ALA F 238 85.54 -17.39 21.89
CA ALA F 238 85.16 -15.98 21.91
C ALA F 238 83.66 -15.78 21.93
N SER F 239 82.93 -16.41 21.01
CA SER F 239 81.49 -16.25 20.97
C SER F 239 80.79 -16.90 22.15
N LEU F 240 81.48 -17.73 22.92
CA LEU F 240 80.94 -18.36 24.11
C LEU F 240 81.11 -17.48 25.35
N ARG F 241 82.15 -16.65 25.36
CA ARG F 241 82.41 -15.72 26.46
C ARG F 241 82.15 -14.27 26.09
N PHE F 242 81.93 -13.97 24.81
CA PHE F 242 81.56 -12.65 24.33
C PHE F 242 80.27 -12.84 23.55
N PRO F 243 79.14 -12.98 24.25
CA PRO F 243 77.90 -13.39 23.59
C PRO F 243 77.32 -12.32 22.68
N GLY F 244 77.47 -12.52 21.38
CA GLY F 244 76.91 -11.60 20.41
C GLY F 244 75.73 -12.19 19.70
N LYS F 245 75.68 -11.98 18.38
CA LYS F 245 74.67 -12.60 17.55
C LYS F 245 75.23 -13.87 16.93
N LEU F 246 74.35 -14.82 16.64
CA LEU F 246 74.74 -16.13 16.10
C LEU F 246 75.76 -16.82 17.00
N ASN F 247 75.43 -16.87 18.29
CA ASN F 247 76.35 -17.33 19.32
C ASN F 247 76.66 -18.81 19.18
N THR F 248 77.80 -19.21 19.75
CA THR F 248 78.33 -20.55 19.55
C THR F 248 78.55 -21.24 20.89
N ASP F 249 78.80 -22.55 20.82
CA ASP F 249 79.14 -23.37 21.97
C ASP F 249 80.09 -24.47 21.53
N LEU F 250 80.85 -25.02 22.48
CA LEU F 250 81.78 -26.10 22.14
C LEU F 250 81.04 -27.37 21.74
N SER F 251 79.89 -27.63 22.36
CA SER F 251 79.04 -28.73 21.91
C SER F 251 78.57 -28.50 20.49
N GLU F 252 78.31 -27.24 20.13
CA GLU F 252 77.98 -26.93 18.75
C GLU F 252 79.19 -27.18 17.83
N PHE F 253 80.40 -26.86 18.32
CA PHE F 253 81.60 -27.19 17.54
C PHE F 253 81.69 -28.67 17.27
N VAL F 254 81.44 -29.50 18.29
CA VAL F 254 81.48 -30.95 18.09
C VAL F 254 80.38 -31.39 17.12
N THR F 255 79.17 -30.85 17.28
CA THR F 255 78.05 -31.33 16.48
C THR F 255 78.22 -31.00 15.00
N ASN F 256 78.69 -29.78 14.68
CA ASN F 256 78.76 -29.38 13.28
C ASN F 256 80.20 -29.18 12.78
N LEU F 257 81.19 -29.73 13.46
CA LEU F 257 82.55 -29.81 12.94
C LEU F 257 83.10 -31.23 12.92
N VAL F 258 82.34 -32.19 13.45
CA VAL F 258 82.78 -33.58 13.53
C VAL F 258 81.76 -34.45 12.80
N PRO F 259 81.87 -34.59 11.47
CA PRO F 259 80.86 -35.35 10.72
C PRO F 259 80.88 -36.85 10.99
N PHE F 260 81.97 -37.40 11.50
CA PHE F 260 82.10 -38.82 11.73
C PHE F 260 82.61 -39.05 13.15
N PRO F 261 82.27 -40.19 13.77
CA PRO F 261 82.46 -40.33 15.22
C PRO F 261 83.90 -40.13 15.71
N GLY F 262 84.89 -40.61 14.97
CA GLY F 262 86.27 -40.49 15.38
C GLY F 262 87.10 -39.45 14.64
N ASN F 263 86.48 -38.53 13.93
CA ASN F 263 87.18 -37.60 13.04
C ASN F 263 86.93 -36.16 13.51
N HIS F 264 87.76 -35.71 14.45
CA HIS F 264 87.53 -34.45 15.16
C HIS F 264 88.82 -33.65 15.32
N PHE F 265 89.63 -33.57 14.27
CA PHE F 265 90.87 -32.79 14.31
C PHE F 265 90.72 -31.53 13.48
N LEU F 266 91.01 -30.39 14.10
CA LEU F 266 90.78 -29.08 13.52
C LEU F 266 92.11 -28.37 13.27
N THR F 267 92.08 -27.44 12.33
CA THR F 267 93.15 -26.46 12.14
C THR F 267 92.54 -25.08 12.04
N ALA F 268 93.25 -24.09 12.56
CA ALA F 268 92.68 -22.76 12.76
C ALA F 268 93.57 -21.68 12.16
N SER F 269 92.95 -20.55 11.83
CA SER F 269 93.63 -19.37 11.34
C SER F 269 93.03 -18.14 11.99
N PHE F 270 93.88 -17.19 12.36
CA PHE F 270 93.45 -15.92 12.94
C PHE F 270 93.87 -14.79 12.02
N ALA F 271 92.96 -13.83 11.83
CA ALA F 271 93.18 -12.64 11.03
C ALA F 271 92.67 -11.43 11.78
N PRO F 272 93.28 -10.24 11.58
CA PRO F 272 94.43 -9.97 10.71
C PRO F 272 95.76 -10.27 11.37
N MET F 273 96.80 -10.41 10.55
CA MET F 273 98.15 -10.66 11.04
C MET F 273 99.04 -9.45 10.79
N VAL F 282 94.19 -1.87 14.14
CA VAL F 282 94.15 -2.17 12.72
C VAL F 282 92.76 -1.93 12.16
N ARG F 283 92.60 -0.84 11.41
CA ARG F 283 91.32 -0.51 10.78
C ARG F 283 91.31 -1.01 9.34
N THR F 284 91.25 -2.34 9.22
CA THR F 284 91.30 -2.98 7.91
C THR F 284 89.90 -3.11 7.33
N ASN F 285 89.84 -3.13 5.99
CA ASN F 285 88.58 -3.35 5.30
C ASN F 285 88.12 -4.78 5.53
N PHE F 286 86.82 -4.96 5.74
CA PHE F 286 86.26 -6.27 6.02
C PHE F 286 86.49 -7.30 4.91
N PRO F 287 86.34 -6.96 3.61
CA PRO F 287 86.68 -7.96 2.58
C PRO F 287 88.11 -8.46 2.66
N ASP F 288 89.08 -7.58 2.95
CA ASP F 288 90.46 -8.03 3.10
C ASP F 288 90.61 -9.01 4.25
N LEU F 289 89.99 -8.69 5.40
CA LEU F 289 90.04 -9.58 6.55
C LEU F 289 89.38 -10.92 6.24
N ALA F 290 88.25 -10.89 5.53
CA ALA F 290 87.53 -12.12 5.21
C ALA F 290 88.31 -13.01 4.23
N ARG F 291 88.94 -12.42 3.22
CA ARG F 291 89.72 -13.24 2.29
C ARG F 291 91.04 -13.71 2.89
N GLU F 292 91.63 -12.96 3.82
CA GLU F 292 92.89 -13.39 4.41
C GLU F 292 92.67 -14.26 5.66
N THR F 293 91.44 -14.31 6.18
CA THR F 293 91.12 -15.25 7.25
C THR F 293 91.16 -16.69 6.75
N PHE F 294 90.47 -16.97 5.65
CA PHE F 294 90.44 -18.30 5.05
C PHE F 294 91.51 -18.43 3.97
N ALA F 295 92.74 -18.09 4.31
CA ALA F 295 93.85 -18.10 3.37
C ALA F 295 94.70 -19.35 3.56
N GLN F 296 95.21 -19.88 2.45
CA GLN F 296 96.00 -21.10 2.49
C GLN F 296 97.31 -20.91 3.23
N ASP F 297 97.88 -19.70 3.18
CA ASP F 297 99.16 -19.40 3.81
C ASP F 297 99.00 -18.72 5.16
N ASN F 298 97.80 -18.73 5.74
CA ASN F 298 97.53 -18.06 7.00
C ASN F 298 97.41 -19.05 8.15
N PHE F 299 96.91 -20.26 7.88
CA PHE F 299 96.49 -21.20 8.92
C PHE F 299 97.66 -21.62 9.80
N THR F 300 97.32 -22.07 11.01
CA THR F 300 98.29 -22.37 12.05
C THR F 300 98.81 -23.80 12.00
N ALA F 301 98.40 -24.60 11.03
CA ALA F 301 98.95 -25.93 10.82
C ALA F 301 99.27 -26.11 9.35
N ALA F 302 100.51 -26.49 9.05
CA ALA F 302 100.96 -26.71 7.68
C ALA F 302 100.38 -28.03 7.19
N ILE F 303 99.18 -27.98 6.60
CA ILE F 303 98.51 -29.18 6.17
C ILE F 303 98.42 -29.16 4.64
N ASP F 304 97.92 -30.24 4.05
CA ASP F 304 97.84 -30.36 2.59
C ASP F 304 96.60 -29.63 2.10
N TRP F 305 96.82 -28.56 1.35
CA TRP F 305 95.73 -27.76 0.81
C TRP F 305 95.37 -28.14 -0.63
N GLN F 306 96.38 -28.36 -1.48
CA GLN F 306 96.12 -28.62 -2.89
C GLN F 306 95.35 -29.92 -3.09
N GLN F 307 95.83 -31.01 -2.49
CA GLN F 307 95.11 -32.26 -2.58
C GLN F 307 93.93 -32.29 -1.62
N GLY F 308 94.04 -31.58 -0.49
CA GLY F 308 93.02 -31.65 0.53
C GLY F 308 91.82 -30.78 0.24
N VAL F 309 90.73 -31.09 0.95
CA VAL F 309 89.47 -30.35 0.84
C VAL F 309 88.93 -30.11 2.24
N TYR F 310 87.98 -29.18 2.32
CA TYR F 310 87.36 -28.80 3.59
C TYR F 310 86.22 -29.76 3.91
N LEU F 311 86.18 -30.22 5.16
CA LEU F 311 85.00 -30.96 5.61
C LEU F 311 84.01 -30.03 6.31
N ALA F 312 84.46 -29.31 7.32
CA ALA F 312 83.55 -28.46 8.09
C ALA F 312 84.27 -27.21 8.54
N ALA F 313 83.80 -26.06 8.09
CA ALA F 313 84.42 -24.77 8.39
C ALA F 313 83.59 -24.02 9.42
N SER F 314 84.27 -23.35 10.35
CA SER F 314 83.63 -22.47 11.31
C SER F 314 84.28 -21.09 11.21
N ALA F 315 83.48 -20.08 10.89
CA ALA F 315 83.94 -18.71 10.71
C ALA F 315 83.42 -17.88 11.88
N LEU F 316 84.31 -17.50 12.78
CA LEU F 316 83.98 -16.73 13.97
C LEU F 316 84.54 -15.32 13.81
N PHE F 317 83.68 -14.36 13.50
CA PHE F 317 84.09 -12.99 13.36
C PHE F 317 83.71 -12.18 14.60
N ARG F 318 84.59 -11.27 14.99
CA ARG F 318 84.42 -10.55 16.24
C ARG F 318 84.95 -9.13 16.08
N GLY F 319 84.35 -8.21 16.84
CA GLY F 319 84.74 -6.81 16.84
C GLY F 319 83.77 -5.90 16.13
N ASP F 320 84.27 -5.16 15.13
CA ASP F 320 83.48 -4.22 14.35
C ASP F 320 82.91 -4.91 13.11
N VAL F 321 82.76 -6.23 13.23
CA VAL F 321 82.30 -7.06 12.12
C VAL F 321 80.85 -6.72 11.78
N LYS F 322 80.51 -6.85 10.50
CA LYS F 322 79.23 -6.41 9.98
C LYS F 322 78.50 -7.58 9.33
N ALA F 323 77.19 -7.69 9.60
CA ALA F 323 76.44 -8.88 9.23
C ALA F 323 76.44 -9.11 7.72
N LYS F 324 76.07 -8.09 6.94
CA LYS F 324 76.06 -8.27 5.50
C LYS F 324 77.49 -8.40 4.97
N ASP F 325 78.45 -7.79 5.64
CA ASP F 325 79.85 -7.98 5.27
C ASP F 325 80.29 -9.41 5.55
N VAL F 326 79.82 -10.01 6.64
CA VAL F 326 80.12 -11.41 6.91
C VAL F 326 79.49 -12.29 5.84
N ASP F 327 78.24 -12.03 5.47
CA ASP F 327 77.53 -12.91 4.57
C ASP F 327 77.76 -12.59 3.10
N GLU F 328 78.51 -11.53 2.79
CA GLU F 328 78.79 -11.14 1.42
C GLU F 328 80.23 -11.44 1.01
N ASN F 329 80.96 -12.21 1.82
CA ASN F 329 82.35 -12.53 1.50
C ASN F 329 82.41 -13.81 0.68
N MET F 330 81.39 -14.03 -0.15
CA MET F 330 81.21 -15.29 -0.86
C MET F 330 82.27 -15.52 -1.91
N ALA F 331 83.08 -14.51 -2.25
CA ALA F 331 84.10 -14.68 -3.28
C ALA F 331 85.17 -15.68 -2.86
N THR F 332 85.63 -15.58 -1.61
CA THR F 332 86.65 -16.52 -1.13
C THR F 332 86.08 -17.92 -0.94
N ILE F 333 84.75 -18.07 -0.89
CA ILE F 333 84.14 -19.38 -0.77
C ILE F 333 83.97 -20.01 -2.14
N ARG F 334 83.47 -19.24 -3.11
CA ARG F 334 83.24 -19.78 -4.45
C ARG F 334 84.50 -19.77 -5.30
N LYS F 335 85.58 -19.17 -4.82
CA LYS F 335 86.83 -19.10 -5.57
C LYS F 335 87.97 -19.87 -4.89
N SER F 336 88.19 -19.65 -3.60
CA SER F 336 89.33 -20.24 -2.90
C SER F 336 88.97 -21.48 -2.08
N LEU F 337 87.83 -21.46 -1.39
CA LEU F 337 87.46 -22.60 -0.57
C LEU F 337 86.99 -23.76 -1.44
N ASN F 338 87.52 -24.95 -1.17
CA ASN F 338 87.18 -26.16 -1.90
C ASN F 338 86.48 -27.11 -0.93
N TYR F 339 85.23 -27.44 -1.23
CA TYR F 339 84.43 -28.28 -0.35
C TYR F 339 84.35 -29.71 -0.87
N ALA F 340 83.98 -30.62 0.02
CA ALA F 340 83.86 -32.02 -0.33
C ALA F 340 82.56 -32.28 -1.10
N SER F 341 82.43 -33.51 -1.60
CA SER F 341 81.27 -33.87 -2.41
C SER F 341 79.98 -33.86 -1.60
N TYR F 342 80.05 -34.15 -0.30
CA TYR F 342 78.86 -34.24 0.54
C TYR F 342 78.51 -32.91 1.21
N MET F 343 79.12 -31.81 0.81
CA MET F 343 78.80 -30.55 1.47
C MET F 343 78.26 -29.56 0.46
N PRO F 344 77.15 -28.90 0.77
CA PRO F 344 76.54 -27.97 -0.19
C PRO F 344 77.41 -26.76 -0.47
N ALA F 345 77.24 -26.20 -1.67
CA ALA F 345 78.04 -25.05 -2.08
C ALA F 345 77.78 -23.84 -1.21
N SER F 346 76.52 -23.59 -0.86
CA SER F 346 76.17 -22.52 0.07
C SER F 346 76.40 -22.90 1.52
N GLY F 347 76.50 -24.19 1.83
CA GLY F 347 76.77 -24.65 3.16
C GLY F 347 78.25 -24.85 3.39
N GLY F 348 78.56 -25.67 4.39
CA GLY F 348 79.95 -25.87 4.74
C GLY F 348 80.54 -24.78 5.60
N LEU F 349 79.75 -23.80 6.01
CA LEU F 349 80.22 -22.75 6.90
C LEU F 349 79.33 -22.68 8.12
N LYS F 350 79.97 -22.52 9.27
CA LYS F 350 79.32 -22.41 10.58
C LYS F 350 79.71 -21.05 11.15
N LEU F 351 78.77 -20.13 11.17
CA LEU F 351 79.09 -18.72 11.40
C LEU F 351 78.82 -18.31 12.84
N GLY F 352 79.63 -17.36 13.30
CA GLY F 352 79.45 -16.77 14.61
C GLY F 352 79.88 -15.31 14.67
N TYR F 353 79.13 -14.48 15.39
CA TYR F 353 79.41 -13.05 15.51
C TYR F 353 79.65 -12.71 16.98
N ALA F 354 80.65 -11.86 17.24
CA ALA F 354 80.91 -11.36 18.57
C ALA F 354 81.22 -9.86 18.51
N GLU F 355 80.82 -9.14 19.57
CA GLU F 355 81.06 -7.70 19.60
C GLU F 355 82.52 -7.33 19.86
N THR F 356 83.29 -8.21 20.52
CA THR F 356 84.60 -7.83 21.04
C THR F 356 85.70 -8.59 20.32
N ALA F 357 86.68 -7.84 19.81
CA ALA F 357 87.89 -8.34 19.20
C ALA F 357 89.08 -8.00 20.09
N PRO F 358 90.20 -8.70 19.93
CA PRO F 358 91.40 -8.35 20.71
C PRO F 358 91.86 -6.93 20.41
N GLU F 359 92.47 -6.30 21.42
CA GLU F 359 92.87 -4.91 21.31
C GLU F 359 93.95 -4.73 20.24
N GLY F 360 93.89 -3.59 19.56
CA GLY F 360 94.68 -3.35 18.38
C GLY F 360 94.02 -3.80 17.09
N PHE F 361 93.00 -4.65 17.18
CA PHE F 361 92.25 -5.15 16.03
C PHE F 361 90.81 -4.68 16.17
N ALA F 362 90.40 -3.75 15.31
CA ALA F 362 89.01 -3.30 15.31
C ALA F 362 88.07 -4.43 14.92
N SER F 363 88.48 -5.24 13.94
CA SER F 363 87.76 -6.44 13.55
C SER F 363 88.76 -7.58 13.45
N SER F 364 88.30 -8.80 13.69
CA SER F 364 89.15 -9.97 13.57
C SER F 364 88.28 -11.19 13.30
N GLY F 365 88.93 -12.25 12.81
CA GLY F 365 88.23 -13.45 12.39
C GLY F 365 89.05 -14.69 12.65
N LEU F 366 88.34 -15.78 12.92
CA LEU F 366 88.96 -17.09 13.14
C LEU F 366 88.29 -18.11 12.23
N ALA F 367 89.11 -18.93 11.59
CA ALA F 367 88.64 -20.04 10.78
C ALA F 367 89.07 -21.34 11.44
N LEU F 368 88.11 -22.11 11.93
CA LEU F 368 88.32 -23.42 12.54
C LEU F 368 87.75 -24.46 11.61
N VAL F 369 88.60 -25.16 10.86
CA VAL F 369 88.15 -26.11 9.85
C VAL F 369 88.62 -27.51 10.22
N ASN F 370 87.70 -28.45 10.19
CA ASN F 370 88.06 -29.86 10.13
C ASN F 370 88.26 -30.22 8.67
N HIS F 371 89.44 -30.75 8.34
CA HIS F 371 89.96 -30.80 6.99
C HIS F 371 90.60 -32.16 6.73
N THR F 372 90.68 -32.52 5.45
CA THR F 372 91.37 -33.74 5.05
C THR F 372 92.89 -33.62 5.18
N GLY F 373 93.46 -32.50 4.72
CA GLY F 373 94.91 -32.37 4.63
C GLY F 373 95.65 -32.46 5.94
N ILE F 374 94.95 -32.26 7.06
CA ILE F 374 95.58 -32.41 8.36
C ILE F 374 96.03 -33.85 8.61
N ALA F 375 95.36 -34.83 7.97
CA ALA F 375 95.84 -36.20 8.03
C ALA F 375 97.22 -36.34 7.42
N ALA F 376 97.55 -35.49 6.44
CA ALA F 376 98.92 -35.43 5.94
C ALA F 376 99.90 -35.18 7.07
N VAL F 377 99.57 -34.24 7.95
CA VAL F 377 100.33 -34.05 9.18
C VAL F 377 100.57 -35.39 9.86
N PHE F 378 99.47 -36.12 10.12
CA PHE F 378 99.56 -37.42 10.75
C PHE F 378 100.53 -38.33 10.01
N GLU F 379 100.38 -38.41 8.68
CA GLU F 379 101.15 -39.42 7.96
C GLU F 379 102.64 -39.11 8.00
N ARG F 380 103.02 -37.83 8.15
CA ARG F 380 104.45 -37.55 8.21
C ARG F 380 105.04 -38.17 9.48
N LEU F 381 104.31 -38.10 10.60
CA LEU F 381 104.72 -38.85 11.78
C LEU F 381 104.73 -40.34 11.47
N ILE F 382 103.68 -40.82 10.80
CA ILE F 382 103.63 -42.22 10.38
C ILE F 382 104.81 -42.51 9.46
N ALA F 383 105.21 -41.53 8.65
CA ALA F 383 106.35 -41.72 7.77
C ALA F 383 107.60 -42.06 8.56
N GLN F 384 107.82 -41.39 9.69
CA GLN F 384 108.98 -41.73 10.49
C GLN F 384 108.79 -43.07 11.20
N PHE F 385 107.53 -43.43 11.50
CA PHE F 385 107.25 -44.78 11.96
C PHE F 385 107.57 -45.81 10.90
N ASP F 386 107.57 -45.41 9.63
CA ASP F 386 107.98 -46.34 8.57
C ASP F 386 109.49 -46.52 8.52
N ILE F 387 110.24 -45.72 9.28
CA ILE F 387 111.70 -45.77 9.25
C ILE F 387 112.27 -46.33 10.54
N MET F 388 111.90 -45.76 11.70
CA MET F 388 112.67 -45.99 12.90
C MET F 388 111.99 -46.99 13.84
N PHE F 389 110.69 -47.21 13.69
CA PHE F 389 110.04 -48.33 14.38
C PHE F 389 110.58 -49.67 13.90
N ASP F 390 110.77 -49.82 12.59
CA ASP F 390 111.26 -51.08 12.03
C ASP F 390 112.74 -51.30 12.26
N ASN F 391 113.47 -50.28 12.74
CA ASN F 391 114.90 -50.38 12.97
C ASN F 391 115.24 -50.52 14.45
N HIS F 392 114.23 -50.53 15.33
CA HIS F 392 114.41 -50.68 16.78
C HIS F 392 115.36 -49.62 17.33
N ALA F 393 115.13 -48.37 16.91
CA ALA F 393 116.04 -47.29 17.23
C ALA F 393 115.97 -46.87 18.69
N TYR F 394 114.80 -46.39 19.14
CA TYR F 394 114.64 -45.84 20.48
C TYR F 394 113.56 -46.57 21.26
N THR F 395 113.21 -47.78 20.84
CA THR F 395 112.11 -48.51 21.45
C THR F 395 112.49 -49.18 22.78
N HIS F 396 113.78 -49.42 23.03
CA HIS F 396 114.16 -50.09 24.26
C HIS F 396 113.82 -49.25 25.50
N TRP F 397 113.96 -47.93 25.40
CA TRP F 397 113.46 -47.05 26.45
C TRP F 397 111.96 -47.18 26.65
N TYR F 398 111.23 -47.67 25.65
CA TYR F 398 109.80 -47.88 25.78
C TYR F 398 109.47 -49.23 26.43
N GLU F 399 110.11 -50.33 25.99
CA GLU F 399 109.82 -51.59 26.65
C GLU F 399 110.34 -51.64 28.08
N ASN F 400 111.49 -51.01 28.36
CA ASN F 400 111.99 -50.97 29.73
C ASN F 400 111.15 -50.07 30.63
N ALA F 401 110.24 -49.28 30.06
CA ALA F 401 109.37 -48.39 30.82
C ALA F 401 107.98 -48.96 31.02
N GLY F 402 107.69 -50.15 30.50
CA GLY F 402 106.42 -50.81 30.72
C GLY F 402 105.49 -50.84 29.52
N VAL F 403 105.82 -50.16 28.43
CA VAL F 403 104.98 -50.12 27.23
C VAL F 403 105.67 -50.92 26.13
N SER F 404 105.08 -52.03 25.74
CA SER F 404 105.66 -52.92 24.74
C SER F 404 105.30 -52.46 23.33
N ARG F 405 105.87 -53.14 22.34
CA ARG F 405 105.72 -52.71 20.95
C ARG F 405 104.35 -53.04 20.39
N ASP F 406 103.63 -53.99 21.00
CA ASP F 406 102.35 -54.43 20.45
C ASP F 406 101.32 -53.30 20.49
N MET F 407 101.13 -52.67 21.65
CA MET F 407 100.16 -51.59 21.74
C MET F 407 100.65 -50.34 21.03
N MET F 408 101.97 -50.18 20.88
CA MET F 408 102.49 -49.03 20.14
C MET F 408 102.17 -49.15 18.66
N ALA F 409 102.42 -50.32 18.07
CA ALA F 409 102.01 -50.56 16.69
C ALA F 409 100.49 -50.51 16.56
N LYS F 410 99.77 -50.93 17.60
CA LYS F 410 98.32 -50.79 17.63
C LYS F 410 97.89 -49.34 17.50
N ALA F 411 98.45 -48.46 18.34
CA ALA F 411 98.10 -47.05 18.28
C ALA F 411 98.45 -46.44 16.92
N ARG F 412 99.61 -46.81 16.39
CA ARG F 412 99.96 -46.43 15.02
C ARG F 412 98.90 -46.92 14.04
N ASN F 413 98.34 -48.11 14.27
CA ASN F 413 97.34 -48.65 13.35
C ASN F 413 96.04 -47.84 13.38
N GLN F 414 95.54 -47.46 14.57
CA GLN F 414 94.35 -46.60 14.53
C GLN F 414 94.68 -45.19 14.00
N ILE F 415 95.91 -44.72 14.19
CA ILE F 415 96.27 -43.42 13.63
C ILE F 415 96.25 -43.48 12.11
N ALA F 416 96.79 -44.55 11.52
CA ALA F 416 96.72 -44.74 10.08
C ALA F 416 95.28 -44.93 9.62
N THR F 417 94.44 -45.56 10.48
CA THR F 417 93.02 -45.68 10.17
C THR F 417 92.36 -44.32 10.06
N LEU F 418 92.66 -43.41 10.98
CA LEU F 418 92.11 -42.07 10.89
C LEU F 418 92.65 -41.34 9.67
N ALA F 419 93.93 -41.56 9.34
CA ALA F 419 94.48 -40.96 8.13
C ALA F 419 93.68 -41.40 6.91
N GLN F 420 93.37 -42.69 6.82
CA GLN F 420 92.54 -43.18 5.72
C GLN F 420 91.12 -42.64 5.81
N SER F 421 90.61 -42.41 7.03
CA SER F 421 89.26 -41.86 7.18
C SER F 421 89.17 -40.45 6.60
N TYR F 422 90.15 -39.60 6.89
CA TYR F 422 90.21 -38.31 6.21
C TYR F 422 90.45 -38.47 4.71
N ARG F 423 91.29 -39.43 4.30
CA ARG F 423 91.60 -39.56 2.88
C ARG F 423 90.37 -39.94 2.05
N ASP F 424 89.53 -40.86 2.53
CA ASP F 424 88.32 -41.21 1.82
C ASP F 424 87.13 -40.34 2.22
N ALA F 425 87.29 -39.46 3.21
CA ALA F 425 86.28 -38.46 3.54
C ALA F 425 86.40 -37.22 2.67
N SER F 426 87.29 -37.23 1.68
CA SER F 426 87.48 -36.09 0.79
C SER F 426 86.26 -35.85 -0.10
PG G2P G . -79.70 18.64 -14.37
O1G G2P G . -79.18 19.38 -13.20
O2G G2P G . -78.55 18.16 -15.21
O3G G2P G . -80.49 17.46 -13.90
O3B G2P G . -80.68 19.66 -15.32
PB G2P G . -81.95 20.57 -14.73
O1B G2P G . -83.05 19.65 -14.34
O2B G2P G . -81.51 21.34 -13.51
C3A G2P G . -82.55 21.69 -15.98
PA G2P G . -81.26 22.70 -16.80
O1A G2P G . -81.19 24.04 -16.14
O2A G2P G . -79.94 22.04 -16.68
O5' G2P G . -81.64 22.89 -18.42
C5' G2P G . -80.69 23.48 -19.30
C4' G2P G . -81.38 24.66 -20.04
O4' G2P G . -82.10 25.36 -19.22
C3' G2P G . -80.25 25.65 -20.67
O3' G2P G . -80.58 25.98 -22.05
C2' G2P G . -80.25 26.73 -19.93
O2' G2P G . -79.86 27.92 -20.74
C1' G2P G . -81.72 26.83 -19.48
N9 G2P G . -81.83 27.57 -18.38
C8 G2P G . -81.23 27.32 -17.24
N7 G2P G . -81.57 28.25 -16.37
C5 G2P G . -82.42 29.10 -16.95
C6 G2P G . -83.12 30.28 -16.57
O6 G2P G . -82.96 30.77 -15.22
N1 G2P G . -83.90 30.91 -17.41
C2 G2P G . -84.03 30.46 -18.64
N2 G2P G . -84.88 31.17 -19.56
N3 G2P G . -83.40 29.38 -19.05
C4 G2P G . -82.58 28.69 -18.23
PG G2P H . -41.88 8.97 -5.47
O1G G2P H . -42.36 7.60 -5.32
O2G G2P H . -42.10 9.71 -4.18
O3G G2P H . -40.42 8.99 -5.82
O3B G2P H . -42.77 9.74 -6.72
PB G2P H . -44.19 10.56 -6.39
O1B G2P H . -45.21 9.56 -5.97
O2B G2P H . -43.94 11.54 -5.28
C3A G2P H . -44.76 11.42 -7.85
PA G2P H . -43.51 12.55 -8.55
O1A G2P H . -43.30 13.70 -7.62
O2A G2P H . -42.24 11.84 -8.74
O5' G2P H . -44.05 13.13 -10.04
C5' G2P H . -43.40 12.68 -11.22
C4' G2P H . -43.32 13.90 -12.18
O4' G2P H . -44.12 14.85 -11.79
C3' G2P H . -41.82 14.52 -12.17
O3' G2P H . -41.53 15.01 -13.49
C2' G2P H . -41.86 15.51 -11.33
O2' G2P H . -40.75 16.47 -11.61
C1' G2P H . -43.21 16.12 -11.72
N9 G2P H . -43.68 17.02 -10.85
C8 G2P H . -43.45 17.12 -9.57
N7 G2P H . -44.12 18.18 -9.10
C5 G2P H . -44.79 18.75 -10.11
C6 G2P H . -45.66 19.86 -10.30
O6 G2P H . -46.03 20.72 -9.19
N1 G2P H . -46.14 20.12 -11.50
C2 G2P H . -45.83 19.37 -12.54
N2 G2P H . -46.36 19.67 -13.86
N3 G2P H . -45.03 18.35 -12.40
C4 G2P H . -44.51 18.01 -11.21
PG G2P I . -3.93 -2.73 1.26
O1G G2P I . -3.32 -1.87 2.29
O2G G2P I . -2.85 -3.39 0.45
O3G G2P I . -4.76 -3.78 1.94
O3B G2P I . -4.91 -1.79 0.22
PB G2P I . -6.21 -0.88 0.74
O1B G2P I . -7.31 -1.80 1.11
O2B G2P I . -5.81 -0.08 1.96
C3A G2P I . -6.77 0.22 -0.55
PA G2P I . -5.46 1.16 -1.43
O1A G2P I . -5.41 2.56 -0.89
O2A G2P I . -4.15 0.53 -1.21
O5' G2P I . -5.78 1.21 -3.08
C5' G2P I . -4.85 1.84 -3.95
C4' G2P I . -5.62 2.82 -4.88
O4' G2P I . -6.36 3.62 -4.18
C3' G2P I . -4.58 3.74 -5.73
O3' G2P I . -4.97 3.76 -7.12
C2' G2P I . -4.63 4.95 -5.23
O2' G2P I . -4.43 5.96 -6.31
C1' G2P I . -6.05 5.05 -4.66
N9 G2P I . -6.08 5.89 -3.63
C8 G2P I . -5.41 5.75 -2.52
N7 G2P I . -5.68 6.76 -1.71
C5 G2P I . -6.55 7.56 -2.31
C6 G2P I . -7.22 8.77 -1.97
O6 G2P I . -6.96 9.37 -0.69
N1 G2P I . -8.06 9.33 -2.81
C2 G2P I . -8.30 8.78 -3.99
N2 G2P I . -9.21 9.42 -4.90
N3 G2P I . -7.70 7.66 -4.35
C4 G2P I . -6.83 7.03 -3.52
PG G2P J . 33.82 -12.22 10.93
O1G G2P J . 33.34 -13.60 11.06
O2G G2P J . 33.53 -11.46 12.19
O3G G2P J . 35.30 -12.21 10.67
O3B G2P J . 33.01 -11.48 9.62
PB G2P J . 31.59 -10.63 9.83
O1B G2P J . 30.54 -11.56 10.30
O2B G2P J . 31.82 -9.55 10.85
C3A G2P J . 31.07 -9.89 8.28
PA G2P J . 32.36 -8.87 7.47
O1A G2P J . 32.67 -7.66 8.31
O2A G2P J . 33.59 -9.67 7.30
O5' G2P J . 31.80 -8.40 5.95
C5' G2P J . 32.38 -9.01 4.81
C4' G2P J . 32.42 -7.93 3.69
O4' G2P J . 31.62 -6.96 3.99
C3' G2P J . 33.92 -7.29 3.60
O3' G2P J . 34.19 -6.96 2.21
C2' G2P J . 33.87 -6.20 4.30
O2' G2P J . 34.94 -5.25 3.83
C1' G2P J . 32.49 -5.68 3.90
N9 G2P J . 32.03 -4.71 4.67
C8 G2P J . 32.28 -4.44 5.93
N7 G2P J . 31.59 -3.36 6.28
C5 G2P J . 30.88 -2.93 5.23
C6 G2P J . 29.96 -1.89 4.92
O6 G2P J . 29.56 -0.89 5.90
N1 G2P J . 29.47 -1.81 3.70
C2 G2P J . 29.77 -2.67 2.75
N2 G2P J . 29.20 -2.55 1.44
N3 G2P J . 30.60 -3.64 3.00
C4 G2P J . 31.16 -3.79 4.22
PG G2P K . 71.55 -23.80 18.31
O1G G2P K . 72.03 -22.83 19.31
O2G G2P K . 72.72 -24.44 17.63
O3G G2P K . 70.73 -24.85 18.99
O3B G2P K . 70.60 -22.99 17.13
PB G2P K . 69.31 -22.00 17.51
O1B G2P K . 68.18 -22.84 17.97
O2B G2P K . 69.70 -21.05 18.60
C3A G2P K . 68.78 -21.09 16.06
PA G2P K . 70.11 -20.24 15.12
O1A G2P K . 70.29 -18.85 15.65
O2A G2P K . 71.38 -20.98 15.25
O5' G2P K . 69.68 -20.15 13.49
C5' G2P K . 70.61 -19.58 12.58
C4' G2P K . 69.84 -18.63 11.61
O4' G2P K . 69.12 -17.77 12.27
C3' G2P K . 70.90 -17.79 10.71
O3' G2P K . 70.41 -17.62 9.36
C2' G2P K . 71.01 -16.62 11.30
O2' G2P K . 71.44 -15.57 10.33
C1' G2P K . 69.57 -16.36 11.78
N9 G2P K . 69.56 -15.48 12.78
C8 G2P K . 70.21 -15.62 13.91
N7 G2P K . 69.98 -14.57 14.68
C5 G2P K . 69.16 -13.74 14.03
C6 G2P K . 68.56 -12.49 14.30
O6 G2P K . 68.84 -11.86 15.58
N1 G2P K . 67.77 -11.88 13.44
C2 G2P K . 67.53 -12.48 12.28
N2 G2P K . 66.68 -11.83 11.34
N3 G2P K . 68.06 -13.65 11.97
C4 G2P K . 68.88 -14.30 12.82
PG G2P L . 109.67 -32.78 28.60
O1G G2P L . 109.19 -34.15 28.84
O2G G2P L . 109.35 -31.94 29.80
O3G G2P L . 111.15 -32.77 28.37
O3B G2P L . 108.86 -32.14 27.22
PB G2P L . 107.41 -31.32 27.36
O1B G2P L . 106.38 -32.26 27.86
O2B G2P L . 107.59 -30.19 28.34
C3A G2P L . 106.90 -30.68 25.77
PA G2P L . 108.22 -29.85 24.80
O1A G2P L . 108.68 -28.63 25.52
O2A G2P L . 109.36 -30.79 24.66
O5' G2P L . 107.64 -29.44 23.28
C5' G2P L . 108.11 -30.18 22.15
C4' G2P L . 108.32 -29.16 20.99
O4' G2P L . 107.48 -28.17 21.09
C3' G2P L . 109.82 -28.53 21.05
O3' G2P L . 110.35 -28.42 19.71
C2' G2P L . 109.68 -27.35 21.57
O2' G2P L . 110.79 -26.44 21.13
C1' G2P L . 108.35 -26.90 20.94
N9 G2P L . 107.83 -25.84 21.56
C8 G2P L . 108.02 -25.47 22.80
N7 G2P L . 107.32 -24.37 23.04
C5 G2P L . 106.67 -24.03 21.93
C6 G2P L . 105.78 -23.00 21.52
O6 G2P L . 105.38 -21.96 22.46
N1 G2P L . 105.31 -22.98 20.29
C2 G2P L . 105.65 -23.91 19.41
N2 G2P L . 105.12 -23.88 18.07
N3 G2P L . 106.46 -24.88 19.74
C4 G2P L . 106.98 -24.96 20.99
#